data_8G6D
#
_entry.id   8G6D
#
_cell.length_a   109.555
_cell.length_b   189.103
_cell.length_c   157.096
_cell.angle_alpha   90.000
_cell.angle_beta   100.520
_cell.angle_gamma   90.000
#
_symmetry.space_group_name_H-M   'C 1 2 1'
#
loop_
_entity.id
_entity.type
_entity.pdbx_description
1 polymer 'Virion egress protein UL34'
2 polymer 'Nuclear egress protein 1'
3 non-polymer 'ZINC ION'
4 water water
#
loop_
_entity_poly.entity_id
_entity_poly.type
_entity_poly.pdbx_seq_one_letter_code
_entity_poly.pdbx_strand_id
1 'polypeptide(L)'
;GPLGSPEFPGRPAFEGLVQRIRLIVPSTLRGGDGEAGPYSPSSLPSRCAFQFHGHDGSDESFPIEYVLRLMNDWAEVPCN
PYLRIQNTGVSVLFQGFFHRPHNAPGGAITPERTNVILGSTETTGLSLGDLDTIKGRLGLDARPMMASMWISCFVRMPRV
QLAFRFMGPEDAGRTRRILCRAA
;
A,C,E,G,I,K
2 'polypeptide(L)'
;GPGSQELCLHERQRYRGLFAALAQTPSEEIAIVRSLSVPLVKTTPVSLPFCLDQTVADNCLTLSGMGYYLGIGGCCPACN
AGDGRFAATSREALILAFVQQINTIFEHRAFLASLVVLADRHNAPLQDLLAGILGQPELFFVHTILRGGGACDPRLLFYP
DPTYGGHMLYVIFPGTSAHLHYLLIDRMLTACPGYRFVAHVWQSTFVLVVRRNAEKPTDAEIPTVSAADIYCKMRDISFD
GGLMLEYQRLYATFDEFPPP
;
B,D,F,H,J,L
#
loop_
_chem_comp.id
_chem_comp.type
_chem_comp.name
_chem_comp.formula
ZN non-polymer 'ZINC ION' 'Zn 2'
#
# COMPACT_ATOMS: atom_id res chain seq x y z
N PRO A 12 49.06 -15.57 -26.68
CA PRO A 12 48.96 -15.10 -25.29
C PRO A 12 49.27 -13.61 -25.15
N ALA A 13 48.91 -12.84 -26.17
CA ALA A 13 49.20 -11.41 -26.24
C ALA A 13 47.92 -10.62 -26.09
N PHE A 14 47.75 -9.96 -24.94
CA PHE A 14 46.60 -9.09 -24.75
C PHE A 14 46.63 -7.94 -25.74
N GLU A 15 47.82 -7.38 -25.98
CA GLU A 15 47.92 -6.29 -26.93
C GLU A 15 47.73 -6.81 -28.34
N GLY A 16 48.06 -8.08 -28.59
CA GLY A 16 47.72 -8.68 -29.86
C GLY A 16 46.21 -8.73 -30.07
N LEU A 17 45.47 -9.02 -29.00
CA LEU A 17 44.01 -9.04 -29.07
C LEU A 17 43.47 -7.66 -29.36
N VAL A 18 43.97 -6.65 -28.66
CA VAL A 18 43.47 -5.30 -28.92
C VAL A 18 43.84 -4.86 -30.33
N GLN A 19 45.01 -5.27 -30.83
CA GLN A 19 45.38 -4.97 -32.22
C GLN A 19 44.42 -5.61 -33.20
N ARG A 20 44.08 -6.87 -32.97
CA ARG A 20 43.11 -7.57 -33.81
C ARG A 20 41.77 -6.86 -33.83
N ILE A 21 41.27 -6.49 -32.64
CA ILE A 21 39.99 -5.82 -32.55
C ILE A 21 40.03 -4.48 -33.28
N ARG A 22 41.10 -3.70 -33.07
CA ARG A 22 41.24 -2.42 -33.77
C ARG A 22 41.27 -2.62 -35.28
N LEU A 23 41.96 -3.66 -35.75
CA LEU A 23 42.02 -3.92 -37.19
C LEU A 23 40.63 -4.21 -37.75
N ILE A 24 39.86 -5.04 -37.06
CA ILE A 24 38.56 -5.45 -37.58
C ILE A 24 37.56 -4.32 -37.50
N VAL A 25 37.63 -3.53 -36.43
CA VAL A 25 36.72 -2.39 -36.29
C VAL A 25 37.02 -1.37 -37.37
N PRO A 26 36.03 -0.74 -37.99
CA PRO A 26 36.30 0.22 -39.05
C PRO A 26 37.15 1.39 -38.58
N SER A 27 37.71 2.11 -39.57
CA SER A 27 38.63 3.20 -39.31
C SER A 27 37.92 4.45 -38.81
N THR A 28 36.68 4.69 -39.26
CA THR A 28 35.98 5.92 -38.89
C THR A 28 35.78 6.02 -37.38
N LEU A 29 35.71 4.89 -36.68
CA LEU A 29 35.58 4.89 -35.22
C LEU A 29 36.96 5.11 -34.62
N ARG A 30 37.40 6.37 -34.65
CA ARG A 30 38.70 6.76 -34.11
C ARG A 30 38.84 6.31 -32.67
N GLY A 31 39.86 5.51 -32.41
CA GLY A 31 40.06 5.06 -31.04
C GLY A 31 40.98 3.86 -30.99
N GLY A 32 40.79 3.05 -29.97
CA GLY A 32 41.68 1.93 -29.74
C GLY A 32 42.36 2.03 -28.39
N ASP A 33 42.75 0.86 -27.89
CA ASP A 33 43.47 0.82 -26.60
C ASP A 33 42.50 1.36 -25.57
N GLY A 34 43.03 1.95 -24.49
CA GLY A 34 42.21 2.67 -23.54
C GLY A 34 42.70 2.65 -22.12
N GLU A 35 41.75 2.66 -21.19
CA GLU A 35 42.09 2.64 -19.77
C GLU A 35 42.00 1.23 -19.21
N ALA A 36 42.70 0.29 -19.85
CA ALA A 36 42.73 -1.10 -19.43
C ALA A 36 44.01 -1.38 -18.66
N GLY A 37 43.91 -2.20 -17.63
CA GLY A 37 45.09 -2.58 -16.89
C GLY A 37 45.72 -3.80 -17.53
N PRO A 38 46.94 -4.13 -17.12
CA PRO A 38 47.60 -5.33 -17.66
C PRO A 38 46.79 -6.58 -17.36
N TYR A 39 46.50 -7.36 -18.41
CA TYR A 39 45.65 -8.53 -18.25
C TYR A 39 46.15 -9.69 -19.10
N SER A 40 46.18 -10.86 -18.49
CA SER A 40 46.62 -12.14 -19.05
C SER A 40 45.41 -13.04 -19.30
N PRO A 41 45.52 -14.05 -20.18
CA PRO A 41 44.35 -14.91 -20.46
C PRO A 41 43.71 -15.51 -19.21
N SER A 42 44.48 -15.63 -18.12
CA SER A 42 43.95 -16.13 -16.86
C SER A 42 43.36 -15.03 -16.00
N SER A 43 44.02 -13.87 -15.94
CA SER A 43 43.58 -12.74 -15.12
C SER A 43 42.92 -11.69 -16.02
N LEU A 44 41.61 -11.51 -15.84
CA LEU A 44 40.87 -10.57 -16.66
C LEU A 44 40.53 -9.30 -15.87
N PRO A 45 40.58 -8.14 -16.51
CA PRO A 45 40.36 -6.88 -15.80
C PRO A 45 38.89 -6.49 -15.75
N SER A 46 38.60 -5.52 -14.87
CA SER A 46 37.29 -4.88 -14.79
C SER A 46 37.25 -3.56 -15.55
N ARG A 47 38.29 -3.25 -16.31
CA ARG A 47 38.41 -2.03 -17.08
C ARG A 47 38.21 -2.35 -18.56
N CYS A 48 37.83 -1.33 -19.33
CA CYS A 48 37.60 -1.52 -20.75
C CYS A 48 38.88 -1.98 -21.44
N ALA A 49 38.83 -3.16 -22.07
CA ALA A 49 40.00 -3.68 -22.76
C ALA A 49 40.31 -2.89 -24.02
N PHE A 50 39.28 -2.37 -24.68
CA PHE A 50 39.43 -1.51 -25.83
C PHE A 50 38.44 -0.38 -25.71
N GLN A 51 38.81 0.78 -26.24
CA GLN A 51 37.98 1.97 -26.11
C GLN A 51 37.96 2.71 -27.45
N PHE A 52 36.83 2.66 -28.13
CA PHE A 52 36.66 3.41 -29.37
C PHE A 52 35.71 4.57 -29.13
N HIS A 53 35.78 5.56 -30.01
CA HIS A 53 34.90 6.71 -29.89
C HIS A 53 34.69 7.30 -31.28
N GLY A 54 33.52 7.89 -31.49
CA GLY A 54 33.27 8.44 -32.79
C GLY A 54 32.97 9.92 -32.68
N HIS A 55 32.60 10.57 -33.79
CA HIS A 55 32.31 12.00 -33.71
C HIS A 55 30.89 12.25 -34.21
N ASP A 56 30.49 13.51 -34.36
CA ASP A 56 29.13 13.78 -34.81
C ASP A 56 28.98 13.38 -36.28
N GLY A 57 27.96 12.59 -36.58
CA GLY A 57 27.75 12.11 -37.94
C GLY A 57 28.51 10.84 -38.28
N SER A 58 28.98 10.09 -37.28
CA SER A 58 29.72 8.86 -37.51
C SER A 58 28.74 7.73 -37.83
N ASP A 59 28.35 7.67 -39.11
CA ASP A 59 27.41 6.66 -39.60
C ASP A 59 28.17 5.36 -39.88
N GLU A 60 28.55 4.68 -38.81
CA GLU A 60 29.50 3.58 -38.91
C GLU A 60 28.93 2.29 -38.34
N SER A 61 29.53 1.17 -38.71
CA SER A 61 29.09 -0.15 -38.28
C SER A 61 30.10 -0.75 -37.31
N PHE A 62 29.61 -1.55 -36.38
CA PHE A 62 30.45 -2.18 -35.37
C PHE A 62 30.21 -3.68 -35.39
N PRO A 63 31.23 -4.51 -35.60
CA PRO A 63 31.04 -5.96 -35.52
C PRO A 63 31.10 -6.43 -34.08
N ILE A 64 29.95 -6.40 -33.40
CA ILE A 64 29.93 -6.69 -31.96
C ILE A 64 30.15 -8.18 -31.70
N GLU A 65 29.43 -9.04 -32.41
CA GLU A 65 29.52 -10.47 -32.14
C GLU A 65 30.94 -10.98 -32.36
N TYR A 66 31.59 -10.55 -33.44
CA TYR A 66 32.93 -11.03 -33.72
C TYR A 66 33.89 -10.61 -32.61
N VAL A 67 33.81 -9.33 -32.18
CA VAL A 67 34.72 -8.83 -31.17
C VAL A 67 34.51 -9.57 -29.85
N LEU A 68 33.26 -9.80 -29.47
CA LEU A 68 33.00 -10.51 -28.22
C LEU A 68 33.45 -11.96 -28.30
N ARG A 69 33.22 -12.62 -29.44
CA ARG A 69 33.68 -14.00 -29.60
C ARG A 69 35.20 -14.07 -29.55
N LEU A 70 35.88 -13.07 -30.10
CA LEU A 70 37.34 -13.04 -30.04
C LEU A 70 37.83 -12.84 -28.60
N MET A 71 37.16 -11.96 -27.85
CA MET A 71 37.51 -11.79 -26.44
C MET A 71 37.33 -13.09 -25.67
N ASN A 72 36.22 -13.79 -25.91
CA ASN A 72 36.00 -15.08 -25.25
C ASN A 72 37.06 -16.09 -25.68
N ASP A 73 37.49 -16.03 -26.94
CA ASP A 73 38.51 -16.93 -27.46
C ASP A 73 39.83 -16.74 -26.72
N TRP A 74 40.30 -15.49 -26.66
CA TRP A 74 41.64 -15.21 -26.10
C TRP A 74 41.75 -15.64 -24.65
N ALA A 75 40.70 -15.44 -23.87
CA ALA A 75 40.74 -15.78 -22.45
C ALA A 75 40.58 -17.29 -22.26
N GLU A 76 41.38 -17.84 -21.37
CA GLU A 76 41.32 -19.25 -21.02
C GLU A 76 40.63 -19.49 -19.68
N VAL A 77 39.89 -18.49 -19.20
CA VAL A 77 39.12 -18.58 -17.96
C VAL A 77 37.67 -18.30 -18.32
N PRO A 78 36.69 -18.99 -17.73
CA PRO A 78 35.29 -18.71 -18.04
C PRO A 78 34.96 -17.23 -17.83
N CYS A 79 34.23 -16.66 -18.78
CA CYS A 79 33.92 -15.24 -18.76
C CYS A 79 32.71 -15.00 -19.67
N ASN A 80 32.26 -13.75 -19.69
CA ASN A 80 31.14 -13.32 -20.53
C ASN A 80 31.47 -11.96 -21.11
N PRO A 81 32.11 -11.92 -22.28
CA PRO A 81 32.47 -10.63 -22.90
C PRO A 81 31.26 -9.72 -23.05
N TYR A 82 31.51 -8.42 -22.98
CA TYR A 82 30.45 -7.44 -22.90
C TYR A 82 30.91 -6.15 -23.59
N LEU A 83 30.00 -5.53 -24.33
CA LEU A 83 30.24 -4.25 -24.97
C LEU A 83 29.27 -3.20 -24.40
N ARG A 84 29.76 -1.97 -24.28
CA ARG A 84 28.98 -0.87 -23.75
C ARG A 84 29.08 0.32 -24.69
N ILE A 85 27.93 0.92 -25.00
CA ILE A 85 27.86 2.07 -25.91
C ILE A 85 27.20 3.21 -25.16
N GLN A 86 27.87 4.36 -25.10
CA GLN A 86 27.30 5.48 -24.38
C GLN A 86 27.43 6.75 -25.21
N ASN A 87 26.31 7.44 -25.39
CA ASN A 87 26.30 8.78 -25.96
C ASN A 87 26.84 9.69 -24.86
N THR A 88 28.15 9.85 -24.80
CA THR A 88 28.78 10.70 -23.80
C THR A 88 28.47 12.18 -23.97
N GLY A 89 27.55 12.59 -24.86
CA GLY A 89 27.19 13.98 -25.04
C GLY A 89 27.84 14.67 -26.21
N VAL A 90 29.04 14.23 -26.60
CA VAL A 90 29.75 14.89 -27.69
C VAL A 90 30.34 13.84 -28.62
N SER A 91 30.23 12.57 -28.22
CA SER A 91 30.81 11.49 -29.00
C SER A 91 30.32 10.16 -28.46
N VAL A 92 30.02 9.23 -29.36
CA VAL A 92 29.63 7.90 -28.92
C VAL A 92 30.88 7.17 -28.46
N LEU A 93 30.77 6.44 -27.35
CA LEU A 93 31.92 5.79 -26.77
C LEU A 93 31.60 4.31 -26.62
N PHE A 94 32.40 3.48 -27.28
CA PHE A 94 32.31 2.02 -27.18
C PHE A 94 33.42 1.54 -26.25
N GLN A 95 33.04 0.72 -25.27
CA GLN A 95 33.98 0.14 -24.31
C GLN A 95 33.78 -1.37 -24.28
N GLY A 96 34.88 -2.10 -24.19
CA GLY A 96 34.82 -3.55 -24.18
C GLY A 96 35.32 -4.16 -22.89
N PHE A 97 34.39 -4.68 -22.09
CA PHE A 97 34.71 -5.30 -20.81
C PHE A 97 34.67 -6.82 -20.96
N PHE A 98 35.58 -7.50 -20.26
CA PHE A 98 35.57 -8.96 -20.29
C PHE A 98 34.42 -9.55 -19.49
N HIS A 99 33.89 -8.79 -18.53
CA HIS A 99 32.73 -9.18 -17.74
C HIS A 99 31.81 -7.98 -17.61
N ARG A 100 30.53 -8.25 -17.45
CA ARG A 100 29.52 -7.20 -17.39
C ARG A 100 29.93 -6.15 -16.36
N PRO A 101 29.94 -4.87 -16.72
CA PRO A 101 30.23 -3.83 -15.72
C PRO A 101 29.11 -3.76 -14.69
N HIS A 102 29.49 -3.64 -13.42
CA HIS A 102 28.43 -3.60 -12.43
C HIS A 102 27.66 -2.28 -12.43
N ASN A 103 27.87 -1.45 -13.45
CA ASN A 103 27.02 -0.29 -13.67
C ASN A 103 25.73 -0.71 -14.35
N ALA A 104 25.66 -1.96 -14.76
CA ALA A 104 24.57 -2.69 -15.40
C ALA A 104 23.88 -1.93 -16.52
N PRO A 105 24.53 -1.69 -17.66
CA PRO A 105 23.78 -1.14 -18.80
C PRO A 105 22.72 -2.14 -19.23
N GLY A 106 21.46 -1.79 -19.02
CA GLY A 106 20.37 -2.72 -19.31
C GLY A 106 20.28 -3.09 -20.78
N GLY A 107 20.25 -4.40 -21.04
CA GLY A 107 20.05 -4.98 -22.36
C GLY A 107 18.79 -4.48 -23.03
N ALA A 108 18.93 -3.88 -24.21
CA ALA A 108 17.80 -3.35 -24.96
C ALA A 108 17.80 -3.86 -26.40
N ILE A 109 18.39 -5.03 -26.62
CA ILE A 109 18.43 -5.64 -27.94
C ILE A 109 17.46 -6.83 -28.02
N THR A 110 16.45 -6.85 -27.15
CA THR A 110 15.40 -7.85 -27.13
C THR A 110 14.78 -7.99 -28.53
N PRO A 111 14.36 -9.19 -28.93
CA PRO A 111 13.83 -9.39 -30.28
C PRO A 111 12.80 -8.33 -30.66
N GLU A 112 12.80 -7.94 -31.94
CA GLU A 112 11.92 -6.91 -32.49
C GLU A 112 12.18 -5.52 -31.91
N ARG A 113 13.31 -5.31 -31.24
CA ARG A 113 13.69 -4.02 -30.69
C ARG A 113 15.11 -3.67 -31.12
N THR A 114 15.37 -3.83 -32.43
CA THR A 114 16.69 -3.54 -32.97
C THR A 114 17.06 -2.07 -32.82
N ASN A 115 16.09 -1.17 -33.01
CA ASN A 115 16.38 0.25 -32.93
C ASN A 115 16.45 0.73 -31.48
N VAL A 116 17.41 1.60 -31.21
CA VAL A 116 17.53 2.21 -29.89
C VAL A 116 18.15 3.59 -30.07
N ILE A 117 17.70 4.56 -29.27
CA ILE A 117 18.28 5.89 -29.30
C ILE A 117 18.84 6.20 -27.92
N LEU A 118 19.92 6.98 -27.90
CA LEU A 118 20.56 7.37 -26.64
C LEU A 118 20.84 8.85 -26.69
N GLY A 119 20.21 9.61 -25.81
CA GLY A 119 20.46 11.03 -25.69
C GLY A 119 21.72 11.28 -24.88
N SER A 120 21.88 12.54 -24.48
CA SER A 120 23.04 12.93 -23.68
C SER A 120 23.03 12.17 -22.37
N THR A 121 24.20 11.68 -21.97
CA THR A 121 24.49 10.98 -20.72
C THR A 121 23.86 9.58 -20.71
N GLU A 122 23.23 9.14 -21.79
CA GLU A 122 22.58 7.84 -21.78
C GLU A 122 23.56 6.73 -22.21
N THR A 123 23.27 5.51 -21.78
CA THR A 123 24.15 4.37 -22.01
C THR A 123 23.34 3.12 -22.26
N THR A 124 23.98 2.13 -22.89
CA THR A 124 23.39 0.82 -23.11
C THR A 124 24.53 -0.18 -23.30
N GLY A 125 24.18 -1.45 -23.49
CA GLY A 125 25.21 -2.45 -23.69
C GLY A 125 24.62 -3.80 -24.02
N LEU A 126 25.51 -4.77 -24.21
CA LEU A 126 25.12 -6.13 -24.56
C LEU A 126 26.25 -7.10 -24.25
N SER A 127 25.90 -8.27 -23.72
CA SER A 127 26.84 -9.35 -23.48
C SER A 127 26.75 -10.40 -24.60
N LEU A 128 27.77 -11.25 -24.68
CA LEU A 128 27.78 -12.29 -25.71
C LEU A 128 26.69 -13.32 -25.45
N GLY A 129 26.41 -13.62 -24.18
CA GLY A 129 25.34 -14.55 -23.88
C GLY A 129 24.00 -14.08 -24.37
N ASP A 130 23.68 -12.80 -24.12
CA ASP A 130 22.43 -12.23 -24.61
C ASP A 130 22.40 -12.23 -26.15
N LEU A 131 23.54 -11.95 -26.79
CA LEU A 131 23.58 -11.98 -28.25
C LEU A 131 23.26 -13.37 -28.77
N ASP A 132 23.88 -14.40 -28.18
CA ASP A 132 23.59 -15.77 -28.58
C ASP A 132 22.14 -16.12 -28.32
N THR A 133 21.58 -15.61 -27.23
CA THR A 133 20.17 -15.84 -26.93
C THR A 133 19.27 -15.23 -27.99
N ILE A 134 19.59 -14.01 -28.43
CA ILE A 134 18.79 -13.37 -29.47
C ILE A 134 18.91 -14.13 -30.78
N LYS A 135 20.13 -14.59 -31.11
CA LYS A 135 20.31 -15.38 -32.31
C LYS A 135 19.51 -16.68 -32.26
N GLY A 136 19.51 -17.35 -31.10
CA GLY A 136 18.74 -18.57 -30.96
C GLY A 136 17.24 -18.33 -31.04
N ARG A 137 16.76 -17.27 -30.39
CA ARG A 137 15.35 -16.92 -30.48
C ARG A 137 14.96 -16.65 -31.93
N LEU A 138 15.79 -15.91 -32.66
CA LEU A 138 15.55 -15.66 -34.07
C LEU A 138 15.70 -16.92 -34.92
N GLY A 139 16.24 -17.99 -34.35
CA GLY A 139 16.39 -19.23 -35.08
C GLY A 139 17.40 -19.21 -36.21
N LEU A 140 18.28 -18.20 -36.23
CA LEU A 140 19.27 -18.11 -37.29
C LEU A 140 20.29 -19.22 -37.17
N ASP A 141 21.03 -19.46 -38.26
CA ASP A 141 22.01 -20.52 -38.30
C ASP A 141 23.15 -20.23 -37.33
N ALA A 142 23.42 -21.17 -36.43
CA ALA A 142 24.46 -21.04 -35.43
C ALA A 142 25.83 -21.48 -35.91
N ARG A 143 25.93 -21.94 -37.17
CA ARG A 143 27.23 -22.32 -37.72
C ARG A 143 28.19 -21.14 -37.69
N PRO A 144 29.50 -21.40 -37.64
CA PRO A 144 30.47 -20.30 -37.54
C PRO A 144 30.38 -19.31 -38.70
N MET A 145 30.32 -18.02 -38.36
CA MET A 145 30.36 -16.92 -39.30
C MET A 145 29.21 -16.93 -40.29
N MET A 146 28.09 -17.56 -39.92
CA MET A 146 26.90 -17.56 -40.76
C MET A 146 25.87 -16.53 -40.30
N ALA A 147 26.07 -15.90 -39.15
CA ALA A 147 25.17 -14.87 -38.66
C ALA A 147 25.88 -14.10 -37.56
N SER A 148 26.34 -12.89 -37.87
CA SER A 148 27.04 -12.04 -36.92
C SER A 148 26.26 -10.73 -36.76
N MET A 149 26.09 -10.30 -35.52
CA MET A 149 25.37 -9.06 -35.29
C MET A 149 26.27 -7.86 -35.53
N TRP A 150 25.67 -6.78 -36.04
CA TRP A 150 26.38 -5.53 -36.32
C TRP A 150 25.55 -4.36 -35.80
N ILE A 151 26.23 -3.43 -35.15
CA ILE A 151 25.61 -2.22 -34.60
C ILE A 151 25.87 -1.08 -35.56
N SER A 152 24.84 -0.67 -36.28
CA SER A 152 24.93 0.52 -37.14
C SER A 152 24.57 1.74 -36.31
N CYS A 153 25.53 2.64 -36.14
CA CYS A 153 25.40 3.81 -35.29
C CYS A 153 25.42 5.06 -36.16
N PHE A 154 24.44 5.93 -35.95
CA PHE A 154 24.36 7.25 -36.57
C PHE A 154 24.34 8.27 -35.44
N VAL A 155 25.38 9.08 -35.33
CA VAL A 155 25.52 10.03 -34.24
C VAL A 155 25.00 11.37 -34.75
N ARG A 156 23.76 11.72 -34.44
CA ARG A 156 23.24 13.04 -34.75
C ARG A 156 22.94 13.65 -33.39
N MET A 157 23.90 14.38 -32.84
CA MET A 157 23.75 14.86 -31.47
C MET A 157 22.63 15.88 -31.39
N PRO A 158 21.83 15.87 -30.32
CA PRO A 158 22.08 15.27 -29.00
C PRO A 158 21.96 13.73 -28.94
N ARG A 159 21.54 13.08 -30.01
CA ARG A 159 21.22 11.66 -29.97
C ARG A 159 22.25 10.81 -30.73
N VAL A 160 22.30 9.55 -30.33
CA VAL A 160 23.06 8.50 -31.02
C VAL A 160 22.07 7.37 -31.28
N GLN A 161 21.90 7.01 -32.55
CA GLN A 161 20.88 6.06 -32.97
C GLN A 161 21.55 4.77 -33.41
N LEU A 162 21.27 3.68 -32.69
CA LEU A 162 21.87 2.39 -32.95
C LEU A 162 20.83 1.42 -33.49
N ALA A 163 21.29 0.54 -34.39
CA ALA A 163 20.46 -0.53 -34.94
C ALA A 163 21.28 -1.81 -34.90
N PHE A 164 20.79 -2.81 -34.16
CA PHE A 164 21.49 -4.07 -33.98
C PHE A 164 20.91 -5.07 -34.97
N ARG A 165 21.53 -5.18 -36.14
CA ARG A 165 21.03 -5.99 -37.24
C ARG A 165 21.94 -7.20 -37.46
N PHE A 166 21.33 -8.35 -37.66
CA PHE A 166 22.07 -9.60 -37.87
C PHE A 166 22.45 -9.69 -39.35
N MET A 167 23.74 -9.61 -39.63
CA MET A 167 24.26 -9.70 -40.99
C MET A 167 24.74 -11.13 -41.23
N GLY A 168 24.69 -11.55 -42.49
CA GLY A 168 25.07 -12.90 -42.84
C GLY A 168 26.26 -12.89 -43.77
N PRO A 169 26.75 -14.06 -44.14
CA PRO A 169 27.85 -14.13 -45.10
C PRO A 169 27.37 -13.85 -46.51
N GLU A 170 28.33 -13.54 -47.37
CA GLU A 170 28.07 -13.32 -48.79
C GLU A 170 28.55 -14.47 -49.66
N ASP A 171 29.25 -15.45 -49.09
CA ASP A 171 29.74 -16.60 -49.82
C ASP A 171 29.48 -17.86 -48.99
N ALA A 172 29.34 -18.98 -49.68
CA ALA A 172 29.13 -20.27 -49.02
C ALA A 172 30.40 -21.09 -48.90
N GLY A 173 31.51 -20.64 -49.46
CA GLY A 173 32.75 -21.41 -49.38
C GLY A 173 33.57 -21.09 -48.15
N ARG A 174 33.85 -22.11 -47.35
CA ARG A 174 34.61 -21.98 -46.12
C ARG A 174 35.36 -23.29 -45.89
N THR A 175 35.77 -23.54 -44.64
CA THR A 175 36.34 -24.84 -44.28
C THR A 175 35.22 -25.83 -44.01
N ARG A 176 35.35 -27.03 -44.59
CA ARG A 176 34.36 -28.09 -44.44
C ARG A 176 32.96 -27.64 -44.89
N CYS B 8 28.39 -22.05 -23.26
CA CYS B 8 29.23 -20.94 -23.69
C CYS B 8 30.64 -21.43 -24.06
N LEU B 9 31.10 -22.45 -23.33
CA LEU B 9 32.41 -23.03 -23.62
C LEU B 9 32.38 -23.80 -24.93
N HIS B 10 31.31 -24.56 -25.18
CA HIS B 10 31.21 -25.35 -26.40
C HIS B 10 31.20 -24.45 -27.64
N GLU B 11 30.54 -23.30 -27.54
CA GLU B 11 30.60 -22.34 -28.64
C GLU B 11 32.03 -21.85 -28.86
N ARG B 12 32.70 -21.46 -27.76
CA ARG B 12 34.06 -20.98 -27.85
C ARG B 12 35.01 -22.03 -28.39
N GLN B 13 34.60 -23.30 -28.38
CA GLN B 13 35.47 -24.35 -28.90
C GLN B 13 35.62 -24.21 -30.42
N ARG B 14 34.55 -24.44 -31.16
CA ARG B 14 34.64 -24.36 -32.61
C ARG B 14 34.87 -22.93 -33.09
N TYR B 15 34.39 -21.92 -32.34
CA TYR B 15 34.72 -20.56 -32.73
C TYR B 15 36.22 -20.30 -32.57
N ARG B 16 36.84 -20.89 -31.53
CA ARG B 16 38.28 -20.76 -31.35
C ARG B 16 39.03 -21.47 -32.45
N GLY B 17 38.54 -22.65 -32.85
CA GLY B 17 39.16 -23.36 -33.94
C GLY B 17 39.21 -22.51 -35.20
N LEU B 18 38.09 -21.88 -35.53
CA LEU B 18 38.07 -20.99 -36.70
C LEU B 18 38.96 -19.77 -36.48
N PHE B 19 38.92 -19.19 -35.28
CA PHE B 19 39.69 -17.98 -34.98
C PHE B 19 41.19 -18.21 -35.11
N ALA B 20 41.66 -19.40 -34.73
CA ALA B 20 43.08 -19.69 -34.85
C ALA B 20 43.53 -19.65 -36.31
N ALA B 21 42.77 -20.31 -37.19
CA ALA B 21 43.07 -20.26 -38.61
C ALA B 21 42.97 -18.84 -39.16
N LEU B 22 42.05 -18.03 -38.62
CA LEU B 22 41.91 -16.66 -39.11
C LEU B 22 43.05 -15.76 -38.64
N ALA B 23 43.58 -15.99 -37.45
CA ALA B 23 44.68 -15.17 -36.92
C ALA B 23 45.91 -15.26 -37.81
N GLN B 24 46.15 -16.41 -38.43
CA GLN B 24 47.35 -16.59 -39.26
C GLN B 24 47.31 -15.73 -40.52
N THR B 25 46.12 -15.38 -41.00
CA THR B 25 45.96 -14.60 -42.23
C THR B 25 45.03 -13.43 -41.95
N PRO B 26 45.57 -12.30 -41.49
CA PRO B 26 44.70 -11.14 -41.20
C PRO B 26 43.99 -10.61 -42.44
N SER B 27 44.58 -10.74 -43.62
CA SER B 27 43.93 -10.28 -44.85
C SER B 27 42.59 -10.97 -45.05
N GLU B 28 42.59 -12.31 -45.00
CA GLU B 28 41.34 -13.05 -45.13
C GLU B 28 40.38 -12.73 -43.99
N GLU B 29 40.90 -12.42 -42.81
CA GLU B 29 40.03 -12.05 -41.69
C GLU B 29 39.28 -10.77 -41.99
N ILE B 30 40.00 -9.74 -42.45
CA ILE B 30 39.35 -8.49 -42.84
C ILE B 30 38.37 -8.73 -43.97
N ALA B 31 38.74 -9.58 -44.94
CA ALA B 31 37.85 -9.87 -46.06
C ALA B 31 36.54 -10.49 -45.56
N ILE B 32 36.64 -11.48 -44.68
CA ILE B 32 35.44 -12.14 -44.16
C ILE B 32 34.58 -11.15 -43.37
N VAL B 33 35.19 -10.40 -42.46
CA VAL B 33 34.39 -9.48 -41.64
C VAL B 33 33.72 -8.43 -42.50
N ARG B 34 34.40 -7.92 -43.53
CA ARG B 34 33.78 -6.95 -44.42
C ARG B 34 32.76 -7.59 -45.34
N SER B 35 32.86 -8.90 -45.58
CA SER B 35 31.89 -9.62 -46.40
C SER B 35 30.61 -9.94 -45.65
N LEU B 36 30.57 -9.68 -44.35
CA LEU B 36 29.38 -9.97 -43.54
C LEU B 36 28.51 -8.70 -43.47
N SER B 37 27.97 -8.33 -44.64
CA SER B 37 27.15 -7.14 -44.77
C SER B 37 25.90 -7.42 -45.59
N VAL B 38 25.16 -8.45 -45.21
CA VAL B 38 23.86 -8.74 -45.82
C VAL B 38 22.87 -9.02 -44.69
N PRO B 39 22.02 -8.07 -44.34
CA PRO B 39 21.10 -8.26 -43.20
C PRO B 39 20.17 -9.45 -43.43
N LEU B 40 20.17 -10.37 -42.46
CA LEU B 40 19.27 -11.51 -42.50
C LEU B 40 17.89 -11.18 -41.93
N VAL B 41 17.75 -10.06 -41.23
CA VAL B 41 16.48 -9.62 -40.67
C VAL B 41 16.22 -8.25 -41.27
N LYS B 42 15.36 -8.19 -42.30
CA LYS B 42 15.08 -6.94 -42.99
C LYS B 42 13.88 -6.19 -42.41
N THR B 43 12.80 -6.90 -42.09
CA THR B 43 11.60 -6.26 -41.56
C THR B 43 11.51 -6.49 -40.06
N THR B 44 11.26 -5.40 -39.33
CA THR B 44 11.08 -5.41 -37.89
C THR B 44 9.66 -5.02 -37.55
N PRO B 45 8.96 -5.81 -36.74
CA PRO B 45 7.56 -5.51 -36.42
C PRO B 45 7.43 -4.28 -35.54
N VAL B 46 6.45 -3.43 -35.90
CA VAL B 46 6.12 -2.25 -35.13
C VAL B 46 4.64 -2.28 -34.77
N SER B 47 4.28 -1.51 -33.74
CA SER B 47 2.92 -1.42 -33.24
C SER B 47 2.58 0.04 -32.96
N LEU B 48 1.51 0.54 -33.58
CA LEU B 48 1.09 1.91 -33.41
C LEU B 48 0.39 2.12 -32.06
N PRO B 49 0.48 3.33 -31.49
CA PRO B 49 1.16 4.55 -31.98
C PRO B 49 2.68 4.39 -32.00
N PHE B 50 3.34 4.91 -33.04
CA PHE B 50 4.79 4.80 -33.17
C PHE B 50 5.39 6.16 -33.48
N CYS B 51 6.34 6.59 -32.65
CA CYS B 51 7.04 7.85 -32.84
C CYS B 51 8.26 7.63 -33.72
N LEU B 52 8.45 8.54 -34.68
CA LEU B 52 9.58 8.41 -35.60
C LEU B 52 10.92 8.71 -34.96
N ASP B 53 10.94 9.19 -33.72
CA ASP B 53 12.21 9.49 -33.07
C ASP B 53 13.09 8.25 -32.93
N GLN B 54 12.48 7.09 -32.77
CA GLN B 54 13.21 5.83 -32.67
C GLN B 54 13.56 5.24 -34.04
N THR B 55 13.28 5.94 -35.14
CA THR B 55 13.66 5.46 -36.46
C THR B 55 15.08 5.91 -36.74
N VAL B 56 16.01 4.97 -36.72
CA VAL B 56 17.38 5.28 -37.13
C VAL B 56 17.39 5.60 -38.61
N ALA B 57 18.42 6.34 -39.03
CA ALA B 57 18.66 6.51 -40.45
C ALA B 57 18.82 5.13 -41.10
N ASP B 58 18.64 5.08 -42.41
CA ASP B 58 18.67 3.81 -43.16
C ASP B 58 17.58 2.88 -42.66
N ASN B 59 16.40 3.45 -42.36
CA ASN B 59 15.24 2.66 -41.97
C ASN B 59 13.99 3.38 -42.46
N CYS B 60 13.09 2.64 -43.11
CA CYS B 60 11.85 3.15 -43.66
C CYS B 60 10.66 2.55 -42.93
N LEU B 61 9.53 3.27 -42.95
CA LEU B 61 8.33 2.86 -42.23
C LEU B 61 7.24 2.54 -43.25
N THR B 62 6.76 1.30 -43.22
CA THR B 62 5.69 0.80 -44.09
C THR B 62 4.47 0.45 -43.23
N LEU B 63 3.54 1.40 -43.14
CA LEU B 63 2.27 1.22 -42.46
C LEU B 63 1.24 0.79 -43.51
N SER B 64 0.74 -0.44 -43.42
CA SER B 64 -0.26 -0.88 -44.39
C SER B 64 -1.04 -2.07 -43.84
N GLY B 65 -2.07 -2.48 -44.60
CA GLY B 65 -2.78 -3.71 -44.29
C GLY B 65 -1.85 -4.91 -44.32
N MET B 66 -0.78 -4.84 -45.11
CA MET B 66 0.23 -5.89 -45.14
C MET B 66 1.10 -5.89 -43.89
N GLY B 67 0.85 -4.99 -42.95
CA GLY B 67 1.57 -4.98 -41.69
C GLY B 67 2.06 -3.61 -41.26
N TYR B 68 2.44 -3.51 -40.00
CA TYR B 68 3.14 -2.33 -39.49
C TYR B 68 4.60 -2.74 -39.36
N TYR B 69 5.44 -2.33 -40.30
CA TYR B 69 6.81 -2.81 -40.22
C TYR B 69 7.82 -1.76 -40.66
N LEU B 70 8.99 -1.80 -40.01
CA LEU B 70 10.13 -1.00 -40.42
C LEU B 70 11.06 -1.88 -41.23
N GLY B 71 11.75 -1.26 -42.19
CA GLY B 71 12.64 -1.99 -43.07
C GLY B 71 13.96 -1.27 -43.20
N ILE B 72 15.03 -2.06 -43.34
CA ILE B 72 16.34 -1.49 -43.55
C ILE B 72 16.32 -0.67 -44.84
N GLY B 73 16.66 0.62 -44.71
CA GLY B 73 16.55 1.52 -45.84
C GLY B 73 17.43 1.15 -47.03
N GLY B 74 18.57 0.52 -46.78
CA GLY B 74 19.48 0.21 -47.87
C GLY B 74 19.10 -1.01 -48.69
N CYS B 75 18.31 -1.91 -48.11
CA CYS B 75 17.95 -3.15 -48.78
C CYS B 75 16.49 -3.22 -49.18
N CYS B 76 15.62 -2.45 -48.52
CA CYS B 76 14.22 -2.40 -48.89
C CYS B 76 14.10 -2.14 -50.39
N PRO B 77 13.36 -2.97 -51.12
CA PRO B 77 13.32 -2.85 -52.59
C PRO B 77 12.91 -1.48 -53.08
N ALA B 78 11.72 -1.04 -52.66
CA ALA B 78 11.19 0.23 -53.14
C ALA B 78 12.05 1.42 -52.76
N CYS B 79 12.74 1.37 -51.61
CA CYS B 79 13.53 2.52 -51.18
C CYS B 79 14.71 2.79 -52.10
N ASN B 80 15.55 1.78 -52.35
CA ASN B 80 16.69 2.01 -53.23
C ASN B 80 16.26 2.22 -54.67
N ALA B 81 15.19 1.55 -55.10
CA ALA B 81 14.63 1.70 -56.44
C ALA B 81 13.52 2.74 -56.51
N GLY B 82 13.34 3.56 -55.48
CA GLY B 82 12.34 4.60 -55.47
C GLY B 82 12.85 5.92 -56.01
N ASP B 83 11.98 6.93 -55.91
CA ASP B 83 12.31 8.28 -56.34
C ASP B 83 13.10 8.99 -55.23
N GLY B 84 14.31 8.48 -55.01
CA GLY B 84 15.21 9.03 -54.01
C GLY B 84 16.33 9.84 -54.64
N ARG B 85 17.20 10.34 -53.76
CA ARG B 85 18.37 11.13 -54.17
C ARG B 85 17.97 12.40 -54.89
N PHE B 86 16.75 12.87 -54.61
CA PHE B 86 16.21 14.09 -55.19
C PHE B 86 16.90 15.31 -54.57
N ALA B 87 18.16 15.52 -54.94
CA ALA B 87 19.02 16.54 -54.31
C ALA B 87 19.08 16.35 -52.81
N ALA B 88 18.98 15.10 -52.36
CA ALA B 88 18.83 14.74 -50.94
C ALA B 88 17.66 15.57 -50.40
N THR B 89 17.80 16.21 -49.24
CA THR B 89 16.86 17.25 -48.82
C THR B 89 17.69 18.24 -48.01
N SER B 90 17.93 19.40 -48.60
CA SER B 90 18.77 20.42 -47.99
C SER B 90 17.95 21.29 -47.06
N ARG B 91 18.34 21.32 -45.78
CA ARG B 91 17.68 22.21 -44.83
C ARG B 91 17.70 23.64 -45.37
N GLU B 92 18.83 24.02 -45.98
CA GLU B 92 18.95 25.32 -46.62
C GLU B 92 17.92 25.47 -47.73
N ALA B 93 17.76 24.44 -48.57
CA ALA B 93 16.78 24.50 -49.63
C ALA B 93 15.36 24.57 -49.09
N LEU B 94 15.09 23.90 -47.96
CA LEU B 94 13.78 24.03 -47.33
C LEU B 94 13.52 25.46 -46.88
N ILE B 95 14.54 26.11 -46.31
CA ILE B 95 14.38 27.51 -45.92
C ILE B 95 14.16 28.38 -47.16
N LEU B 96 14.91 28.12 -48.23
CA LEU B 96 14.74 28.87 -49.47
C LEU B 96 13.33 28.73 -50.03
N ALA B 97 12.79 27.51 -50.04
CA ALA B 97 11.43 27.31 -50.52
C ALA B 97 10.44 28.05 -49.63
N PHE B 98 10.67 28.02 -48.32
CA PHE B 98 9.80 28.76 -47.40
C PHE B 98 9.82 30.25 -47.72
N VAL B 99 10.98 30.79 -48.09
CA VAL B 99 11.02 32.23 -48.36
C VAL B 99 10.35 32.55 -49.69
N GLN B 100 10.59 31.71 -50.70
CA GLN B 100 10.09 31.99 -52.05
C GLN B 100 8.69 31.48 -52.31
N GLN B 101 8.01 30.91 -51.30
CA GLN B 101 6.62 30.48 -51.46
C GLN B 101 5.75 31.51 -52.18
N ILE B 102 6.06 32.81 -52.05
CA ILE B 102 5.22 33.85 -52.63
C ILE B 102 5.17 33.71 -54.15
N ASN B 103 6.27 33.25 -54.76
CA ASN B 103 6.33 33.11 -56.22
C ASN B 103 5.91 31.73 -56.70
N THR B 104 5.77 30.76 -55.79
CA THR B 104 5.36 29.41 -56.13
C THR B 104 4.06 29.04 -55.42
N ILE B 105 3.14 30.00 -55.36
CA ILE B 105 1.86 29.80 -54.68
C ILE B 105 1.10 28.61 -55.25
N PHE B 106 1.29 28.29 -56.53
CA PHE B 106 0.59 27.14 -57.10
C PHE B 106 1.08 25.85 -56.45
N GLU B 107 2.38 25.77 -56.15
CA GLU B 107 2.86 24.66 -55.36
C GLU B 107 2.39 24.85 -53.91
N HIS B 108 2.57 23.80 -53.11
CA HIS B 108 2.09 23.79 -51.74
C HIS B 108 0.62 24.20 -51.68
N ARG B 109 -0.16 23.69 -52.64
CA ARG B 109 -1.56 24.06 -52.75
C ARG B 109 -2.37 23.47 -51.60
N ALA B 110 -2.05 22.23 -51.22
CA ALA B 110 -2.76 21.55 -50.14
C ALA B 110 -2.65 22.33 -48.84
N PHE B 111 -1.47 22.86 -48.54
CA PHE B 111 -1.24 23.65 -47.35
C PHE B 111 -2.22 24.83 -47.28
N LEU B 112 -2.24 25.65 -48.32
CA LEU B 112 -3.07 26.86 -48.30
C LEU B 112 -4.55 26.51 -48.34
N ALA B 113 -4.92 25.45 -49.06
CA ALA B 113 -6.32 25.04 -49.14
C ALA B 113 -6.81 24.55 -47.78
N SER B 114 -6.00 23.76 -47.09
CA SER B 114 -6.35 23.33 -45.73
C SER B 114 -6.47 24.52 -44.80
N LEU B 115 -5.58 25.51 -44.93
CA LEU B 115 -5.68 26.70 -44.08
C LEU B 115 -6.98 27.45 -44.34
N VAL B 116 -7.36 27.59 -45.61
CA VAL B 116 -8.61 28.28 -45.95
C VAL B 116 -9.80 27.51 -45.39
N VAL B 117 -9.78 26.18 -45.53
CA VAL B 117 -10.88 25.37 -45.02
C VAL B 117 -11.00 25.50 -43.51
N LEU B 118 -9.86 25.51 -42.80
CA LEU B 118 -9.89 25.69 -41.35
C LEU B 118 -10.40 27.07 -40.98
N ALA B 119 -10.02 28.09 -41.74
CA ALA B 119 -10.49 29.45 -41.47
C ALA B 119 -12.00 29.54 -41.63
N ASP B 120 -12.55 28.84 -42.63
CA ASP B 120 -14.00 28.84 -42.80
C ASP B 120 -14.72 27.97 -41.77
N ARG B 121 -14.06 26.91 -41.31
CA ARG B 121 -14.67 25.98 -40.36
C ARG B 121 -14.91 26.63 -38.99
N HIS B 122 -14.05 27.57 -38.60
CA HIS B 122 -14.18 28.25 -37.32
C HIS B 122 -14.81 29.64 -37.47
N ASN B 123 -15.33 29.96 -38.65
CA ASN B 123 -15.97 31.25 -38.94
C ASN B 123 -15.08 32.39 -38.44
N ALA B 124 -13.76 32.24 -38.65
CA ALA B 124 -12.67 33.09 -38.17
C ALA B 124 -11.97 33.75 -39.36
N PRO B 125 -11.10 34.74 -39.15
CA PRO B 125 -10.35 35.32 -40.28
C PRO B 125 -9.21 34.42 -40.74
N LEU B 126 -8.94 34.47 -42.05
CA LEU B 126 -7.90 33.64 -42.65
C LEU B 126 -6.50 34.22 -42.52
N GLN B 127 -6.36 35.55 -42.52
CA GLN B 127 -5.04 36.16 -42.50
C GLN B 127 -4.31 35.89 -41.18
N ASP B 128 -5.02 36.00 -40.06
CA ASP B 128 -4.39 35.74 -38.78
C ASP B 128 -3.96 34.28 -38.66
N LEU B 129 -4.80 33.37 -39.16
CA LEU B 129 -4.43 31.95 -39.16
C LEU B 129 -3.20 31.70 -40.02
N LEU B 130 -3.13 32.34 -41.19
CA LEU B 130 -1.96 32.20 -42.06
C LEU B 130 -0.71 32.73 -41.37
N ALA B 131 -0.81 33.89 -40.74
CA ALA B 131 0.33 34.47 -40.02
C ALA B 131 0.77 33.55 -38.88
N GLY B 132 -0.18 32.95 -38.17
CA GLY B 132 0.18 32.08 -37.07
C GLY B 132 0.81 30.78 -37.54
N ILE B 133 0.35 30.25 -38.68
CA ILE B 133 0.92 29.02 -39.20
C ILE B 133 2.30 29.26 -39.77
N LEU B 134 2.51 30.43 -40.40
CA LEU B 134 3.83 30.76 -40.91
C LEU B 134 4.84 31.01 -39.80
N GLY B 135 4.37 31.31 -38.59
CA GLY B 135 5.27 31.43 -37.45
C GLY B 135 5.95 30.14 -37.08
N GLN B 136 5.45 29.00 -37.57
CA GLN B 136 6.04 27.68 -37.34
C GLN B 136 6.48 27.12 -38.70
N PRO B 137 7.64 27.56 -39.21
CA PRO B 137 8.08 27.12 -40.53
C PRO B 137 8.41 25.64 -40.62
N GLU B 138 8.56 24.96 -39.47
CA GLU B 138 8.83 23.53 -39.51
C GLU B 138 7.72 22.75 -40.19
N LEU B 139 6.47 23.22 -40.05
CA LEU B 139 5.36 22.58 -40.75
C LEU B 139 5.51 22.73 -42.25
N PHE B 140 5.89 23.91 -42.72
CA PHE B 140 6.15 24.12 -44.14
C PHE B 140 7.31 23.25 -44.62
N PHE B 141 8.34 23.10 -43.78
CA PHE B 141 9.46 22.24 -44.13
C PHE B 141 9.00 20.78 -44.29
N VAL B 142 8.18 20.30 -43.36
CA VAL B 142 7.64 18.95 -43.46
C VAL B 142 6.81 18.80 -44.72
N HIS B 143 5.96 19.78 -45.01
CA HIS B 143 5.15 19.75 -46.23
C HIS B 143 6.05 19.61 -47.46
N THR B 144 7.09 20.44 -47.54
CA THR B 144 7.98 20.39 -48.68
C THR B 144 8.68 19.05 -48.78
N ILE B 145 9.16 18.52 -47.65
CA ILE B 145 9.84 17.24 -47.64
C ILE B 145 8.93 16.13 -48.17
N LEU B 146 7.71 16.06 -47.64
CA LEU B 146 6.84 14.94 -48.03
C LEU B 146 6.29 15.11 -49.43
N ARG B 147 6.42 16.30 -50.03
CA ARG B 147 6.06 16.49 -51.43
C ARG B 147 7.34 16.30 -52.23
N GLY B 148 7.69 15.02 -52.43
CA GLY B 148 8.87 14.67 -53.19
C GLY B 148 8.65 14.83 -54.67
N GLY B 149 7.52 14.31 -55.16
CA GLY B 149 7.19 14.52 -56.56
C GLY B 149 5.82 15.15 -56.69
N GLY B 150 5.14 14.90 -57.81
CA GLY B 150 3.86 15.53 -58.07
C GLY B 150 2.77 14.48 -57.96
N ALA B 151 3.05 13.30 -58.50
CA ALA B 151 2.14 12.17 -58.37
C ALA B 151 1.65 12.03 -56.94
N CYS B 152 2.57 12.04 -55.97
CA CYS B 152 2.24 11.87 -54.57
C CYS B 152 2.17 13.23 -53.88
N ASP B 153 1.02 13.50 -53.25
CA ASP B 153 0.80 14.75 -52.51
C ASP B 153 -0.04 14.45 -51.28
N PRO B 154 0.60 14.25 -50.13
CA PRO B 154 -0.16 13.92 -48.93
C PRO B 154 -0.94 15.14 -48.44
N ARG B 155 -2.13 14.88 -47.89
CA ARG B 155 -2.93 15.98 -47.39
C ARG B 155 -2.41 16.41 -46.02
N LEU B 156 -2.81 17.61 -45.60
CA LEU B 156 -2.30 18.19 -44.36
C LEU B 156 -3.43 18.94 -43.66
N LEU B 157 -3.70 18.58 -42.41
CA LEU B 157 -4.66 19.30 -41.60
C LEU B 157 -3.94 20.03 -40.47
N PHE B 158 -4.53 21.12 -40.01
CA PHE B 158 -3.94 21.95 -38.96
C PHE B 158 -4.93 22.10 -37.82
N TYR B 159 -4.49 21.77 -36.61
CA TYR B 159 -5.36 21.85 -35.46
C TYR B 159 -4.67 22.58 -34.31
N PRO B 160 -5.41 23.36 -33.52
CA PRO B 160 -4.82 24.05 -32.38
C PRO B 160 -4.10 23.09 -31.44
N ASP B 161 -3.09 23.63 -30.73
CA ASP B 161 -2.21 22.91 -29.83
C ASP B 161 -2.72 23.07 -28.41
N PRO B 162 -2.92 21.96 -27.69
CA PRO B 162 -3.58 22.03 -26.38
C PRO B 162 -2.79 22.71 -25.25
N THR B 163 -1.64 22.18 -24.83
CA THR B 163 -0.93 22.76 -23.70
C THR B 163 0.37 23.44 -24.10
N TYR B 164 0.60 23.58 -25.40
CA TYR B 164 1.72 24.32 -25.97
C TYR B 164 1.16 25.32 -26.96
N GLY B 165 1.93 26.36 -27.22
CA GLY B 165 1.45 27.50 -27.97
C GLY B 165 1.88 27.42 -29.41
N GLY B 166 0.91 27.12 -30.29
CA GLY B 166 1.05 27.18 -31.72
C GLY B 166 -0.03 26.41 -32.47
N HIS B 167 0.37 25.44 -33.29
CA HIS B 167 -0.56 24.65 -34.09
C HIS B 167 0.09 23.31 -34.42
N MET B 168 -0.59 22.22 -34.11
CA MET B 168 -0.11 20.91 -34.49
C MET B 168 -0.66 20.50 -35.86
N LEU B 169 0.03 19.56 -36.48
CA LEU B 169 -0.23 19.18 -37.87
C LEU B 169 -0.58 17.70 -37.98
N TYR B 170 -1.43 17.37 -38.95
CA TYR B 170 -1.83 16.01 -39.28
C TYR B 170 -1.50 15.72 -40.74
N VAL B 171 -0.46 14.91 -41.00
CA VAL B 171 -0.18 14.45 -42.35
C VAL B 171 -1.09 13.27 -42.65
N ILE B 172 -2.01 13.46 -43.58
CA ILE B 172 -2.94 12.40 -44.00
C ILE B 172 -2.37 11.75 -45.25
N PHE B 173 -2.05 10.47 -45.14
CA PHE B 173 -1.56 9.71 -46.29
C PHE B 173 -2.73 9.03 -46.99
N PRO B 174 -2.98 9.30 -48.26
CA PRO B 174 -4.10 8.66 -48.94
C PRO B 174 -3.80 7.20 -49.27
N GLY B 175 -4.84 6.39 -49.25
CA GLY B 175 -4.73 4.98 -49.59
C GLY B 175 -4.69 4.10 -48.36
N THR B 176 -4.41 2.83 -48.61
CA THR B 176 -4.32 1.82 -47.55
C THR B 176 -2.89 1.47 -47.19
N SER B 177 -1.91 2.23 -47.69
CA SER B 177 -0.52 1.94 -47.41
C SER B 177 0.28 3.22 -47.43
N ALA B 178 1.40 3.22 -46.71
CA ALA B 178 2.30 4.36 -46.66
C ALA B 178 3.71 3.86 -46.40
N HIS B 179 4.60 4.09 -47.36
CA HIS B 179 6.02 3.75 -47.24
C HIS B 179 6.80 5.06 -47.30
N LEU B 180 7.45 5.40 -46.19
CA LEU B 180 8.23 6.62 -46.10
C LEU B 180 9.71 6.33 -46.32
N HIS B 181 10.29 6.97 -47.35
CA HIS B 181 11.70 6.78 -47.67
C HIS B 181 12.57 7.19 -46.48
N TYR B 182 13.72 6.51 -46.35
CA TYR B 182 14.56 6.74 -45.18
C TYR B 182 15.15 8.15 -45.18
N LEU B 183 15.55 8.65 -46.36
CA LEU B 183 16.04 10.02 -46.44
C LEU B 183 14.95 11.01 -46.05
N LEU B 184 13.72 10.76 -46.47
CA LEU B 184 12.62 11.67 -46.15
C LEU B 184 12.42 11.78 -44.64
N ILE B 185 12.35 10.64 -43.95
CA ILE B 185 12.15 10.66 -42.50
C ILE B 185 13.36 11.28 -41.81
N ASP B 186 14.57 10.94 -42.26
CA ASP B 186 15.77 11.48 -41.64
C ASP B 186 15.81 12.99 -41.74
N ARG B 187 15.51 13.53 -42.93
CA ARG B 187 15.54 14.97 -43.12
C ARG B 187 14.39 15.66 -42.38
N MET B 188 13.24 15.00 -42.27
CA MET B 188 12.15 15.56 -41.47
C MET B 188 12.54 15.67 -40.01
N LEU B 189 13.19 14.63 -39.47
CA LEU B 189 13.57 14.65 -38.06
C LEU B 189 14.74 15.59 -37.80
N THR B 190 15.65 15.75 -38.77
CA THR B 190 16.82 16.61 -38.54
C THR B 190 16.48 18.08 -38.76
N ALA B 191 15.67 18.39 -39.77
CA ALA B 191 15.36 19.78 -40.07
C ALA B 191 14.47 20.39 -38.99
N CYS B 192 13.58 19.60 -38.39
CA CYS B 192 12.67 20.05 -37.34
C CYS B 192 13.01 19.27 -36.08
N PRO B 193 13.96 19.74 -35.27
CA PRO B 193 14.38 18.98 -34.09
C PRO B 193 13.38 19.07 -32.95
N GLY B 194 12.78 20.24 -32.77
CA GLY B 194 11.84 20.51 -31.72
C GLY B 194 10.44 19.99 -31.94
N TYR B 195 10.20 19.26 -33.03
CA TYR B 195 8.88 18.73 -33.33
C TYR B 195 8.90 17.21 -33.26
N ARG B 196 7.83 16.65 -32.68
CA ARG B 196 7.68 15.20 -32.54
C ARG B 196 6.72 14.68 -33.60
N PHE B 197 7.09 13.58 -34.22
CA PHE B 197 6.30 12.92 -35.26
C PHE B 197 5.89 11.55 -34.75
N VAL B 198 4.59 11.27 -34.79
CA VAL B 198 4.04 10.01 -34.27
C VAL B 198 3.07 9.46 -35.31
N ALA B 199 3.30 8.22 -35.73
CA ALA B 199 2.40 7.57 -36.67
C ALA B 199 1.22 6.94 -35.94
N HIS B 200 0.05 7.00 -36.56
CA HIS B 200 -1.17 6.45 -35.97
C HIS B 200 -2.17 6.18 -37.09
N VAL B 201 -3.32 5.64 -36.71
CA VAL B 201 -4.40 5.32 -37.65
C VAL B 201 -5.70 5.87 -37.11
N TRP B 202 -6.52 6.43 -38.00
CA TRP B 202 -7.81 6.99 -37.63
C TRP B 202 -8.77 6.79 -38.80
N GLN B 203 -9.90 6.16 -38.52
CA GLN B 203 -10.94 5.90 -39.52
C GLN B 203 -10.33 5.22 -40.76
N SER B 204 -9.55 4.17 -40.50
CA SER B 204 -8.88 3.39 -41.56
C SER B 204 -8.05 4.28 -42.47
N THR B 205 -7.45 5.33 -41.92
CA THR B 205 -6.57 6.21 -42.65
C THR B 205 -5.31 6.43 -41.81
N PHE B 206 -4.15 6.18 -42.42
CA PHE B 206 -2.89 6.37 -41.72
C PHE B 206 -2.57 7.85 -41.64
N VAL B 207 -2.05 8.27 -40.49
CA VAL B 207 -1.82 9.68 -40.20
C VAL B 207 -0.49 9.81 -39.48
N LEU B 208 0.17 10.95 -39.68
CA LEU B 208 1.42 11.28 -39.00
C LEU B 208 1.22 12.60 -38.27
N VAL B 209 1.21 12.54 -36.95
CA VAL B 209 0.95 13.71 -36.11
C VAL B 209 2.26 14.41 -35.80
N VAL B 210 2.31 15.72 -36.07
CA VAL B 210 3.48 16.55 -35.81
C VAL B 210 3.09 17.56 -34.75
N ARG B 211 3.76 17.51 -33.60
CA ARG B 211 3.44 18.41 -32.50
C ARG B 211 4.72 19.09 -32.03
N ARG B 212 4.55 20.12 -31.20
CA ARG B 212 5.70 20.80 -30.64
C ARG B 212 6.20 20.03 -29.42
N ASN B 213 7.52 19.88 -29.30
CA ASN B 213 8.07 19.12 -28.20
C ASN B 213 9.42 19.70 -27.79
N ALA B 214 9.72 19.58 -26.49
CA ALA B 214 10.95 20.07 -25.88
C ALA B 214 11.30 21.39 -26.56
N GLU B 215 10.60 22.45 -26.17
CA GLU B 215 10.67 23.77 -26.79
C GLU B 215 12.09 24.26 -27.07
N LYS B 216 12.78 23.64 -28.03
CA LYS B 216 14.12 24.09 -28.40
C LYS B 216 14.22 24.20 -29.92
N PRO B 217 13.23 24.82 -30.57
CA PRO B 217 13.33 24.95 -32.03
C PRO B 217 14.32 26.03 -32.40
N THR B 218 14.79 25.94 -33.65
CA THR B 218 15.78 26.88 -34.16
C THR B 218 15.07 28.20 -34.38
N ASP B 219 15.29 29.15 -33.48
CA ASP B 219 14.68 30.46 -33.61
C ASP B 219 15.71 31.51 -34.02
N ALA B 220 16.41 31.31 -35.15
CA ALA B 220 17.46 32.25 -35.50
C ALA B 220 17.54 32.56 -36.99
N GLU B 221 18.12 31.67 -37.78
CA GLU B 221 18.32 31.96 -39.20
C GLU B 221 17.07 31.80 -40.05
N ILE B 222 15.89 31.69 -39.45
CA ILE B 222 14.68 31.56 -40.28
C ILE B 222 14.22 32.98 -40.62
N PRO B 223 13.99 33.27 -41.90
CA PRO B 223 13.60 34.63 -42.30
C PRO B 223 12.18 34.98 -41.89
N THR B 224 11.91 36.28 -41.93
CA THR B 224 10.57 36.79 -41.69
C THR B 224 9.88 36.91 -43.04
N VAL B 225 8.69 36.32 -43.17
CA VAL B 225 7.93 36.36 -44.41
C VAL B 225 6.60 37.06 -44.16
N SER B 226 6.24 37.96 -45.08
CA SER B 226 5.00 38.71 -44.96
C SER B 226 3.81 37.82 -45.27
N ALA B 227 2.84 37.78 -44.35
CA ALA B 227 1.64 36.98 -44.56
C ALA B 227 0.61 37.68 -45.42
N ALA B 228 0.62 39.02 -45.44
CA ALA B 228 -0.38 39.77 -46.20
C ALA B 228 -0.23 39.55 -47.70
N ASP B 229 1.01 39.53 -48.20
CA ASP B 229 1.21 39.31 -49.63
C ASP B 229 0.74 37.93 -50.05
N ILE B 230 1.04 36.91 -49.24
CA ILE B 230 0.58 35.56 -49.52
C ILE B 230 -0.94 35.49 -49.47
N TYR B 231 -1.55 36.19 -48.50
CA TYR B 231 -3.00 36.22 -48.40
C TYR B 231 -3.63 36.81 -49.66
N CYS B 232 -3.06 37.92 -50.14
CA CYS B 232 -3.61 38.56 -51.34
C CYS B 232 -3.42 37.67 -52.57
N LYS B 233 -2.23 37.09 -52.73
CA LYS B 233 -2.00 36.19 -53.85
C LYS B 233 -2.92 34.98 -53.82
N MET B 234 -3.27 34.50 -52.62
CA MET B 234 -4.26 33.43 -52.50
C MET B 234 -5.65 33.94 -52.88
N ARG B 235 -5.98 35.16 -52.46
CA ARG B 235 -7.26 35.76 -52.80
C ARG B 235 -7.43 35.95 -54.30
N ASP B 236 -6.31 36.05 -55.04
CA ASP B 236 -6.41 36.25 -56.48
C ASP B 236 -6.52 34.95 -57.27
N ILE B 237 -6.02 33.84 -56.74
CA ILE B 237 -6.12 32.54 -57.39
C ILE B 237 -7.31 31.80 -56.80
N SER B 238 -8.18 31.30 -57.68
CA SER B 238 -9.33 30.50 -57.25
C SER B 238 -8.97 29.02 -57.26
N PHE B 239 -9.16 28.37 -56.12
CA PHE B 239 -8.85 26.95 -55.97
C PHE B 239 -10.03 26.09 -56.41
N ASP B 240 -9.73 24.84 -56.75
CA ASP B 240 -10.76 23.90 -57.17
C ASP B 240 -11.62 23.49 -55.97
N GLY B 241 -12.94 23.52 -56.16
CA GLY B 241 -13.85 23.16 -55.09
C GLY B 241 -13.69 21.74 -54.59
N GLY B 242 -13.14 20.85 -55.41
CA GLY B 242 -12.95 19.47 -54.99
C GLY B 242 -11.97 19.35 -53.83
N LEU B 243 -10.84 20.04 -53.95
CA LEU B 243 -9.86 20.05 -52.86
C LEU B 243 -10.45 20.68 -51.59
N MET B 244 -11.22 21.76 -51.75
CA MET B 244 -11.84 22.40 -50.60
C MET B 244 -12.81 21.47 -49.89
N LEU B 245 -13.63 20.75 -50.66
CA LEU B 245 -14.56 19.80 -50.07
C LEU B 245 -13.84 18.63 -49.42
N GLU B 246 -12.76 18.15 -50.05
CA GLU B 246 -11.98 17.07 -49.46
C GLU B 246 -11.38 17.49 -48.13
N TYR B 247 -10.85 18.72 -48.06
CA TYR B 247 -10.29 19.19 -46.80
C TYR B 247 -11.38 19.42 -45.75
N GLN B 248 -12.55 19.90 -46.16
CA GLN B 248 -13.67 20.03 -45.23
C GLN B 248 -14.05 18.68 -44.64
N ARG B 249 -14.16 17.66 -45.49
CA ARG B 249 -14.50 16.32 -45.01
C ARG B 249 -13.42 15.77 -44.08
N LEU B 250 -12.14 15.96 -44.44
CA LEU B 250 -11.05 15.46 -43.61
C LEU B 250 -11.04 16.16 -42.26
N TYR B 251 -11.26 17.48 -42.24
CA TYR B 251 -11.33 18.20 -40.97
C TYR B 251 -12.49 17.71 -40.12
N ALA B 252 -13.65 17.50 -40.74
CA ALA B 252 -14.81 17.02 -40.00
C ALA B 252 -14.54 15.63 -39.42
N THR B 253 -13.80 14.80 -40.15
CA THR B 253 -13.52 13.46 -39.67
C THR B 253 -12.47 13.47 -38.55
N PHE B 254 -11.47 14.34 -38.66
CA PHE B 254 -10.37 14.36 -37.70
C PHE B 254 -10.58 15.34 -36.55
N ASP B 255 -11.72 16.04 -36.51
CA ASP B 255 -12.01 16.89 -35.36
C ASP B 255 -12.09 16.11 -34.06
N GLU B 256 -12.38 14.81 -34.13
CA GLU B 256 -12.49 14.01 -32.91
C GLU B 256 -11.41 12.95 -32.86
N PHE B 257 -10.15 13.33 -33.01
CA PHE B 257 -9.04 12.40 -33.05
C PHE B 257 -8.13 12.67 -31.86
N PRO B 258 -7.99 11.73 -30.93
CA PRO B 258 -7.08 11.95 -29.78
C PRO B 258 -5.63 12.02 -30.23
N PRO B 259 -5.00 13.18 -30.08
CA PRO B 259 -3.60 13.33 -30.50
C PRO B 259 -2.67 12.48 -29.65
N PRO B 260 -1.86 11.62 -30.28
CA PRO B 260 -0.89 10.82 -29.51
C PRO B 260 0.37 11.60 -29.17
N PRO C 12 -22.72 -45.16 26.60
CA PRO C 12 -23.55 -45.35 25.42
C PRO C 12 -24.94 -44.73 25.59
N ALA C 13 -24.98 -43.62 26.33
CA ALA C 13 -26.23 -42.93 26.66
C ALA C 13 -26.25 -41.60 25.91
N PHE C 14 -27.14 -41.48 24.93
CA PHE C 14 -27.25 -40.21 24.20
C PHE C 14 -27.69 -39.10 25.15
N GLU C 15 -28.72 -39.37 25.95
CA GLU C 15 -29.22 -38.41 26.93
C GLU C 15 -28.39 -38.39 28.21
N GLY C 16 -27.64 -39.47 28.49
CA GLY C 16 -26.86 -39.51 29.72
C GLY C 16 -25.89 -38.35 29.87
N LEU C 17 -25.24 -37.94 28.78
CA LEU C 17 -24.31 -36.82 28.86
C LEU C 17 -25.01 -35.53 29.24
N VAL C 18 -26.15 -35.23 28.60
CA VAL C 18 -26.86 -34.00 28.89
C VAL C 18 -27.42 -34.04 30.31
N GLN C 19 -27.88 -35.21 30.77
CA GLN C 19 -28.38 -35.33 32.14
C GLN C 19 -27.27 -35.10 33.16
N ARG C 20 -26.10 -35.71 32.93
CA ARG C 20 -24.96 -35.49 33.82
C ARG C 20 -24.57 -34.01 33.85
N ILE C 21 -24.49 -33.38 32.68
CA ILE C 21 -24.15 -31.97 32.61
C ILE C 21 -25.18 -31.13 33.37
N ARG C 22 -26.47 -31.44 33.19
CA ARG C 22 -27.52 -30.74 33.94
C ARG C 22 -27.31 -30.90 35.44
N LEU C 23 -26.91 -32.09 35.87
CA LEU C 23 -26.59 -32.28 37.29
C LEU C 23 -25.45 -31.37 37.73
N ILE C 24 -24.41 -31.27 36.90
CA ILE C 24 -23.23 -30.50 37.28
C ILE C 24 -23.53 -29.00 37.30
N VAL C 25 -24.30 -28.53 36.32
CA VAL C 25 -24.59 -27.09 36.21
C VAL C 25 -25.51 -26.66 37.35
N PRO C 26 -25.29 -25.49 37.95
CA PRO C 26 -26.19 -25.01 39.02
C PRO C 26 -27.61 -24.82 38.53
N SER C 27 -28.53 -24.68 39.49
CA SER C 27 -29.94 -24.58 39.16
C SER C 27 -30.30 -23.23 38.56
N THR C 28 -29.59 -22.16 38.94
CA THR C 28 -29.93 -20.83 38.45
C THR C 28 -29.82 -20.75 36.93
N LEU C 29 -28.94 -21.56 36.33
CA LEU C 29 -28.80 -21.61 34.88
C LEU C 29 -29.90 -22.50 34.32
N ARG C 30 -31.12 -21.97 34.32
CA ARG C 30 -32.26 -22.69 33.79
C ARG C 30 -31.99 -23.07 32.34
N GLY C 31 -32.08 -24.36 32.03
CA GLY C 31 -31.84 -24.77 30.66
C GLY C 31 -31.58 -26.26 30.60
N GLY C 32 -30.82 -26.65 29.58
CA GLY C 32 -30.56 -28.05 29.35
C GLY C 32 -31.74 -28.70 28.66
N ASP C 33 -31.57 -29.99 28.35
CA ASP C 33 -32.60 -30.76 27.68
C ASP C 33 -33.04 -30.14 26.36
N GLY C 34 -32.31 -29.13 25.89
CA GLY C 34 -32.65 -28.45 24.64
C GLY C 34 -31.58 -28.51 23.58
N GLU C 35 -32.00 -28.39 22.32
CA GLU C 35 -31.13 -28.35 21.14
C GLU C 35 -30.15 -29.53 21.10
N ALA C 36 -30.44 -30.63 21.77
CA ALA C 36 -29.52 -31.75 21.77
C ALA C 36 -29.92 -32.64 20.60
N GLY C 37 -29.50 -32.21 19.41
CA GLY C 37 -29.74 -32.93 18.19
C GLY C 37 -29.35 -34.39 18.33
N PRO C 38 -30.00 -35.26 17.57
CA PRO C 38 -29.66 -36.69 17.67
C PRO C 38 -28.19 -36.91 17.37
N TYR C 39 -27.48 -37.53 18.32
CA TYR C 39 -26.04 -37.70 18.25
C TYR C 39 -25.63 -39.03 18.84
N SER C 40 -24.66 -39.70 18.20
CA SER C 40 -24.11 -40.96 18.68
C SER C 40 -22.70 -40.74 19.23
N PRO C 41 -22.21 -41.60 20.13
CA PRO C 41 -20.85 -41.41 20.66
C PRO C 41 -19.76 -41.35 19.60
N SER C 42 -19.98 -41.97 18.44
CA SER C 42 -19.03 -41.94 17.34
C SER C 42 -19.25 -40.74 16.43
N SER C 43 -20.50 -40.39 16.17
CA SER C 43 -20.85 -39.30 15.27
C SER C 43 -21.21 -38.08 16.10
N LEU C 44 -20.41 -37.03 15.98
CA LEU C 44 -20.64 -35.86 16.82
C LEU C 44 -21.31 -34.76 16.02
N PRO C 45 -22.24 -34.01 16.62
CA PRO C 45 -22.98 -33.00 15.87
C PRO C 45 -22.26 -31.65 15.84
N SER C 46 -22.73 -30.79 14.95
CA SER C 46 -22.28 -29.40 14.89
C SER C 46 -23.22 -28.46 15.62
N ARG C 47 -24.20 -28.99 16.33
CA ARG C 47 -25.15 -28.19 17.10
C ARG C 47 -24.81 -28.32 18.59
N CYS C 48 -25.22 -27.31 19.35
CA CYS C 48 -24.92 -27.32 20.78
C CYS C 48 -25.62 -28.49 21.46
N ALA C 49 -24.84 -29.31 22.17
CA ALA C 49 -25.43 -30.46 22.85
C ALA C 49 -26.28 -30.01 24.03
N PHE C 50 -25.96 -28.88 24.65
CA PHE C 50 -26.75 -28.33 25.73
C PHE C 50 -26.85 -26.82 25.55
N GLN C 51 -27.98 -26.27 26.00
CA GLN C 51 -28.23 -24.84 25.91
C GLN C 51 -28.86 -24.40 27.22
N PHE C 52 -28.10 -23.66 28.02
CA PHE C 52 -28.56 -23.08 29.26
C PHE C 52 -28.73 -21.59 29.09
N HIS C 53 -29.55 -21.00 29.96
CA HIS C 53 -29.78 -19.56 29.90
C HIS C 53 -30.15 -19.05 31.28
N GLY C 54 -29.76 -17.81 31.53
CA GLY C 54 -30.06 -17.16 32.78
C GLY C 54 -30.75 -15.84 32.54
N HIS C 55 -31.55 -15.44 33.53
CA HIS C 55 -32.41 -14.27 33.43
C HIS C 55 -31.68 -13.07 34.01
N ASP C 56 -32.41 -11.96 34.17
CA ASP C 56 -31.79 -10.73 34.66
C ASP C 56 -31.44 -10.85 36.13
N GLY C 57 -30.21 -10.48 36.46
CA GLY C 57 -29.71 -10.50 37.82
C GLY C 57 -29.13 -11.81 38.32
N SER C 58 -28.83 -12.75 37.44
CA SER C 58 -28.22 -14.01 37.85
C SER C 58 -26.71 -13.80 38.02
N ASP C 59 -26.21 -14.07 39.22
CA ASP C 59 -24.80 -13.90 39.55
C ASP C 59 -24.22 -15.26 39.95
N GLU C 60 -24.07 -16.14 38.97
CA GLU C 60 -23.77 -17.54 39.25
C GLU C 60 -22.55 -18.02 38.46
N SER C 61 -22.00 -19.15 38.90
CA SER C 61 -20.80 -19.72 38.31
C SER C 61 -21.11 -21.00 37.54
N PHE C 62 -20.33 -21.26 36.50
CA PHE C 62 -20.46 -22.39 35.62
C PHE C 62 -19.15 -23.17 35.56
N PRO C 63 -19.15 -24.47 35.85
CA PRO C 63 -17.93 -25.26 35.74
C PRO C 63 -17.62 -25.68 34.30
N ILE C 64 -16.87 -24.83 33.59
CA ILE C 64 -16.62 -25.07 32.17
C ILE C 64 -15.72 -26.28 31.96
N GLU C 65 -14.62 -26.36 32.72
CA GLU C 65 -13.67 -27.45 32.52
C GLU C 65 -14.33 -28.81 32.73
N TYR C 66 -15.14 -28.93 33.78
CA TYR C 66 -15.83 -30.19 34.05
C TYR C 66 -16.74 -30.57 32.90
N VAL C 67 -17.51 -29.61 32.39
CA VAL C 67 -18.45 -29.88 31.31
C VAL C 67 -17.72 -30.29 30.04
N LEU C 68 -16.63 -29.60 29.71
CA LEU C 68 -15.90 -29.93 28.49
C LEU C 68 -15.22 -31.29 28.61
N ARG C 69 -14.64 -31.59 29.77
CA ARG C 69 -14.02 -32.89 29.97
C ARG C 69 -15.06 -34.00 29.90
N LEU C 70 -16.27 -33.74 30.43
CA LEU C 70 -17.34 -34.73 30.33
C LEU C 70 -17.77 -34.93 28.88
N MET C 71 -17.84 -33.84 28.12
CA MET C 71 -18.16 -33.95 26.69
C MET C 71 -17.14 -34.82 25.97
N ASN C 72 -15.86 -34.59 26.24
CA ASN C 72 -14.84 -35.45 25.63
C ASN C 72 -14.96 -36.89 26.13
N ASP C 73 -15.38 -37.07 27.39
CA ASP C 73 -15.55 -38.41 27.95
C ASP C 73 -16.60 -39.18 27.16
N TRP C 74 -17.78 -38.60 26.97
CA TRP C 74 -18.86 -39.33 26.32
C TRP C 74 -18.49 -39.73 24.91
N ALA C 75 -17.82 -38.85 24.17
CA ALA C 75 -17.42 -39.15 22.80
C ALA C 75 -16.17 -40.02 22.79
N GLU C 76 -16.16 -41.04 21.92
CA GLU C 76 -15.01 -41.91 21.75
C GLU C 76 -14.24 -41.63 20.47
N VAL C 77 -14.45 -40.46 19.86
CA VAL C 77 -13.74 -40.06 18.65
C VAL C 77 -12.99 -38.76 18.96
N PRO C 78 -11.81 -38.54 18.40
CA PRO C 78 -11.08 -37.29 18.66
C PRO C 78 -11.95 -36.08 18.38
N CYS C 79 -11.91 -35.11 19.29
CA CYS C 79 -12.74 -33.93 19.23
C CYS C 79 -12.15 -32.86 20.12
N ASN C 80 -12.78 -31.68 20.10
CA ASN C 80 -12.38 -30.56 20.95
C ASN C 80 -13.65 -29.88 21.46
N PRO C 81 -14.17 -30.33 22.61
CA PRO C 81 -15.37 -29.71 23.17
C PRO C 81 -15.19 -28.21 23.36
N TYR C 82 -16.30 -27.48 23.25
CA TYR C 82 -16.25 -26.03 23.17
C TYR C 82 -17.50 -25.46 23.84
N LEU C 83 -17.32 -24.35 24.57
CA LEU C 83 -18.41 -23.62 25.18
C LEU C 83 -18.50 -22.23 24.56
N ARG C 84 -19.73 -21.73 24.43
CA ARG C 84 -19.99 -20.42 23.86
C ARG C 84 -20.94 -19.67 24.77
N ILE C 85 -20.63 -18.41 25.04
CA ILE C 85 -21.44 -17.57 25.92
C ILE C 85 -21.89 -16.35 25.12
N GLN C 86 -23.20 -16.10 25.12
CA GLN C 86 -23.74 -14.99 24.35
C GLN C 86 -24.72 -14.18 25.19
N ASN C 87 -24.44 -12.88 25.30
CA ASN C 87 -25.41 -11.93 25.80
C ASN C 87 -26.38 -11.61 24.67
N THR C 88 -27.68 -11.79 24.93
CA THR C 88 -28.69 -11.49 23.92
C THR C 88 -29.47 -10.22 24.20
N GLY C 89 -29.14 -9.50 25.28
CA GLY C 89 -29.87 -8.31 25.63
C GLY C 89 -30.90 -8.54 26.72
N VAL C 90 -31.40 -9.78 26.85
CA VAL C 90 -32.46 -10.06 27.81
C VAL C 90 -32.16 -11.30 28.65
N SER C 91 -31.11 -12.06 28.29
CA SER C 91 -30.76 -13.26 29.03
C SER C 91 -29.44 -13.80 28.51
N VAL C 92 -28.58 -14.26 29.41
CA VAL C 92 -27.31 -14.87 29.00
C VAL C 92 -27.56 -16.30 28.57
N LEU C 93 -26.88 -16.75 27.51
CA LEU C 93 -27.06 -18.11 27.01
C LEU C 93 -25.71 -18.80 26.85
N PHE C 94 -25.54 -19.93 27.53
CA PHE C 94 -24.38 -20.80 27.37
C PHE C 94 -24.76 -21.98 26.47
N GLN C 95 -23.93 -22.24 25.47
CA GLN C 95 -24.17 -23.35 24.54
C GLN C 95 -22.94 -24.23 24.47
N GLY C 96 -23.15 -25.54 24.38
CA GLY C 96 -22.03 -26.47 24.34
C GLY C 96 -21.93 -27.26 23.06
N PHE C 97 -20.93 -26.93 22.23
CA PHE C 97 -20.73 -27.62 20.96
C PHE C 97 -19.59 -28.62 21.07
N PHE C 98 -19.74 -29.75 20.38
CA PHE C 98 -18.71 -30.77 20.37
C PHE C 98 -17.50 -30.41 19.52
N HIS C 99 -17.69 -29.56 18.52
CA HIS C 99 -16.61 -29.08 17.65
C HIS C 99 -16.81 -27.59 17.43
N ARG C 100 -15.72 -26.91 17.10
CA ARG C 100 -15.72 -25.45 16.97
C ARG C 100 -16.87 -24.98 16.09
N PRO C 101 -17.74 -24.09 16.59
CA PRO C 101 -18.81 -23.52 15.76
C PRO C 101 -18.34 -22.41 14.83
N HIS C 102 -17.04 -22.34 14.57
CA HIS C 102 -16.39 -21.32 13.76
C HIS C 102 -16.48 -19.94 14.42
N ASN C 103 -16.68 -19.87 15.73
CA ASN C 103 -16.72 -18.61 16.44
C ASN C 103 -15.34 -18.16 16.91
N ALA C 104 -15.34 -17.13 17.76
CA ALA C 104 -14.11 -16.57 18.30
C ALA C 104 -13.42 -17.57 19.21
N PRO C 105 -12.09 -17.66 19.18
CA PRO C 105 -11.41 -18.61 20.09
C PRO C 105 -11.68 -18.34 21.57
N GLY C 106 -11.50 -17.11 22.03
CA GLY C 106 -11.79 -16.84 23.43
C GLY C 106 -11.20 -15.52 23.89
N GLY C 107 -11.55 -15.21 25.13
CA GLY C 107 -11.09 -14.05 25.86
C GLY C 107 -10.03 -14.46 26.85
N ALA C 108 -10.22 -15.62 27.49
CA ALA C 108 -9.21 -16.19 28.38
C ALA C 108 -8.01 -16.78 27.62
N ILE C 109 -7.96 -16.57 26.29
CA ILE C 109 -6.80 -17.00 25.52
C ILE C 109 -5.58 -16.21 25.96
N THR C 110 -5.79 -14.96 26.36
CA THR C 110 -4.77 -14.10 26.94
C THR C 110 -4.85 -14.27 28.46
N PRO C 111 -3.95 -15.03 29.07
CA PRO C 111 -4.00 -15.23 30.54
C PRO C 111 -4.12 -13.94 31.34
N GLU C 112 -3.81 -12.80 30.72
CA GLU C 112 -3.83 -11.51 31.39
C GLU C 112 -5.13 -10.74 31.15
N ARG C 113 -6.14 -11.37 30.55
CA ARG C 113 -7.44 -10.75 30.28
C ARG C 113 -8.56 -11.69 30.72
N THR C 114 -8.48 -12.18 31.96
CA THR C 114 -9.48 -13.10 32.48
C THR C 114 -10.89 -12.49 32.46
N ASN C 115 -11.00 -11.19 32.72
CA ASN C 115 -12.30 -10.53 32.71
C ASN C 115 -12.77 -10.29 31.28
N VAL C 116 -14.06 -10.45 31.04
CA VAL C 116 -14.66 -10.17 29.74
C VAL C 116 -16.07 -9.65 29.97
N ILE C 117 -16.46 -8.66 29.16
CA ILE C 117 -17.79 -8.08 29.20
C ILE C 117 -18.43 -8.29 27.84
N LEU C 118 -19.75 -8.44 27.82
CA LEU C 118 -20.50 -8.66 26.59
C LEU C 118 -21.72 -7.75 26.58
N GLY C 119 -21.78 -6.85 25.60
CA GLY C 119 -22.94 -6.02 25.42
C GLY C 119 -24.05 -6.79 24.73
N SER C 120 -25.05 -6.04 24.26
CA SER C 120 -26.18 -6.66 23.59
C SER C 120 -25.73 -7.38 22.33
N THR C 121 -26.22 -8.61 22.14
CA THR C 121 -25.98 -9.45 20.97
C THR C 121 -24.54 -9.92 20.84
N GLU C 122 -23.70 -9.70 21.86
CA GLU C 122 -22.29 -10.03 21.78
C GLU C 122 -22.06 -11.49 22.16
N THR C 123 -20.92 -12.02 21.71
CA THR C 123 -20.62 -13.45 21.87
C THR C 123 -19.15 -13.64 22.24
N THR C 124 -18.88 -14.79 22.85
CA THR C 124 -17.53 -15.23 23.18
C THR C 124 -17.58 -16.75 23.34
N GLY C 125 -16.42 -17.34 23.61
CA GLY C 125 -16.37 -18.78 23.79
C GLY C 125 -14.98 -19.23 24.18
N LEU C 126 -14.84 -20.54 24.35
CA LEU C 126 -13.57 -21.16 24.71
C LEU C 126 -13.61 -22.64 24.37
N SER C 127 -12.50 -23.13 23.83
CA SER C 127 -12.34 -24.56 23.53
C SER C 127 -11.53 -25.22 24.63
N LEU C 128 -11.60 -26.56 24.66
CA LEU C 128 -10.86 -27.30 25.67
C LEU C 128 -9.36 -27.20 25.44
N GLY C 129 -8.93 -27.11 24.18
CA GLY C 129 -7.52 -26.92 23.90
C GLY C 129 -6.98 -25.61 24.48
N ASP C 130 -7.75 -24.53 24.29
CA ASP C 130 -7.36 -23.25 24.90
C ASP C 130 -7.37 -23.35 26.42
N LEU C 131 -8.31 -24.09 26.98
CA LEU C 131 -8.36 -24.30 28.42
C LEU C 131 -7.08 -24.97 28.91
N ASP C 132 -6.67 -26.05 28.23
CA ASP C 132 -5.44 -26.74 28.61
C ASP C 132 -4.23 -25.84 28.43
N THR C 133 -4.22 -25.03 27.38
CA THR C 133 -3.09 -24.12 27.15
C THR C 133 -2.98 -23.10 28.28
N ILE C 134 -4.10 -22.51 28.69
CA ILE C 134 -4.07 -21.53 29.77
C ILE C 134 -3.71 -22.21 31.09
N LYS C 135 -4.23 -23.41 31.33
CA LYS C 135 -3.89 -24.16 32.54
C LYS C 135 -2.40 -24.44 32.62
N GLY C 136 -1.80 -24.86 31.50
CA GLY C 136 -0.36 -25.10 31.49
C GLY C 136 0.45 -23.84 31.63
N ARG C 137 0.05 -22.77 30.94
CA ARG C 137 0.75 -21.50 31.04
C ARG C 137 0.75 -20.98 32.47
N LEU C 138 -0.41 -21.04 33.13
CA LEU C 138 -0.49 -20.63 34.53
C LEU C 138 0.24 -21.60 35.47
N GLY C 139 0.66 -22.76 34.98
CA GLY C 139 1.39 -23.69 35.80
C GLY C 139 0.59 -24.34 36.91
N LEU C 140 -0.74 -24.29 36.83
CA LEU C 140 -1.58 -24.88 37.87
C LEU C 140 -1.45 -26.40 37.86
N ASP C 141 -1.89 -27.00 38.96
CA ASP C 141 -1.77 -28.44 39.14
C ASP C 141 -2.61 -29.18 38.10
N ALA C 142 -1.96 -30.07 37.35
CA ALA C 142 -2.62 -30.84 36.30
C ALA C 142 -3.25 -32.13 36.81
N ARG C 143 -3.12 -32.44 38.09
CA ARG C 143 -3.75 -33.61 38.65
C ARG C 143 -5.28 -33.49 38.48
N PRO C 144 -5.99 -34.62 38.40
CA PRO C 144 -7.44 -34.54 38.22
C PRO C 144 -8.13 -33.75 39.33
N MET C 145 -8.98 -32.81 38.91
CA MET C 145 -9.83 -32.03 39.82
C MET C 145 -9.03 -31.20 40.81
N MET C 146 -7.79 -30.86 40.46
CA MET C 146 -6.99 -29.97 41.29
C MET C 146 -7.00 -28.52 40.80
N ALA C 147 -7.54 -28.26 39.61
CA ALA C 147 -7.64 -26.91 39.07
C ALA C 147 -8.65 -26.93 37.94
N SER C 148 -9.84 -26.39 38.19
CA SER C 148 -10.92 -26.34 37.22
C SER C 148 -11.31 -24.89 36.96
N MET C 149 -11.49 -24.55 35.68
CA MET C 149 -11.90 -23.20 35.34
C MET C 149 -13.39 -23.03 35.59
N TRP C 150 -13.77 -21.82 36.01
CA TRP C 150 -15.15 -21.49 36.30
C TRP C 150 -15.48 -20.15 35.67
N ILE C 151 -16.67 -20.07 35.07
CA ILE C 151 -17.18 -18.85 34.46
C ILE C 151 -18.11 -18.23 35.48
N SER C 152 -17.66 -17.16 36.13
CA SER C 152 -18.52 -16.40 37.03
C SER C 152 -19.24 -15.35 36.19
N CYS C 153 -20.55 -15.47 36.09
CA CYS C 153 -21.37 -14.63 35.22
C CYS C 153 -22.26 -13.75 36.08
N PHE C 154 -22.24 -12.45 35.80
CA PHE C 154 -23.10 -11.45 36.42
C PHE C 154 -23.94 -10.84 35.32
N VAL C 155 -25.24 -11.08 35.39
CA VAL C 155 -26.20 -10.65 34.37
C VAL C 155 -26.83 -9.35 34.83
N ARG C 156 -26.47 -8.24 34.18
CA ARG C 156 -27.09 -6.96 34.43
C ARG C 156 -27.91 -6.57 33.21
N MET C 157 -28.59 -5.42 33.30
CA MET C 157 -29.57 -5.06 32.28
C MET C 157 -28.93 -4.89 30.91
N PRO C 158 -27.97 -3.96 30.69
CA PRO C 158 -27.37 -3.85 29.37
C PRO C 158 -26.34 -4.93 29.08
N ARG C 159 -25.38 -5.09 29.97
CA ARG C 159 -24.20 -5.92 29.77
C ARG C 159 -24.26 -7.18 30.61
N VAL C 160 -23.45 -8.16 30.21
CA VAL C 160 -23.24 -9.40 30.94
C VAL C 160 -21.74 -9.55 31.17
N GLN C 161 -21.33 -9.64 32.43
CA GLN C 161 -19.92 -9.61 32.80
C GLN C 161 -19.48 -10.98 33.30
N LEU C 162 -18.57 -11.62 32.56
CA LEU C 162 -18.07 -12.94 32.91
C LEU C 162 -16.59 -12.88 33.28
N ALA C 163 -16.19 -13.77 34.19
CA ALA C 163 -14.82 -13.88 34.67
C ALA C 163 -14.39 -15.34 34.68
N PHE C 164 -13.27 -15.62 34.00
CA PHE C 164 -12.72 -16.97 33.90
C PHE C 164 -11.71 -17.17 35.04
N ARG C 165 -12.17 -17.72 36.15
CA ARG C 165 -11.31 -17.89 37.31
C ARG C 165 -11.02 -19.36 37.52
N PHE C 166 -9.75 -19.69 37.76
CA PHE C 166 -9.36 -21.08 38.00
C PHE C 166 -9.53 -21.35 39.48
N MET C 167 -10.53 -22.15 39.83
CA MET C 167 -10.80 -22.53 41.21
C MET C 167 -10.26 -23.93 41.47
N GLY C 168 -9.87 -24.18 42.71
CA GLY C 168 -9.28 -25.44 43.07
C GLY C 168 -10.10 -26.19 44.10
N PRO C 169 -9.63 -27.38 44.48
CA PRO C 169 -10.31 -28.13 45.52
C PRO C 169 -10.00 -27.56 46.90
N GLU C 170 -10.83 -27.95 47.86
CA GLU C 170 -10.63 -27.55 49.25
C GLU C 170 -10.13 -28.68 50.13
N ASP C 171 -10.13 -29.92 49.64
CA ASP C 171 -9.65 -31.07 50.41
C ASP C 171 -8.80 -32.01 49.55
N ALA C 172 -8.76 -33.29 49.90
CA ALA C 172 -8.02 -34.28 49.14
C ALA C 172 -9.00 -35.25 48.50
N GLY C 173 -8.86 -35.44 47.19
CA GLY C 173 -9.71 -36.32 46.42
C GLY C 173 -10.02 -37.68 47.02
N ARG C 174 -9.22 -38.12 48.00
CA ARG C 174 -9.31 -39.44 48.64
C ARG C 174 -8.99 -40.55 47.66
N THR C 175 -8.52 -40.21 46.47
CA THR C 175 -8.22 -41.15 45.41
C THR C 175 -6.88 -41.84 45.66
N ARG C 176 -6.63 -42.88 44.87
CA ARG C 176 -5.41 -43.67 44.99
C ARG C 176 -4.19 -42.88 44.52
N CYS D 8 -4.22 -33.82 23.11
CA CYS D 8 -4.74 -33.59 24.45
C CYS D 8 -5.85 -34.57 24.78
N LEU D 9 -5.99 -35.61 23.96
CA LEU D 9 -7.09 -36.55 24.11
C LEU D 9 -6.90 -37.45 25.32
N HIS D 10 -5.74 -38.10 25.43
CA HIS D 10 -5.60 -39.17 26.40
C HIS D 10 -5.46 -38.68 27.84
N GLU D 11 -5.06 -37.43 28.05
CA GLU D 11 -5.23 -36.84 29.38
C GLU D 11 -6.71 -36.80 29.74
N ARG D 12 -7.55 -36.32 28.82
CA ARG D 12 -8.98 -36.32 29.08
C ARG D 12 -9.53 -37.73 29.19
N GLN D 13 -8.83 -38.73 28.63
CA GLN D 13 -9.24 -40.12 28.83
C GLN D 13 -8.89 -40.59 30.24
N ARG D 14 -7.73 -40.15 30.74
CA ARG D 14 -7.34 -40.49 32.10
C ARG D 14 -8.19 -39.73 33.10
N TYR D 15 -8.97 -38.76 32.62
CA TYR D 15 -10.03 -38.19 33.44
C TYR D 15 -11.37 -38.84 33.14
N ARG D 16 -11.48 -39.49 31.97
CA ARG D 16 -12.70 -40.21 31.60
C ARG D 16 -12.91 -41.40 32.51
N GLY D 17 -11.82 -42.10 32.83
CA GLY D 17 -11.92 -43.23 33.75
C GLY D 17 -12.51 -42.79 35.08
N LEU D 18 -12.02 -41.67 35.62
CA LEU D 18 -12.54 -41.13 36.87
C LEU D 18 -14.01 -40.73 36.71
N PHE D 19 -14.34 -40.09 35.58
CA PHE D 19 -15.72 -39.65 35.37
C PHE D 19 -16.66 -40.85 35.32
N ALA D 20 -16.23 -41.94 34.69
CA ALA D 20 -17.05 -43.14 34.62
C ALA D 20 -17.23 -43.76 36.00
N ALA D 21 -16.14 -43.87 36.76
CA ALA D 21 -16.25 -44.41 38.12
C ALA D 21 -17.16 -43.56 38.99
N LEU D 22 -17.14 -42.24 38.79
CA LEU D 22 -17.98 -41.33 39.55
C LEU D 22 -19.44 -41.34 39.11
N ALA D 23 -19.70 -41.62 37.83
CA ALA D 23 -21.05 -41.55 37.29
C ALA D 23 -22.04 -42.45 38.03
N GLN D 24 -21.59 -43.59 38.56
CA GLN D 24 -22.50 -44.49 39.25
C GLN D 24 -23.01 -43.88 40.56
N THR D 25 -22.30 -42.91 41.13
CA THR D 25 -22.70 -42.27 42.38
C THR D 25 -22.70 -40.77 42.16
N PRO D 26 -23.82 -40.21 41.67
CA PRO D 26 -23.88 -38.77 41.41
C PRO D 26 -23.70 -37.91 42.64
N SER D 27 -24.04 -38.41 43.83
CA SER D 27 -23.90 -37.62 45.06
C SER D 27 -22.46 -37.15 45.25
N GLU D 28 -21.51 -38.09 45.19
CA GLU D 28 -20.11 -37.71 45.31
C GLU D 28 -19.68 -36.78 44.20
N GLU D 29 -20.25 -36.92 43.01
CA GLU D 29 -19.91 -36.04 41.90
C GLU D 29 -20.32 -34.60 42.19
N ILE D 30 -21.56 -34.41 42.63
CA ILE D 30 -22.03 -33.07 43.01
C ILE D 30 -21.20 -32.53 44.16
N ALA D 31 -20.86 -33.39 45.13
CA ALA D 31 -20.05 -32.95 46.26
C ALA D 31 -18.70 -32.43 45.78
N ILE D 32 -18.04 -33.17 44.89
CA ILE D 32 -16.75 -32.75 44.36
C ILE D 32 -16.88 -31.43 43.60
N VAL D 33 -17.89 -31.34 42.73
CA VAL D 33 -18.06 -30.15 41.91
C VAL D 33 -18.30 -28.92 42.78
N ARG D 34 -19.10 -29.06 43.83
CA ARG D 34 -19.33 -27.94 44.73
C ARG D 34 -18.13 -27.64 45.62
N SER D 35 -17.24 -28.61 45.82
CA SER D 35 -16.04 -28.41 46.62
C SER D 35 -14.95 -27.64 45.90
N LEU D 36 -15.12 -27.36 44.61
CA LEU D 36 -14.12 -26.65 43.83
C LEU D 36 -14.47 -25.15 43.80
N SER D 37 -14.37 -24.53 44.97
CA SER D 37 -14.71 -23.12 45.11
C SER D 37 -13.65 -22.36 45.91
N VAL D 38 -12.38 -22.49 45.51
CA VAL D 38 -11.30 -21.69 46.06
C VAL D 38 -10.42 -21.21 44.92
N PRO D 39 -10.53 -19.94 44.52
CA PRO D 39 -9.77 -19.45 43.36
C PRO D 39 -8.26 -19.60 43.56
N LEU D 40 -7.61 -20.25 42.61
CA LEU D 40 -6.16 -20.39 42.62
C LEU D 40 -5.46 -19.17 42.06
N VAL D 41 -6.18 -18.28 41.38
CA VAL D 41 -5.64 -17.04 40.84
C VAL D 41 -6.43 -15.91 41.50
N LYS D 42 -5.85 -15.31 42.54
CA LYS D 42 -6.52 -14.26 43.30
C LYS D 42 -6.22 -12.87 42.76
N THR D 43 -4.97 -12.61 42.40
CA THR D 43 -4.55 -11.32 41.87
C THR D 43 -4.32 -11.43 40.37
N THR D 44 -4.92 -10.51 39.62
CA THR D 44 -4.74 -10.42 38.17
C THR D 44 -4.04 -9.12 37.83
N PRO D 45 -2.95 -9.16 37.08
CA PRO D 45 -2.22 -7.91 36.78
C PRO D 45 -3.01 -7.02 35.83
N VAL D 46 -3.07 -5.73 36.15
CA VAL D 46 -3.70 -4.74 35.29
C VAL D 46 -2.67 -3.64 35.01
N SER D 47 -2.92 -2.88 33.94
CA SER D 47 -2.02 -1.82 33.51
C SER D 47 -2.83 -0.58 33.22
N LEU D 48 -2.50 0.53 33.88
CA LEU D 48 -3.19 1.79 33.71
C LEU D 48 -2.78 2.45 32.40
N PRO D 49 -3.68 3.23 31.76
CA PRO D 49 -5.06 3.55 32.16
C PRO D 49 -6.01 2.36 32.07
N PHE D 50 -6.91 2.23 33.05
CA PHE D 50 -7.87 1.13 33.10
C PHE D 50 -9.25 1.69 33.36
N CYS D 51 -10.20 1.34 32.51
CA CYS D 51 -11.58 1.77 32.65
C CYS D 51 -12.33 0.79 33.55
N LEU D 52 -13.09 1.32 34.49
CA LEU D 52 -13.78 0.48 35.47
C LEU D 52 -14.95 -0.30 34.88
N ASP D 53 -15.34 -0.03 33.63
CA ASP D 53 -16.40 -0.81 33.01
C ASP D 53 -16.00 -2.27 32.87
N GLN D 54 -14.70 -2.54 32.73
CA GLN D 54 -14.20 -3.90 32.62
C GLN D 54 -14.09 -4.61 33.97
N THR D 55 -14.50 -3.97 35.06
CA THR D 55 -14.49 -4.60 36.37
C THR D 55 -15.83 -5.30 36.59
N VAL D 56 -15.81 -6.63 36.57
CA VAL D 56 -17.01 -7.38 36.92
C VAL D 56 -17.34 -7.16 38.40
N ALA D 57 -18.59 -7.41 38.74
CA ALA D 57 -18.98 -7.40 40.15
C ALA D 57 -18.09 -8.38 40.93
N ASP D 58 -17.90 -8.09 42.21
CA ASP D 58 -17.02 -8.88 43.07
C ASP D 58 -15.58 -8.80 42.57
N ASN D 59 -15.14 -7.59 42.23
CA ASN D 59 -13.76 -7.33 41.80
C ASN D 59 -13.32 -5.98 42.33
N CYS D 60 -12.16 -5.94 42.98
CA CYS D 60 -11.61 -4.74 43.58
C CYS D 60 -10.32 -4.34 42.88
N LEU D 61 -10.00 -3.05 42.95
CA LEU D 61 -8.83 -2.50 42.25
C LEU D 61 -7.82 -1.98 43.27
N THR D 62 -6.61 -2.55 43.27
CA THR D 62 -5.54 -2.17 44.19
C THR D 62 -4.38 -1.55 43.42
N LEU D 63 -4.37 -0.21 43.34
CA LEU D 63 -3.29 0.55 42.74
C LEU D 63 -2.31 0.97 43.84
N SER D 64 -1.08 0.48 43.78
CA SER D 64 -0.07 0.84 44.78
C SER D 64 1.31 0.71 44.16
N GLY D 65 2.32 1.11 44.95
CA GLY D 65 3.69 0.95 44.49
C GLY D 65 4.07 -0.47 44.18
N MET D 66 3.47 -1.43 44.89
CA MET D 66 3.71 -2.83 44.62
C MET D 66 2.98 -3.32 43.37
N GLY D 67 2.27 -2.46 42.66
CA GLY D 67 1.64 -2.83 41.40
C GLY D 67 0.21 -2.35 41.30
N TYR D 68 -0.28 -2.41 40.07
CA TYR D 68 -1.70 -2.22 39.76
C TYR D 68 -2.31 -3.59 39.53
N TYR D 69 -3.13 -4.06 40.47
CA TYR D 69 -3.70 -5.40 40.31
C TYR D 69 -5.16 -5.43 40.73
N LEU D 70 -5.92 -6.30 40.08
CA LEU D 70 -7.31 -6.55 40.40
C LEU D 70 -7.40 -7.80 41.28
N GLY D 71 -8.37 -7.79 42.19
CA GLY D 71 -8.52 -8.89 43.12
C GLY D 71 -9.96 -9.31 43.24
N ILE D 72 -10.16 -10.62 43.43
CA ILE D 72 -11.50 -11.13 43.69
C ILE D 72 -12.03 -10.53 44.99
N GLY D 73 -13.19 -9.88 44.90
CA GLY D 73 -13.75 -9.21 46.05
C GLY D 73 -14.01 -10.12 47.24
N GLY D 74 -14.27 -11.40 46.98
CA GLY D 74 -14.58 -12.31 48.07
C GLY D 74 -13.38 -12.80 48.85
N CYS D 75 -12.19 -12.72 48.27
CA CYS D 75 -10.98 -13.24 48.89
C CYS D 75 -10.01 -12.15 49.32
N CYS D 76 -10.05 -10.99 48.67
CA CYS D 76 -9.19 -9.87 49.03
C CYS D 76 -9.34 -9.54 50.52
N PRO D 77 -8.23 -9.43 51.27
CA PRO D 77 -8.32 -9.19 52.72
C PRO D 77 -9.12 -7.95 53.10
N ALA D 78 -8.72 -6.78 52.59
CA ALA D 78 -9.44 -5.55 52.94
C ALA D 78 -10.90 -5.64 52.52
N CYS D 79 -11.18 -6.31 51.40
CA CYS D 79 -12.55 -6.52 50.99
C CYS D 79 -13.26 -7.43 51.99
N ASN D 80 -12.59 -8.49 52.43
CA ASN D 80 -13.17 -9.39 53.41
C ASN D 80 -13.47 -8.68 54.72
N ALA D 81 -12.74 -7.60 55.02
CA ALA D 81 -13.07 -6.81 56.20
C ALA D 81 -14.21 -5.86 55.88
N GLY D 82 -14.32 -5.45 54.62
CA GLY D 82 -15.45 -4.72 54.09
C GLY D 82 -15.67 -3.32 54.60
N ASP D 83 -14.81 -2.81 55.49
CA ASP D 83 -14.98 -1.45 56.04
C ASP D 83 -16.34 -1.30 56.71
N GLY D 84 -16.87 -2.39 57.25
CA GLY D 84 -18.17 -2.33 57.90
C GLY D 84 -19.35 -2.30 56.97
N ARG D 85 -19.14 -2.62 55.69
CA ARG D 85 -20.18 -2.68 54.66
C ARG D 85 -20.77 -1.31 54.34
N PHE D 86 -21.26 -0.60 55.36
CA PHE D 86 -21.94 0.69 55.21
C PHE D 86 -23.18 0.59 54.32
N ALA D 87 -23.76 -0.60 54.23
CA ALA D 87 -24.98 -0.87 53.45
C ALA D 87 -24.71 -0.49 52.00
N ALA D 88 -25.76 -0.09 51.28
CA ALA D 88 -25.64 0.30 49.87
C ALA D 88 -26.60 1.45 49.62
N THR D 89 -26.06 2.61 49.26
CA THR D 89 -26.88 3.78 49.01
C THR D 89 -27.84 3.49 47.86
N SER D 90 -29.14 3.51 48.16
CA SER D 90 -30.10 3.27 47.10
C SER D 90 -30.20 4.53 46.25
N ARG D 91 -30.57 4.35 44.99
CA ARG D 91 -30.67 5.48 44.08
C ARG D 91 -31.55 6.58 44.68
N GLU D 92 -32.64 6.18 45.35
CA GLU D 92 -33.53 7.13 46.00
C GLU D 92 -32.79 7.92 47.07
N ALA D 93 -32.00 7.23 47.90
CA ALA D 93 -31.25 7.92 48.94
C ALA D 93 -30.19 8.84 48.34
N LEU D 94 -29.59 8.46 47.22
CA LEU D 94 -28.64 9.35 46.54
C LEU D 94 -29.33 10.62 46.07
N ILE D 95 -30.54 10.50 45.52
CA ILE D 95 -31.28 11.69 45.11
C ILE D 95 -31.63 12.53 46.34
N LEU D 96 -32.02 11.88 47.43
CA LEU D 96 -32.30 12.60 48.68
C LEU D 96 -31.08 13.40 49.13
N ALA D 97 -29.90 12.80 49.08
CA ALA D 97 -28.70 13.53 49.46
C ALA D 97 -28.42 14.70 48.53
N PHE D 98 -28.62 14.50 47.22
CA PHE D 98 -28.45 15.61 46.28
C PHE D 98 -29.37 16.77 46.60
N VAL D 99 -30.62 16.48 46.99
CA VAL D 99 -31.55 17.56 47.28
C VAL D 99 -31.23 18.22 48.62
N GLN D 100 -30.88 17.43 49.64
CA GLN D 100 -30.66 17.93 50.98
C GLN D 100 -29.24 18.42 51.23
N GLN D 101 -28.38 18.44 50.21
CA GLN D 101 -27.02 18.96 50.34
C GLN D 101 -26.92 20.29 51.09
N ILE D 102 -27.95 21.13 50.98
CA ILE D 102 -27.90 22.45 51.61
C ILE D 102 -27.83 22.36 53.13
N ASN D 103 -28.46 21.34 53.72
CA ASN D 103 -28.53 21.21 55.17
C ASN D 103 -27.39 20.38 55.74
N THR D 104 -26.61 19.71 54.90
CA THR D 104 -25.48 18.88 55.30
C THR D 104 -24.18 19.43 54.71
N ILE D 105 -24.03 20.76 54.79
CA ILE D 105 -22.88 21.45 54.20
C ILE D 105 -21.55 20.84 54.66
N PHE D 106 -21.50 20.34 55.89
CA PHE D 106 -20.27 19.70 56.37
C PHE D 106 -20.06 18.33 55.73
N GLU D 107 -21.13 17.60 55.46
CA GLU D 107 -21.00 16.29 54.82
C GLU D 107 -20.52 16.39 53.38
N HIS D 108 -20.65 17.55 52.76
CA HIS D 108 -20.20 17.74 51.38
C HIS D 108 -19.28 18.94 51.31
N ARG D 109 -18.40 19.06 52.32
CA ARG D 109 -17.55 20.25 52.41
C ARG D 109 -16.46 20.23 51.34
N ALA D 110 -15.87 19.07 51.06
CA ALA D 110 -14.82 18.99 50.06
C ALA D 110 -15.32 19.42 48.69
N PHE D 111 -16.51 18.95 48.32
CA PHE D 111 -17.13 19.32 47.04
C PHE D 111 -17.25 20.83 46.91
N LEU D 112 -17.88 21.46 47.89
CA LEU D 112 -18.12 22.90 47.83
C LEU D 112 -16.82 23.69 47.93
N ALA D 113 -15.86 23.20 48.72
CA ALA D 113 -14.58 23.87 48.84
C ALA D 113 -13.82 23.83 47.52
N SER D 114 -13.86 22.70 46.82
CA SER D 114 -13.28 22.63 45.49
C SER D 114 -13.97 23.62 44.56
N LEU D 115 -15.30 23.76 44.68
CA LEU D 115 -16.00 24.74 43.85
C LEU D 115 -15.55 26.17 44.15
N VAL D 116 -15.39 26.50 45.44
CA VAL D 116 -14.94 27.85 45.81
C VAL D 116 -13.52 28.09 45.31
N VAL D 117 -12.64 27.11 45.47
CA VAL D 117 -11.27 27.26 45.02
C VAL D 117 -11.22 27.46 43.50
N LEU D 118 -12.05 26.72 42.77
CA LEU D 118 -12.10 26.93 41.32
C LEU D 118 -12.68 28.30 40.98
N ALA D 119 -13.67 28.76 41.74
CA ALA D 119 -14.25 30.09 41.49
C ALA D 119 -13.21 31.18 41.67
N ASP D 120 -12.33 31.02 42.66
CA ASP D 120 -11.24 31.98 42.81
C ASP D 120 -10.15 31.77 41.77
N ARG D 121 -9.97 30.53 41.33
CA ARG D 121 -8.93 30.19 40.37
C ARG D 121 -9.20 30.78 39.00
N HIS D 122 -10.47 30.83 38.60
CA HIS D 122 -10.86 31.39 37.31
C HIS D 122 -11.46 32.78 37.45
N ASN D 123 -11.33 33.40 38.64
CA ASN D 123 -11.81 34.74 38.94
C ASN D 123 -13.24 34.93 38.44
N ALA D 124 -14.07 33.90 38.64
CA ALA D 124 -15.45 33.80 38.18
C ALA D 124 -16.39 33.78 39.39
N PRO D 125 -17.69 33.91 39.19
CA PRO D 125 -18.63 33.80 40.31
C PRO D 125 -18.85 32.35 40.73
N LEU D 126 -19.13 32.19 42.02
CA LEU D 126 -19.34 30.86 42.59
C LEU D 126 -20.75 30.33 42.36
N GLN D 127 -21.77 31.21 42.30
CA GLN D 127 -23.15 30.73 42.20
C GLN D 127 -23.43 30.04 40.87
N ASP D 128 -22.99 30.63 39.75
CA ASP D 128 -23.23 30.01 38.46
C ASP D 128 -22.42 28.72 38.32
N LEU D 129 -21.20 28.70 38.83
CA LEU D 129 -20.40 27.49 38.80
C LEU D 129 -21.06 26.38 39.61
N LEU D 130 -21.60 26.71 40.78
CA LEU D 130 -22.31 25.72 41.58
C LEU D 130 -23.54 25.20 40.85
N ALA D 131 -24.30 26.11 40.22
CA ALA D 131 -25.48 25.68 39.48
C ALA D 131 -25.10 24.77 38.31
N GLY D 132 -23.99 25.06 37.64
CA GLY D 132 -23.57 24.24 36.53
C GLY D 132 -23.05 22.88 36.95
N ILE D 133 -22.35 22.82 38.08
CA ILE D 133 -21.82 21.54 38.55
C ILE D 133 -22.93 20.66 39.09
N LEU D 134 -23.90 21.26 39.80
CA LEU D 134 -25.02 20.49 40.32
C LEU D 134 -25.96 20.01 39.21
N GLY D 135 -25.92 20.64 38.03
CA GLY D 135 -26.73 20.18 36.92
C GLY D 135 -26.40 18.77 36.46
N GLN D 136 -25.23 18.27 36.82
CA GLN D 136 -24.81 16.89 36.55
C GLN D 136 -24.56 16.25 37.91
N PRO D 137 -25.62 15.83 38.60
CA PRO D 137 -25.47 15.30 39.97
C PRO D 137 -24.69 14.00 40.05
N GLU D 138 -24.39 13.34 38.93
CA GLU D 138 -23.66 12.08 38.99
C GLU D 138 -22.30 12.25 39.65
N LEU D 139 -21.66 13.41 39.49
CA LEU D 139 -20.41 13.66 40.19
C LEU D 139 -20.62 13.72 41.69
N PHE D 140 -21.69 14.39 42.13
CA PHE D 140 -22.03 14.40 43.55
C PHE D 140 -22.37 12.99 44.04
N PHE D 141 -23.01 12.19 43.19
CA PHE D 141 -23.29 10.81 43.55
C PHE D 141 -21.99 10.03 43.77
N VAL D 142 -21.02 10.22 42.88
CA VAL D 142 -19.72 9.56 43.03
C VAL D 142 -19.06 10.00 44.34
N HIS D 143 -19.10 11.31 44.62
CA HIS D 143 -18.56 11.82 45.87
C HIS D 143 -19.18 11.11 47.07
N THR D 144 -20.52 10.99 47.06
CA THR D 144 -21.21 10.35 48.17
C THR D 144 -20.83 8.89 48.29
N ILE D 145 -20.81 8.17 47.16
CA ILE D 145 -20.50 6.74 47.19
C ILE D 145 -19.10 6.50 47.76
N LEU D 146 -18.09 7.17 47.20
CA LEU D 146 -16.72 6.92 47.63
C LEU D 146 -16.37 7.59 48.96
N ARG D 147 -17.28 8.36 49.53
CA ARG D 147 -17.02 8.98 50.82
C ARG D 147 -16.71 7.92 51.86
N GLY D 148 -15.61 8.08 52.57
CA GLY D 148 -15.22 7.12 53.59
C GLY D 148 -14.93 7.80 54.92
N GLY D 149 -15.37 7.17 56.01
CA GLY D 149 -15.05 7.75 57.29
C GLY D 149 -13.57 7.65 57.54
N GLY D 150 -13.01 8.69 58.15
CA GLY D 150 -11.59 8.78 58.34
C GLY D 150 -10.92 9.49 57.18
N ALA D 151 -9.58 9.53 57.29
CA ALA D 151 -8.74 10.15 56.28
C ALA D 151 -9.13 9.73 54.86
N CYS D 152 -9.28 8.43 54.63
CA CYS D 152 -9.61 7.85 53.33
C CYS D 152 -10.64 8.62 52.51
N ASP D 153 -11.35 9.55 53.17
CA ASP D 153 -12.35 10.45 52.61
C ASP D 153 -11.75 11.14 51.38
N PRO D 154 -12.09 10.66 50.18
CA PRO D 154 -11.43 11.12 48.96
C PRO D 154 -11.69 12.57 48.56
N ARG D 155 -10.66 13.19 47.98
CA ARG D 155 -10.72 14.55 47.48
C ARG D 155 -11.33 14.57 46.06
N LEU D 156 -11.77 15.75 45.62
CA LEU D 156 -12.50 15.86 44.37
C LEU D 156 -12.15 17.17 43.64
N LEU D 157 -11.68 17.06 42.40
CA LEU D 157 -11.40 18.20 41.54
C LEU D 157 -12.36 18.23 40.36
N PHE D 158 -12.59 19.43 39.81
CA PHE D 158 -13.52 19.63 38.70
C PHE D 158 -12.84 20.32 37.53
N TYR D 159 -12.92 19.72 36.34
CA TYR D 159 -12.29 20.29 35.16
C TYR D 159 -13.24 20.31 33.97
N PRO D 160 -13.16 21.34 33.12
CA PRO D 160 -14.02 21.39 31.93
C PRO D 160 -13.88 20.13 31.08
N ASP D 161 -14.97 19.74 30.43
CA ASP D 161 -14.98 18.50 29.67
C ASP D 161 -14.88 18.80 28.17
N PRO D 162 -13.80 18.41 27.50
CA PRO D 162 -13.75 18.54 26.04
C PRO D 162 -14.55 17.44 25.38
N THR D 163 -14.86 17.65 24.10
CA THR D 163 -15.61 16.70 23.28
C THR D 163 -16.99 16.39 23.84
N TYR D 164 -17.48 17.17 24.80
CA TYR D 164 -18.78 16.95 25.41
C TYR D 164 -19.20 18.22 26.13
N GLY D 165 -20.46 18.25 26.55
CA GLY D 165 -20.99 19.43 27.20
C GLY D 165 -21.18 19.36 28.70
N GLY D 166 -20.14 19.73 29.45
CA GLY D 166 -20.28 19.89 30.88
C GLY D 166 -18.99 20.01 31.67
N HIS D 167 -18.77 19.10 32.62
CA HIS D 167 -17.61 19.15 33.49
C HIS D 167 -17.27 17.74 33.97
N MET D 168 -16.03 17.32 33.76
CA MET D 168 -15.54 16.05 34.27
C MET D 168 -14.94 16.20 35.67
N LEU D 169 -14.82 15.06 36.36
CA LEU D 169 -14.42 15.00 37.75
C LEU D 169 -13.13 14.20 37.91
N TYR D 170 -12.30 14.60 38.86
CA TYR D 170 -11.06 13.90 39.21
C TYR D 170 -11.13 13.54 40.69
N VAL D 171 -11.35 12.26 41.00
CA VAL D 171 -11.32 11.81 42.38
C VAL D 171 -9.85 11.57 42.76
N ILE D 172 -9.34 12.39 43.67
CA ILE D 172 -7.96 12.31 44.12
C ILE D 172 -7.90 11.52 45.41
N PHE D 173 -7.20 10.40 45.36
CA PHE D 173 -6.97 9.56 46.54
C PHE D 173 -5.64 9.93 47.17
N PRO D 174 -5.61 10.37 48.42
CA PRO D 174 -4.35 10.74 49.06
C PRO D 174 -3.53 9.51 49.45
N GLY D 175 -2.21 9.69 49.45
CA GLY D 175 -1.30 8.63 49.86
C GLY D 175 -0.65 7.92 48.70
N THR D 176 0.06 6.84 49.05
CA THR D 176 0.79 6.02 48.10
C THR D 176 0.05 4.73 47.72
N SER D 177 -1.22 4.61 48.11
CA SER D 177 -1.99 3.41 47.81
C SER D 177 -3.45 3.78 47.64
N ALA D 178 -4.17 2.94 46.89
CA ALA D 178 -5.59 3.17 46.65
C ALA D 178 -6.26 1.83 46.40
N HIS D 179 -7.20 1.48 47.26
CA HIS D 179 -7.99 0.25 47.14
C HIS D 179 -9.44 0.63 46.91
N LEU D 180 -9.96 0.31 45.73
CA LEU D 180 -11.35 0.54 45.37
C LEU D 180 -12.12 -0.76 45.60
N HIS D 181 -13.04 -0.72 46.56
CA HIS D 181 -13.88 -1.86 46.91
C HIS D 181 -14.77 -2.26 45.75
N TYR D 182 -15.09 -3.55 45.67
CA TYR D 182 -15.91 -4.04 44.57
C TYR D 182 -17.33 -3.50 44.66
N LEU D 183 -17.90 -3.46 45.86
CA LEU D 183 -19.22 -2.89 46.04
C LEU D 183 -19.23 -1.40 45.70
N LEU D 184 -18.19 -0.68 46.12
CA LEU D 184 -18.14 0.76 45.84
C LEU D 184 -18.11 1.03 44.33
N ILE D 185 -17.21 0.36 43.61
CA ILE D 185 -17.11 0.59 42.17
C ILE D 185 -18.38 0.12 41.46
N ASP D 186 -18.93 -1.02 41.87
CA ASP D 186 -20.15 -1.51 41.24
C ASP D 186 -21.29 -0.52 41.40
N ARG D 187 -21.46 0.02 42.61
CA ARG D 187 -22.52 0.98 42.85
C ARG D 187 -22.24 2.30 42.14
N MET D 188 -20.96 2.67 41.98
CA MET D 188 -20.63 3.85 41.20
C MET D 188 -21.05 3.68 39.74
N LEU D 189 -20.76 2.51 39.17
CA LEU D 189 -21.09 2.26 37.78
C LEU D 189 -22.59 2.13 37.58
N THR D 190 -23.31 1.61 38.57
CA THR D 190 -24.75 1.43 38.43
C THR D 190 -25.49 2.75 38.66
N ALA D 191 -25.08 3.53 39.64
CA ALA D 191 -25.76 4.78 39.97
C ALA D 191 -25.55 5.83 38.88
N CYS D 192 -24.38 5.84 38.25
CA CYS D 192 -24.03 6.79 37.20
C CYS D 192 -23.82 6.00 35.91
N PRO D 193 -24.87 5.76 35.13
CA PRO D 193 -24.73 4.90 33.94
C PRO D 193 -24.04 5.61 32.79
N GLY D 194 -24.32 6.89 32.60
CA GLY D 194 -23.77 7.64 31.49
C GLY D 194 -22.36 8.17 31.67
N TYR D 195 -21.69 7.85 32.77
CA TYR D 195 -20.35 8.35 33.02
C TYR D 195 -19.35 7.20 33.06
N ARG D 196 -18.18 7.43 32.48
CA ARG D 196 -17.09 6.47 32.42
C ARG D 196 -16.04 6.82 33.47
N PHE D 197 -15.56 5.79 34.16
CA PHE D 197 -14.57 5.91 35.22
C PHE D 197 -13.29 5.23 34.78
N VAL D 198 -12.17 5.96 34.83
CA VAL D 198 -10.88 5.46 34.38
C VAL D 198 -9.84 5.78 35.45
N ALA D 199 -9.12 4.75 35.92
CA ALA D 199 -8.06 4.95 36.89
C ALA D 199 -6.77 5.35 36.18
N HIS D 200 -6.01 6.24 36.80
CA HIS D 200 -4.76 6.72 36.22
C HIS D 200 -3.86 7.22 37.33
N VAL D 201 -2.66 7.67 36.95
CA VAL D 201 -1.68 8.21 37.87
C VAL D 201 -1.16 9.53 37.32
N TRP D 202 -0.95 10.50 38.21
CA TRP D 202 -0.43 11.81 37.83
C TRP D 202 0.40 12.36 38.98
N GLN D 203 1.65 12.71 38.67
CA GLN D 203 2.58 13.25 39.65
C GLN D 203 2.64 12.37 40.90
N SER D 204 2.81 11.06 40.68
CA SER D 204 2.88 10.07 41.76
C SER D 204 1.65 10.12 42.65
N THR D 205 0.48 10.41 42.08
CA THR D 205 -0.77 10.44 42.82
C THR D 205 -1.82 9.67 42.03
N PHE D 206 -2.47 8.71 42.68
CA PHE D 206 -3.51 7.93 42.01
C PHE D 206 -4.78 8.76 41.88
N VAL D 207 -5.44 8.66 40.73
CA VAL D 207 -6.59 9.49 40.41
C VAL D 207 -7.61 8.64 39.67
N LEU D 208 -8.88 9.01 39.82
CA LEU D 208 -9.98 8.37 39.09
C LEU D 208 -10.72 9.43 38.31
N VAL D 209 -10.62 9.37 36.98
CA VAL D 209 -11.24 10.36 36.10
C VAL D 209 -12.64 9.88 35.74
N VAL D 210 -13.62 10.75 35.94
CA VAL D 210 -15.02 10.50 35.64
C VAL D 210 -15.44 11.48 34.55
N ARG D 211 -15.79 10.94 33.38
CA ARG D 211 -16.19 11.76 32.24
C ARG D 211 -17.52 11.28 31.69
N ARG D 212 -18.07 12.03 30.74
CA ARG D 212 -19.32 11.64 30.12
C ARG D 212 -19.06 10.58 29.06
N ASN D 213 -19.95 9.60 28.99
CA ASN D 213 -19.79 8.48 28.08
C ASN D 213 -21.15 8.03 27.56
N ALA D 214 -21.15 7.49 26.34
CA ALA D 214 -22.31 6.87 25.71
C ALA D 214 -23.40 7.87 25.34
N GLU D 215 -23.05 9.15 25.28
CA GLU D 215 -23.95 10.24 24.87
C GLU D 215 -25.20 10.30 25.75
N LYS D 216 -24.96 10.68 27.01
CA LYS D 216 -26.01 10.94 27.99
C LYS D 216 -27.06 9.84 28.20
N PRO D 217 -26.65 8.58 28.39
CA PRO D 217 -27.71 7.60 28.78
C PRO D 217 -28.03 7.72 30.26
N THR D 218 -28.64 8.85 30.64
CA THR D 218 -28.94 9.13 32.03
C THR D 218 -30.35 9.69 32.18
N ASP D 219 -30.98 9.32 33.30
CA ASP D 219 -32.28 9.86 33.67
C ASP D 219 -32.27 11.39 33.60
N ALA D 220 -33.32 11.95 33.00
CA ALA D 220 -33.47 13.39 32.88
C ALA D 220 -34.41 13.98 33.92
N GLU D 221 -35.11 13.14 34.70
CA GLU D 221 -36.06 13.56 35.73
C GLU D 221 -35.37 13.94 37.05
N ILE D 222 -34.07 14.21 37.04
CA ILE D 222 -33.37 14.54 38.29
C ILE D 222 -33.94 15.83 38.86
N PRO D 223 -34.27 15.88 40.16
CA PRO D 223 -34.91 17.08 40.70
C PRO D 223 -33.98 18.29 40.68
N THR D 224 -34.61 19.45 40.76
CA THR D 224 -33.93 20.75 40.73
C THR D 224 -33.67 21.25 42.14
N VAL D 225 -32.42 21.67 42.39
CA VAL D 225 -32.01 22.24 43.66
C VAL D 225 -31.59 23.69 43.42
N SER D 226 -32.04 24.58 44.30
CA SER D 226 -31.74 26.00 44.14
C SER D 226 -30.27 26.28 44.44
N ALA D 227 -29.59 26.93 43.49
CA ALA D 227 -28.18 27.25 43.67
C ALA D 227 -27.97 28.52 44.49
N ALA D 228 -28.93 29.44 44.50
CA ALA D 228 -28.76 30.68 45.25
C ALA D 228 -28.73 30.44 46.75
N ASP D 229 -29.61 29.56 47.25
CA ASP D 229 -29.64 29.28 48.67
C ASP D 229 -28.34 28.62 49.13
N ILE D 230 -27.85 27.66 48.35
CA ILE D 230 -26.58 27.01 48.68
C ILE D 230 -25.44 28.01 48.59
N TYR D 231 -25.50 28.91 47.61
CA TYR D 231 -24.48 29.94 47.46
C TYR D 231 -24.42 30.83 48.70
N CYS D 232 -25.58 31.24 49.20
CA CYS D 232 -25.61 32.06 50.42
C CYS D 232 -25.12 31.28 51.62
N LYS D 233 -25.56 30.03 51.77
CA LYS D 233 -25.12 29.20 52.88
C LYS D 233 -23.61 28.99 52.83
N MET D 234 -23.03 28.97 51.64
CA MET D 234 -21.57 28.96 51.53
C MET D 234 -20.99 30.32 51.93
N ARG D 235 -21.67 31.41 51.56
CA ARG D 235 -21.18 32.74 51.89
C ARG D 235 -21.12 32.98 53.40
N ASP D 236 -22.00 32.36 54.18
CA ASP D 236 -21.92 32.57 55.62
C ASP D 236 -21.02 31.58 56.33
N ILE D 237 -20.77 30.41 55.74
CA ILE D 237 -19.89 29.41 56.34
C ILE D 237 -18.48 29.63 55.82
N SER D 238 -17.52 29.76 56.75
CA SER D 238 -16.12 29.91 56.39
C SER D 238 -15.43 28.55 56.38
N PHE D 239 -14.76 28.24 55.27
CA PHE D 239 -14.08 26.96 55.12
C PHE D 239 -12.68 27.02 55.72
N ASP D 240 -12.15 25.85 56.05
CA ASP D 240 -10.82 25.76 56.64
C ASP D 240 -9.76 26.10 55.60
N GLY D 241 -8.82 26.97 55.99
CA GLY D 241 -7.76 27.36 55.06
C GLY D 241 -6.90 26.21 54.58
N GLY D 242 -6.74 25.18 55.41
CA GLY D 242 -5.93 24.04 55.00
C GLY D 242 -6.54 23.29 53.83
N LEU D 243 -7.85 23.03 53.89
CA LEU D 243 -8.52 22.36 52.79
C LEU D 243 -8.48 23.18 51.51
N MET D 244 -8.69 24.50 51.63
CA MET D 244 -8.64 25.37 50.46
C MET D 244 -7.25 25.40 49.85
N LEU D 245 -6.21 25.47 50.69
CA LEU D 245 -4.85 25.46 50.16
C LEU D 245 -4.51 24.13 49.51
N GLU D 246 -4.96 23.02 50.10
CA GLU D 246 -4.74 21.72 49.49
C GLU D 246 -5.44 21.62 48.13
N TYR D 247 -6.65 22.17 48.03
CA TYR D 247 -7.37 22.14 46.76
C TYR D 247 -6.68 23.03 45.73
N GLN D 248 -6.16 24.18 46.16
CA GLN D 248 -5.40 25.03 45.25
C GLN D 248 -4.17 24.29 44.72
N ARG D 249 -3.45 23.60 45.60
CA ARG D 249 -2.28 22.84 45.16
C ARG D 249 -2.67 21.73 44.19
N LEU D 250 -3.76 21.02 44.48
CA LEU D 250 -4.19 19.94 43.60
C LEU D 250 -4.61 20.48 42.23
N TYR D 251 -5.33 21.61 42.21
CA TYR D 251 -5.72 22.21 40.94
C TYR D 251 -4.49 22.66 40.16
N ALA D 252 -3.52 23.28 40.83
CA ALA D 252 -2.32 23.73 40.14
C ALA D 252 -1.54 22.55 39.57
N THR D 253 -1.52 21.42 40.27
CA THR D 253 -0.80 20.26 39.78
C THR D 253 -1.53 19.59 38.62
N PHE D 254 -2.86 19.54 38.69
CA PHE D 254 -3.66 18.85 37.68
C PHE D 254 -4.13 19.76 36.56
N ASP D 255 -3.76 21.05 36.56
CA ASP D 255 -4.11 21.92 35.45
C ASP D 255 -3.48 21.46 34.13
N GLU D 256 -2.41 20.68 34.20
CA GLU D 256 -1.74 20.18 33.00
C GLU D 256 -1.84 18.66 32.94
N PHE D 257 -3.05 18.13 32.99
CA PHE D 257 -3.28 16.69 33.03
C PHE D 257 -3.99 16.24 31.76
N PRO D 258 -3.37 15.39 30.94
CA PRO D 258 -4.05 14.88 29.74
C PRO D 258 -5.22 14.00 30.12
N PRO D 259 -6.44 14.41 29.78
CA PRO D 259 -7.62 13.62 30.15
C PRO D 259 -7.64 12.28 29.44
N PRO D 260 -7.76 11.18 30.18
CA PRO D 260 -7.85 9.84 29.57
C PRO D 260 -9.25 9.52 29.07
N PRO E 12 15.55 -28.60 47.28
CA PRO E 12 14.14 -28.69 46.89
C PRO E 12 13.25 -27.76 47.74
N ALA E 13 13.79 -26.61 48.13
CA ALA E 13 13.10 -25.66 48.99
C ALA E 13 12.74 -24.43 48.16
N PHE E 14 11.45 -24.26 47.87
CA PHE E 14 11.00 -23.09 47.13
C PHE E 14 11.25 -21.81 47.91
N GLU E 15 10.99 -21.82 49.22
CA GLU E 15 11.21 -20.63 50.02
C GLU E 15 12.70 -20.39 50.27
N GLY E 16 13.51 -21.45 50.23
CA GLY E 16 14.95 -21.28 50.37
C GLY E 16 15.51 -20.39 49.27
N LEU E 17 15.00 -20.55 48.04
CA LEU E 17 15.44 -19.71 46.94
C LEU E 17 15.07 -18.26 47.18
N VAL E 18 13.85 -17.99 47.65
CA VAL E 18 13.43 -16.62 47.91
C VAL E 18 14.26 -16.00 49.01
N GLN E 19 14.58 -16.77 50.05
CA GLN E 19 15.43 -16.25 51.12
C GLN E 19 16.84 -15.95 50.61
N ARG E 20 17.41 -16.85 49.80
CA ARG E 20 18.72 -16.61 49.22
C ARG E 20 18.72 -15.34 48.37
N ILE E 21 17.71 -15.19 47.52
CA ILE E 21 17.62 -14.01 46.64
C ILE E 21 17.51 -12.74 47.48
N ARG E 22 16.65 -12.76 48.50
CA ARG E 22 16.54 -11.59 49.38
C ARG E 22 17.87 -11.26 50.04
N LEU E 23 18.63 -12.29 50.44
CA LEU E 23 19.96 -12.06 50.97
C LEU E 23 20.87 -11.38 49.95
N ILE E 24 20.82 -11.84 48.70
CA ILE E 24 21.73 -11.31 47.68
C ILE E 24 21.35 -9.88 47.32
N VAL E 25 20.05 -9.62 47.19
CA VAL E 25 19.58 -8.27 46.84
C VAL E 25 19.80 -7.34 48.03
N PRO E 26 20.21 -6.09 47.82
CA PRO E 26 20.41 -5.17 48.94
C PRO E 26 19.14 -4.96 49.76
N SER E 27 19.34 -4.42 50.97
CA SER E 27 18.23 -4.27 51.91
C SER E 27 17.29 -3.13 51.53
N THR E 28 17.82 -2.08 50.89
CA THR E 28 17.00 -0.92 50.56
C THR E 28 15.84 -1.28 49.64
N LEU E 29 15.98 -2.34 48.85
CA LEU E 29 14.94 -2.80 47.94
C LEU E 29 13.91 -3.62 48.74
N ARG E 30 13.04 -2.89 49.43
CA ARG E 30 11.99 -3.51 50.23
C ARG E 30 11.16 -4.47 49.37
N GLY E 31 11.06 -5.71 49.83
CA GLY E 31 10.26 -6.71 49.15
C GLY E 31 10.66 -8.11 49.58
N GLY E 32 10.42 -9.07 48.68
CA GLY E 32 10.71 -10.46 48.94
C GLY E 32 9.52 -11.39 48.91
N ASP E 33 8.30 -10.86 48.82
CA ASP E 33 7.10 -11.68 48.84
C ASP E 33 7.14 -12.74 47.74
N GLY E 34 6.40 -13.82 47.97
CA GLY E 34 6.29 -14.91 47.02
C GLY E 34 5.44 -14.55 45.82
N GLU E 35 4.12 -14.43 46.01
CA GLU E 35 3.16 -14.09 44.97
C GLU E 35 3.17 -15.11 43.82
N ALA E 36 3.70 -16.30 44.06
CA ALA E 36 3.75 -17.34 43.05
C ALA E 36 3.12 -18.66 43.47
N GLY E 37 2.76 -18.82 44.74
CA GLY E 37 2.18 -20.04 45.22
C GLY E 37 3.21 -21.14 45.33
N PRO E 38 2.86 -22.26 45.93
CA PRO E 38 3.81 -23.38 46.05
C PRO E 38 4.30 -23.88 44.69
N TYR E 39 5.62 -23.94 44.53
CA TYR E 39 6.24 -24.35 43.27
C TYR E 39 7.46 -25.20 43.58
N SER E 40 7.62 -26.29 42.83
CA SER E 40 8.71 -27.23 42.99
C SER E 40 9.73 -27.06 41.88
N PRO E 41 10.98 -27.54 42.08
CA PRO E 41 12.01 -27.38 41.03
C PRO E 41 11.59 -27.93 39.68
N SER E 42 10.65 -28.87 39.68
CA SER E 42 10.13 -29.43 38.44
C SER E 42 8.97 -28.62 37.87
N SER E 43 8.06 -28.15 38.73
CA SER E 43 6.90 -27.39 38.31
C SER E 43 7.15 -25.91 38.61
N LEU E 44 7.28 -25.11 37.55
CA LEU E 44 7.58 -23.69 37.73
C LEU E 44 6.35 -22.84 37.43
N PRO E 45 6.14 -21.76 38.18
CA PRO E 45 4.94 -20.95 38.01
C PRO E 45 5.14 -19.87 36.95
N SER E 46 4.02 -19.27 36.53
CA SER E 46 4.03 -18.12 35.64
C SER E 46 3.90 -16.81 36.38
N ARG E 47 3.97 -16.83 37.71
CA ARG E 47 3.89 -15.64 38.53
C ARG E 47 5.27 -15.32 39.07
N CYS E 48 5.46 -14.05 39.45
CA CYS E 48 6.76 -13.60 39.93
C CYS E 48 7.16 -14.37 41.18
N ALA E 49 8.34 -15.00 41.12
CA ALA E 49 8.82 -15.75 42.28
C ALA E 49 9.25 -14.82 43.41
N PHE E 50 9.75 -13.63 43.08
CA PHE E 50 10.13 -12.63 44.05
C PHE E 50 9.66 -11.26 43.56
N GLN E 51 9.35 -10.39 44.52
CA GLN E 51 8.85 -9.05 44.20
C GLN E 51 9.52 -8.04 45.12
N PHE E 52 10.39 -7.22 44.56
CA PHE E 52 11.05 -6.14 45.28
C PHE E 52 10.47 -4.80 44.83
N HIS E 53 10.65 -3.79 45.68
CA HIS E 53 10.16 -2.46 45.34
C HIS E 53 11.00 -1.42 46.05
N GLY E 54 11.18 -0.28 45.38
CA GLY E 54 11.93 0.82 45.94
C GLY E 54 11.13 2.10 45.89
N HIS E 55 11.48 3.01 46.81
CA HIS E 55 10.75 4.26 46.98
C HIS E 55 11.44 5.37 46.19
N ASP E 56 11.02 6.61 46.41
CA ASP E 56 11.61 7.73 45.68
C ASP E 56 13.04 7.96 46.16
N GLY E 57 13.96 8.04 45.21
CA GLY E 57 15.35 8.24 45.54
C GLY E 57 16.12 6.98 45.88
N SER E 58 15.58 5.81 45.55
CA SER E 58 16.25 4.54 45.83
C SER E 58 17.33 4.31 44.79
N ASP E 59 18.49 4.94 45.02
CA ASP E 59 19.63 4.81 44.12
C ASP E 59 20.37 3.51 44.45
N GLU E 60 19.75 2.40 44.07
CA GLU E 60 20.19 1.10 44.53
C GLU E 60 20.50 0.18 43.36
N SER E 61 21.27 -0.86 43.65
CA SER E 61 21.71 -1.81 42.64
C SER E 61 21.03 -3.16 42.84
N PHE E 62 20.79 -3.85 41.74
CA PHE E 62 20.12 -5.16 41.74
C PHE E 62 21.00 -6.16 41.02
N PRO E 63 21.37 -7.28 41.65
CA PRO E 63 22.13 -8.31 40.93
C PRO E 63 21.25 -9.20 40.08
N ILE E 64 20.98 -8.78 38.84
CA ILE E 64 20.03 -9.50 38.00
C ILE E 64 20.63 -10.83 37.54
N GLU E 65 21.88 -10.81 37.07
CA GLU E 65 22.50 -12.02 36.55
C GLU E 65 22.57 -13.10 37.63
N TYR E 66 22.96 -12.72 38.85
CA TYR E 66 23.09 -13.70 39.93
C TYR E 66 21.74 -14.35 40.25
N VAL E 67 20.69 -13.53 40.39
CA VAL E 67 19.39 -14.08 40.76
C VAL E 67 18.85 -14.97 39.63
N LEU E 68 19.01 -14.55 38.37
CA LEU E 68 18.51 -15.37 37.28
C LEU E 68 19.26 -16.69 37.16
N ARG E 69 20.59 -16.65 37.30
CA ARG E 69 21.36 -17.88 37.25
C ARG E 69 21.02 -18.79 38.43
N LEU E 70 20.75 -18.21 39.60
CA LEU E 70 20.34 -19.01 40.75
C LEU E 70 18.99 -19.67 40.52
N MET E 71 18.04 -18.92 39.94
CA MET E 71 16.74 -19.52 39.60
C MET E 71 16.90 -20.66 38.61
N ASN E 72 17.73 -20.47 37.58
CA ASN E 72 17.98 -21.55 36.63
C ASN E 72 18.63 -22.74 37.31
N ASP E 73 19.52 -22.48 38.27
CA ASP E 73 20.17 -23.57 39.01
C ASP E 73 19.15 -24.38 39.81
N TRP E 74 18.31 -23.71 40.60
CA TRP E 74 17.38 -24.42 41.47
C TRP E 74 16.43 -25.29 40.67
N ALA E 75 15.95 -24.79 39.53
CA ALA E 75 15.03 -25.56 38.71
C ALA E 75 15.79 -26.62 37.92
N GLU E 76 15.22 -27.83 37.88
CA GLU E 76 15.81 -28.93 37.14
C GLU E 76 15.08 -29.19 35.82
N VAL E 77 14.31 -28.22 35.35
CA VAL E 77 13.61 -28.32 34.06
C VAL E 77 14.11 -27.16 33.21
N PRO E 78 14.32 -27.36 31.91
CA PRO E 78 14.75 -26.25 31.05
C PRO E 78 13.80 -25.06 31.16
N CYS E 79 14.37 -23.88 31.27
CA CYS E 79 13.60 -22.66 31.48
C CYS E 79 14.48 -21.47 31.10
N ASN E 80 13.88 -20.28 31.16
CA ASN E 80 14.59 -19.04 30.90
C ASN E 80 14.13 -18.02 31.93
N PRO E 81 14.81 -17.95 33.07
CA PRO E 81 14.44 -16.97 34.09
C PRO E 81 14.42 -15.56 33.51
N TYR E 82 13.55 -14.72 34.08
CA TYR E 82 13.26 -13.42 33.49
C TYR E 82 12.98 -12.44 34.60
N LEU E 83 13.45 -11.22 34.42
CA LEU E 83 13.19 -10.13 35.35
C LEU E 83 12.38 -9.05 34.63
N ARG E 84 11.50 -8.41 35.39
CA ARG E 84 10.62 -7.36 34.87
C ARG E 84 10.73 -6.16 35.79
N ILE E 85 10.87 -4.98 35.20
CA ILE E 85 11.01 -3.73 35.92
C ILE E 85 9.88 -2.81 35.50
N GLN E 86 9.18 -2.25 36.50
CA GLN E 86 8.05 -1.38 36.24
C GLN E 86 8.25 -0.11 37.05
N ASN E 87 8.15 1.04 36.38
CA ASN E 87 8.24 2.31 37.09
C ASN E 87 7.00 2.56 37.94
N THR E 88 5.91 1.89 37.62
CA THR E 88 4.63 1.98 38.32
C THR E 88 4.27 3.47 38.42
N GLY E 89 3.59 3.86 39.49
CA GLY E 89 3.18 5.25 39.70
C GLY E 89 3.88 5.91 40.87
N VAL E 90 4.33 5.13 41.85
CA VAL E 90 4.93 5.73 43.05
C VAL E 90 6.21 5.01 43.50
N SER E 91 6.59 3.93 42.83
CA SER E 91 7.73 3.14 43.30
C SER E 91 8.17 2.16 42.22
N VAL E 92 9.49 1.93 42.15
CA VAL E 92 10.02 0.95 41.20
C VAL E 92 9.70 -0.45 41.68
N LEU E 93 9.34 -1.33 40.74
CA LEU E 93 8.92 -2.70 41.07
C LEU E 93 9.72 -3.69 40.24
N PHE E 94 10.47 -4.57 40.91
CA PHE E 94 11.18 -5.67 40.28
C PHE E 94 10.41 -6.98 40.53
N GLN E 95 10.19 -7.74 39.46
CA GLN E 95 9.50 -9.03 39.52
C GLN E 95 10.34 -10.10 38.85
N GLY E 96 10.36 -11.30 39.45
CA GLY E 96 11.14 -12.41 38.90
C GLY E 96 10.32 -13.61 38.50
N PHE E 97 10.17 -13.84 37.20
CA PHE E 97 9.41 -14.96 36.68
C PHE E 97 10.33 -16.07 36.20
N PHE E 98 9.91 -17.33 36.41
CA PHE E 98 10.68 -18.47 35.94
C PHE E 98 10.60 -18.67 34.43
N HIS E 99 9.57 -18.15 33.78
CA HIS E 99 9.44 -18.23 32.33
C HIS E 99 9.00 -16.88 31.80
N ARG E 100 9.42 -16.59 30.56
CA ARG E 100 9.15 -15.32 29.92
C ARG E 100 7.65 -15.01 29.94
N PRO E 101 7.23 -13.90 30.52
CA PRO E 101 5.83 -13.49 30.42
C PRO E 101 5.50 -12.97 29.04
N HIS E 102 4.20 -12.86 28.80
CA HIS E 102 3.69 -12.32 27.55
C HIS E 102 3.11 -10.95 27.85
N ASN E 103 2.97 -10.14 26.81
CA ASN E 103 2.42 -8.78 26.88
C ASN E 103 3.42 -7.83 27.52
N ALA E 104 4.67 -8.27 27.70
CA ALA E 104 5.77 -7.53 28.31
C ALA E 104 6.95 -7.51 27.35
N PRO E 105 7.60 -6.36 27.16
CA PRO E 105 8.75 -6.30 26.25
C PRO E 105 9.89 -7.23 26.66
N GLY E 106 10.30 -8.08 25.74
CA GLY E 106 11.39 -9.01 25.94
C GLY E 106 12.76 -8.38 26.13
N GLY E 107 13.50 -8.24 25.03
CA GLY E 107 14.81 -7.64 25.08
C GLY E 107 14.83 -6.13 24.92
N ALA E 108 14.46 -5.41 25.97
CA ALA E 108 14.56 -3.96 25.89
C ALA E 108 15.93 -3.44 26.29
N ILE E 109 16.89 -4.34 26.55
CA ILE E 109 18.26 -3.98 26.86
C ILE E 109 19.12 -4.45 25.68
N THR E 110 19.42 -3.54 24.77
CA THR E 110 20.31 -3.76 23.64
C THR E 110 21.72 -3.24 23.95
N PRO E 111 22.78 -3.90 23.44
CA PRO E 111 24.14 -3.39 23.64
C PRO E 111 24.25 -1.90 23.29
N GLU E 112 25.31 -1.23 23.75
CA GLU E 112 25.48 0.20 23.60
C GLU E 112 24.25 1.01 24.03
N ARG E 113 23.30 0.38 24.71
CA ARG E 113 22.08 1.01 25.21
C ARG E 113 21.88 0.61 26.68
N THR E 114 22.94 0.74 27.47
CA THR E 114 22.87 0.41 28.89
C THR E 114 21.86 1.28 29.62
N ASN E 115 21.79 2.56 29.25
CA ASN E 115 20.87 3.48 29.90
C ASN E 115 19.44 3.26 29.39
N VAL E 116 18.47 3.32 30.31
CA VAL E 116 17.06 3.19 29.98
C VAL E 116 16.28 4.08 30.94
N ILE E 117 15.22 4.71 30.45
CA ILE E 117 14.36 5.53 31.30
C ILE E 117 12.95 4.96 31.24
N LEU E 118 12.22 5.11 32.35
CA LEU E 118 10.85 4.62 32.46
C LEU E 118 9.97 5.70 33.03
N GLY E 119 8.99 6.14 32.24
CA GLY E 119 7.99 7.08 32.70
C GLY E 119 6.90 6.39 33.49
N SER E 120 5.80 7.11 33.69
CA SER E 120 4.68 6.57 34.47
C SER E 120 4.09 5.35 33.78
N THR E 121 3.86 4.30 34.58
CA THR E 121 3.21 3.05 34.17
C THR E 121 3.99 2.26 33.13
N GLU E 122 5.23 2.65 32.84
CA GLU E 122 6.01 1.99 31.80
C GLU E 122 6.72 0.75 32.37
N THR E 123 7.09 -0.15 31.47
CA THR E 123 7.63 -1.45 31.84
C THR E 123 8.80 -1.82 30.93
N THR E 124 9.63 -2.72 31.44
CA THR E 124 10.74 -3.29 30.69
C THR E 124 11.09 -4.63 31.32
N GLY E 125 12.06 -5.33 30.73
CA GLY E 125 12.45 -6.61 31.27
C GLY E 125 13.61 -7.19 30.51
N LEU E 126 14.06 -8.36 30.98
CA LEU E 126 15.18 -9.06 30.37
C LEU E 126 15.15 -10.52 30.80
N SER E 127 15.45 -11.42 29.86
CA SER E 127 15.55 -12.84 30.14
C SER E 127 17.02 -13.24 30.28
N LEU E 128 17.23 -14.41 30.88
CA LEU E 128 18.60 -14.90 31.06
C LEU E 128 19.26 -15.21 29.73
N GLY E 129 18.50 -15.70 28.75
CA GLY E 129 19.07 -15.95 27.44
C GLY E 129 19.57 -14.69 26.78
N ASP E 130 18.75 -13.63 26.81
CA ASP E 130 19.18 -12.35 26.26
C ASP E 130 20.38 -11.79 27.00
N LEU E 131 20.41 -11.97 28.32
CA LEU E 131 21.55 -11.50 29.12
C LEU E 131 22.83 -12.22 28.70
N ASP E 132 22.78 -13.55 28.58
CA ASP E 132 23.96 -14.30 28.18
C ASP E 132 24.39 -13.94 26.76
N THR E 133 23.42 -13.74 25.85
CA THR E 133 23.77 -13.36 24.48
C THR E 133 24.46 -12.00 24.44
N ILE E 134 23.93 -11.03 25.20
CA ILE E 134 24.55 -9.70 25.22
C ILE E 134 25.94 -9.77 25.85
N LYS E 135 26.08 -10.58 26.90
CA LYS E 135 27.40 -10.77 27.51
C LYS E 135 28.39 -11.35 26.52
N GLY E 136 27.96 -12.32 25.71
CA GLY E 136 28.83 -12.88 24.70
C GLY E 136 29.18 -11.90 23.59
N ARG E 137 28.19 -11.12 23.14
CA ARG E 137 28.44 -10.13 22.10
C ARG E 137 29.50 -9.11 22.53
N LEU E 138 29.42 -8.64 23.77
CA LEU E 138 30.42 -7.72 24.29
C LEU E 138 31.78 -8.37 24.48
N GLY E 139 31.87 -9.69 24.36
CA GLY E 139 33.14 -10.37 24.50
C GLY E 139 33.71 -10.37 25.89
N LEU E 140 32.90 -10.10 26.91
CA LEU E 140 33.37 -10.11 28.28
C LEU E 140 33.72 -11.53 28.70
N ASP E 141 34.47 -11.64 29.81
CA ASP E 141 34.92 -12.93 30.28
C ASP E 141 33.72 -13.80 30.68
N ALA E 142 33.61 -14.96 30.05
CA ALA E 142 32.51 -15.89 30.30
C ALA E 142 32.81 -16.87 31.43
N ARG E 143 34.01 -16.84 31.99
CA ARG E 143 34.34 -17.70 33.12
C ARG E 143 33.42 -17.39 34.30
N PRO E 144 33.22 -18.36 35.19
CA PRO E 144 32.32 -18.14 36.33
C PRO E 144 32.75 -16.96 37.19
N MET E 145 31.79 -16.08 37.48
CA MET E 145 31.98 -14.94 38.39
C MET E 145 33.02 -13.95 37.89
N MET E 146 33.26 -13.92 36.58
CA MET E 146 34.14 -12.93 35.99
C MET E 146 33.42 -11.74 35.38
N ALA E 147 32.09 -11.82 35.25
CA ALA E 147 31.30 -10.72 34.69
C ALA E 147 29.84 -10.94 35.05
N SER E 148 29.32 -10.16 35.98
CA SER E 148 27.93 -10.27 36.43
C SER E 148 27.22 -8.95 36.16
N MET E 149 26.00 -9.02 35.63
CA MET E 149 25.26 -7.82 35.33
C MET E 149 24.63 -7.24 36.59
N TRP E 150 24.56 -5.91 36.64
CA TRP E 150 23.97 -5.20 37.77
C TRP E 150 23.08 -4.10 37.21
N ILE E 151 21.89 -3.97 37.77
CA ILE E 151 20.93 -2.93 37.38
C ILE E 151 21.02 -1.83 38.43
N SER E 152 21.65 -0.71 38.08
CA SER E 152 21.69 0.45 38.96
C SER E 152 20.47 1.33 38.65
N CYS E 153 19.58 1.45 39.62
CA CYS E 153 18.31 2.16 39.46
C CYS E 153 18.29 3.40 40.32
N PHE E 154 17.91 4.53 39.72
CA PHE E 154 17.68 5.78 40.42
C PHE E 154 16.22 6.17 40.19
N VAL E 155 15.43 6.16 41.27
CA VAL E 155 14.00 6.43 41.19
C VAL E 155 13.82 7.90 41.54
N ARG E 156 13.71 8.76 40.52
CA ARG E 156 13.43 10.17 40.74
C ARG E 156 12.09 10.44 40.04
N MET E 157 11.01 10.53 40.80
CA MET E 157 9.71 10.58 40.19
C MET E 157 9.57 11.82 39.31
N PRO E 158 8.74 11.75 38.26
CA PRO E 158 7.91 10.63 37.82
C PRO E 158 8.70 9.49 37.16
N ARG E 159 10.02 9.61 37.01
CA ARG E 159 10.81 8.70 36.21
C ARG E 159 11.66 7.75 37.06
N VAL E 160 12.02 6.62 36.42
CA VAL E 160 12.97 5.68 36.98
C VAL E 160 14.06 5.45 35.94
N GLN E 161 15.31 5.71 36.30
CA GLN E 161 16.43 5.65 35.38
C GLN E 161 17.28 4.44 35.73
N LEU E 162 17.39 3.50 34.79
CA LEU E 162 18.11 2.25 35.00
C LEU E 162 19.36 2.22 34.13
N ALA E 163 20.40 1.58 34.66
CA ALA E 163 21.65 1.36 33.94
C ALA E 163 22.04 -0.09 34.13
N PHE E 164 22.12 -0.84 33.03
CA PHE E 164 22.46 -2.26 33.06
C PHE E 164 23.94 -2.39 32.76
N ARG E 165 24.75 -2.40 33.82
CA ARG E 165 26.20 -2.38 33.69
C ARG E 165 26.80 -3.71 34.14
N PHE E 166 27.75 -4.22 33.37
CA PHE E 166 28.42 -5.46 33.70
C PHE E 166 29.55 -5.15 34.67
N MET E 167 29.40 -5.57 35.93
CA MET E 167 30.41 -5.37 36.94
C MET E 167 31.22 -6.66 37.11
N GLY E 168 32.48 -6.51 37.49
CA GLY E 168 33.35 -7.66 37.60
C GLY E 168 33.87 -7.89 39.00
N PRO E 169 34.62 -8.97 39.17
CA PRO E 169 35.20 -9.28 40.47
C PRO E 169 36.42 -8.40 40.75
N GLU E 170 36.82 -8.41 42.02
CA GLU E 170 38.01 -7.68 42.46
C GLU E 170 39.21 -8.59 42.69
N ASP E 171 39.01 -9.91 42.70
CA ASP E 171 40.11 -10.84 42.87
C ASP E 171 40.00 -12.02 41.92
N ALA E 172 40.55 -13.17 42.30
CA ALA E 172 40.45 -14.37 41.50
C ALA E 172 39.83 -15.53 42.26
N GLY E 173 39.93 -15.54 43.58
CA GLY E 173 39.38 -16.57 44.45
C GLY E 173 39.89 -17.95 44.10
N ARG E 174 39.10 -18.96 44.45
CA ARG E 174 39.45 -20.35 44.22
C ARG E 174 38.89 -20.78 42.87
N THR E 175 39.76 -21.29 42.00
CA THR E 175 39.37 -21.75 40.68
C THR E 175 40.11 -23.05 40.38
N ARG E 176 39.37 -24.15 40.27
CA ARG E 176 39.96 -25.44 39.99
C ARG E 176 39.33 -26.09 38.76
N CYS F 8 20.33 -22.39 27.78
CA CYS F 8 20.89 -21.92 29.04
C CYS F 8 21.30 -23.09 29.93
N LEU F 9 21.43 -24.28 29.33
CA LEU F 9 21.82 -25.45 30.10
C LEU F 9 23.31 -25.48 30.39
N HIS F 10 24.14 -24.95 29.49
CA HIS F 10 25.58 -24.91 29.74
C HIS F 10 25.89 -24.04 30.95
N GLU F 11 25.18 -22.93 31.09
CA GLU F 11 25.30 -22.09 32.29
C GLU F 11 24.94 -22.88 33.53
N ARG F 12 23.83 -23.61 33.48
CA ARG F 12 23.41 -24.41 34.64
C ARG F 12 24.45 -25.45 34.98
N GLN F 13 25.09 -26.04 33.98
CA GLN F 13 26.12 -27.05 34.21
C GLN F 13 27.34 -26.43 34.88
N ARG F 14 28.01 -25.50 34.20
CA ARG F 14 29.22 -24.93 34.76
C ARG F 14 28.99 -24.02 35.96
N TYR F 15 27.74 -23.72 36.34
CA TYR F 15 27.49 -22.96 37.55
C TYR F 15 26.87 -23.75 38.70
N ARG F 16 26.39 -24.98 38.47
CA ARG F 16 25.73 -25.71 39.54
C ARG F 16 26.67 -26.01 40.70
N GLY F 17 27.90 -26.46 40.40
CA GLY F 17 28.85 -26.72 41.46
C GLY F 17 29.14 -25.48 42.29
N LEU F 18 29.37 -24.35 41.63
CA LEU F 18 29.67 -23.11 42.33
C LEU F 18 28.49 -22.67 43.19
N PHE F 19 27.28 -22.73 42.64
CA PHE F 19 26.10 -22.31 43.40
C PHE F 19 25.87 -23.22 44.61
N ALA F 20 26.09 -24.52 44.44
CA ALA F 20 25.92 -25.45 45.55
C ALA F 20 26.96 -25.19 46.64
N ALA F 21 28.22 -25.00 46.24
CA ALA F 21 29.26 -24.69 47.22
C ALA F 21 28.97 -23.37 47.94
N LEU F 22 28.37 -22.40 47.24
CA LEU F 22 28.05 -21.14 47.88
C LEU F 22 26.87 -21.25 48.84
N ALA F 23 25.92 -22.14 48.54
CA ALA F 23 24.77 -22.32 49.41
C ALA F 23 25.16 -22.72 50.83
N GLN F 24 26.26 -23.47 50.97
CA GLN F 24 26.68 -23.91 52.30
C GLN F 24 27.17 -22.76 53.17
N THR F 25 27.67 -21.69 52.57
CA THR F 25 28.22 -20.55 53.31
C THR F 25 27.64 -19.26 52.77
N PRO F 26 26.49 -18.82 53.28
CA PRO F 26 25.89 -17.57 52.79
C PRO F 26 26.77 -16.35 52.98
N SER F 27 27.62 -16.33 54.02
CA SER F 27 28.51 -15.19 54.25
C SER F 27 29.42 -14.97 53.05
N GLU F 28 30.09 -16.03 52.59
CA GLU F 28 30.95 -15.91 51.41
C GLU F 28 30.15 -15.50 50.19
N GLU F 29 28.89 -15.94 50.09
CA GLU F 29 28.06 -15.57 48.95
C GLU F 29 27.78 -14.07 48.94
N ILE F 30 27.38 -13.52 50.09
CA ILE F 30 27.12 -12.09 50.20
C ILE F 30 28.40 -11.30 49.93
N ALA F 31 29.53 -11.78 50.46
CA ALA F 31 30.81 -11.10 50.22
C ALA F 31 31.16 -11.08 48.74
N ILE F 32 31.03 -12.23 48.06
CA ILE F 32 31.38 -12.31 46.64
C ILE F 32 30.46 -11.41 45.82
N VAL F 33 29.14 -11.51 46.02
CA VAL F 33 28.23 -10.70 45.23
C VAL F 33 28.47 -9.22 45.48
N ARG F 34 28.78 -8.85 46.73
CA ARG F 34 29.08 -7.46 47.02
C ARG F 34 30.44 -7.05 46.45
N SER F 35 31.32 -8.01 46.20
CA SER F 35 32.62 -7.73 45.59
C SER F 35 32.52 -7.50 44.09
N LEU F 36 31.34 -7.69 43.50
CA LEU F 36 31.14 -7.52 42.07
C LEU F 36 30.69 -6.09 41.78
N SER F 37 31.60 -5.15 42.06
CA SER F 37 31.37 -3.73 41.89
C SER F 37 32.56 -3.10 41.19
N VAL F 38 32.92 -3.65 40.03
CA VAL F 38 33.98 -3.10 39.19
C VAL F 38 33.45 -3.07 37.75
N PRO F 39 33.03 -1.91 37.26
CA PRO F 39 32.45 -1.85 35.91
C PRO F 39 33.46 -2.28 34.85
N LEU F 40 33.09 -3.28 34.05
CA LEU F 40 33.93 -3.72 32.95
C LEU F 40 33.72 -2.87 31.70
N VAL F 41 32.62 -2.13 31.63
CA VAL F 41 32.33 -1.23 30.51
C VAL F 41 32.14 0.15 31.11
N LYS F 42 33.17 0.98 31.02
CA LYS F 42 33.12 2.32 31.58
C LYS F 42 32.61 3.36 30.58
N THR F 43 33.01 3.25 29.33
CA THR F 43 32.60 4.18 28.29
C THR F 43 31.53 3.53 27.42
N THR F 44 30.43 4.26 27.22
CA THR F 44 29.32 3.84 26.38
C THR F 44 29.21 4.79 25.19
N PRO F 45 29.13 4.28 23.97
CA PRO F 45 29.08 5.17 22.80
C PRO F 45 27.79 5.95 22.73
N VAL F 46 27.91 7.24 22.39
CA VAL F 46 26.78 8.12 22.19
C VAL F 46 26.84 8.63 20.75
N SER F 47 25.71 9.11 20.26
CA SER F 47 25.59 9.59 18.89
C SER F 47 24.86 10.92 18.89
N LEU F 48 25.52 11.94 18.36
CA LEU F 48 24.95 13.27 18.30
C LEU F 48 23.94 13.36 17.15
N PRO F 49 22.87 14.14 17.29
CA PRO F 49 22.43 14.94 18.47
C PRO F 49 21.98 14.04 19.62
N PHE F 50 22.28 14.40 20.87
CA PHE F 50 21.94 13.56 22.01
C PHE F 50 21.20 14.39 23.05
N CYS F 51 20.01 13.93 23.44
CA CYS F 51 19.22 14.59 24.46
C CYS F 51 19.59 14.05 25.84
N LEU F 52 19.75 14.96 26.81
CA LEU F 52 20.19 14.58 28.15
C LEU F 52 19.12 13.84 28.95
N ASP F 53 17.88 13.76 28.45
CA ASP F 53 16.85 13.02 29.19
C ASP F 53 17.20 11.56 29.33
N GLN F 54 17.95 11.01 28.35
CA GLN F 54 18.37 9.61 28.40
C GLN F 54 19.59 9.38 29.27
N THR F 55 20.10 10.43 29.94
CA THR F 55 21.25 10.29 30.83
C THR F 55 20.76 9.94 32.23
N VAL F 56 20.98 8.69 32.64
CA VAL F 56 20.73 8.31 34.02
C VAL F 56 21.69 9.05 34.94
N ALA F 57 21.30 9.18 36.21
CA ALA F 57 22.22 9.70 37.21
C ALA F 57 23.48 8.85 37.22
N ASP F 58 24.59 9.46 37.67
CA ASP F 58 25.90 8.81 37.65
C ASP F 58 26.35 8.54 36.21
N ASN F 59 26.15 9.53 35.34
CA ASN F 59 26.62 9.47 33.96
C ASN F 59 27.11 10.84 33.53
N CYS F 60 28.32 10.91 33.00
CA CYS F 60 28.89 12.16 32.54
C CYS F 60 29.10 12.08 31.04
N LEU F 61 29.10 13.23 30.37
CA LEU F 61 29.15 13.27 28.91
C LEU F 61 30.46 13.89 28.44
N THR F 62 31.25 13.12 27.69
CA THR F 62 32.53 13.55 27.15
C THR F 62 32.38 13.65 25.63
N LEU F 63 32.03 14.85 25.16
CA LEU F 63 31.93 15.15 23.74
C LEU F 63 33.25 15.79 23.32
N SER F 64 34.03 15.12 22.48
CA SER F 64 35.29 15.67 22.05
C SER F 64 35.67 15.05 20.71
N GLY F 65 36.81 15.51 20.17
CA GLY F 65 37.31 14.94 18.94
C GLY F 65 37.54 13.44 19.01
N MET F 66 37.87 12.93 20.19
CA MET F 66 38.03 11.49 20.37
C MET F 66 36.70 10.74 20.43
N GLY F 67 35.57 11.42 20.30
CA GLY F 67 34.28 10.76 20.26
C GLY F 67 33.26 11.43 21.15
N TYR F 68 32.00 11.03 20.93
CA TYR F 68 30.89 11.39 21.80
C TYR F 68 30.58 10.19 22.67
N TYR F 69 30.96 10.22 23.94
CA TYR F 69 30.73 9.03 24.76
C TYR F 69 30.30 9.41 26.17
N LEU F 70 29.49 8.55 26.76
CA LEU F 70 29.04 8.66 28.14
C LEU F 70 29.95 7.81 29.02
N GLY F 71 30.16 8.28 30.24
CA GLY F 71 31.04 7.60 31.16
C GLY F 71 30.43 7.49 32.54
N ILE F 72 30.72 6.38 33.21
CA ILE F 72 30.30 6.21 34.60
C ILE F 72 30.95 7.31 35.42
N GLY F 73 30.12 8.08 36.14
CA GLY F 73 30.63 9.21 36.89
C GLY F 73 31.71 8.83 37.88
N GLY F 74 31.71 7.60 38.38
CA GLY F 74 32.67 7.18 39.37
C GLY F 74 34.05 6.84 38.84
N CYS F 75 34.19 6.54 37.54
CA CYS F 75 35.48 6.09 37.02
C CYS F 75 36.17 7.10 36.13
N CYS F 76 35.43 7.92 35.39
CA CYS F 76 36.02 8.97 34.58
C CYS F 76 36.89 9.89 35.44
N PRO F 77 38.14 10.15 35.05
CA PRO F 77 39.06 10.92 35.90
C PRO F 77 38.57 12.33 36.27
N ALA F 78 38.25 13.15 35.27
CA ALA F 78 37.91 14.55 35.54
C ALA F 78 36.73 14.69 36.48
N CYS F 79 35.77 13.76 36.42
CA CYS F 79 34.65 13.82 37.36
C CYS F 79 35.12 13.55 38.79
N ASN F 80 36.00 12.57 38.98
CA ASN F 80 36.50 12.29 40.31
C ASN F 80 37.28 13.47 40.88
N ALA F 81 37.99 14.21 40.02
CA ALA F 81 38.72 15.41 40.44
C ALA F 81 37.86 16.66 40.23
N GLY F 82 36.73 16.70 40.94
CA GLY F 82 35.84 17.84 40.94
C GLY F 82 36.44 19.18 41.28
N ASP F 83 35.60 20.21 41.32
CA ASP F 83 36.01 21.54 41.77
C ASP F 83 35.61 21.77 43.23
N GLY F 84 35.95 20.80 44.08
CA GLY F 84 35.64 20.94 45.48
C GLY F 84 34.16 20.70 45.78
N ARG F 85 33.74 21.27 46.91
CA ARG F 85 32.37 21.10 47.39
C ARG F 85 31.51 22.29 46.94
N PHE F 86 31.31 22.37 45.62
CA PHE F 86 30.37 23.33 45.05
C PHE F 86 28.97 22.73 45.05
N ALA F 87 28.52 22.33 46.24
CA ALA F 87 27.21 21.73 46.41
C ALA F 87 26.14 22.74 46.78
N ALA F 88 26.43 24.03 46.62
CA ALA F 88 25.42 25.06 46.79
C ALA F 88 24.61 25.19 45.51
N THR F 89 24.12 24.06 45.00
CA THR F 89 23.29 24.10 43.81
C THR F 89 21.87 23.68 44.16
N SER F 90 21.28 24.30 45.16
CA SER F 90 19.90 24.02 45.50
C SER F 90 19.01 24.95 44.69
N ARG F 91 17.80 24.49 44.39
CA ARG F 91 16.86 25.33 43.65
C ARG F 91 16.64 26.64 44.38
N GLU F 92 16.54 26.58 45.71
CA GLU F 92 16.36 27.79 46.52
C GLU F 92 17.56 28.73 46.38
N ALA F 93 18.78 28.19 46.45
CA ALA F 93 19.97 29.03 46.29
C ALA F 93 20.05 29.62 44.88
N LEU F 94 19.63 28.85 43.87
CA LEU F 94 19.56 29.40 42.51
C LEU F 94 18.54 30.53 42.43
N ILE F 95 17.42 30.40 43.12
CA ILE F 95 16.44 31.49 43.19
C ILE F 95 17.06 32.71 43.86
N LEU F 96 17.84 32.48 44.93
CA LEU F 96 18.53 33.58 45.59
C LEU F 96 19.47 34.30 44.63
N ALA F 97 20.22 33.55 43.82
CA ALA F 97 21.10 34.18 42.84
C ALA F 97 20.31 34.94 41.79
N PHE F 98 19.19 34.36 41.33
CA PHE F 98 18.33 35.03 40.36
C PHE F 98 17.81 36.36 40.90
N VAL F 99 17.46 36.40 42.19
CA VAL F 99 16.97 37.65 42.77
C VAL F 99 18.12 38.62 42.98
N GLN F 100 19.30 38.11 43.35
CA GLN F 100 20.46 38.94 43.67
C GLN F 100 21.25 39.37 42.43
N GLN F 101 20.81 39.00 41.23
CA GLN F 101 21.48 39.46 40.00
C GLN F 101 21.78 40.95 40.00
N ILE F 102 20.95 41.77 40.66
CA ILE F 102 21.09 43.22 40.55
C ILE F 102 22.40 43.70 41.17
N ASN F 103 22.83 43.08 42.27
CA ASN F 103 24.05 43.52 42.95
C ASN F 103 25.30 42.77 42.52
N THR F 104 25.15 41.71 41.72
CA THR F 104 26.28 40.90 41.27
C THR F 104 26.40 40.94 39.76
N ILE F 105 26.21 42.13 39.18
CA ILE F 105 26.30 42.29 37.73
C ILE F 105 27.65 41.88 37.19
N PHE F 106 28.72 42.00 38.00
CA PHE F 106 30.05 41.67 37.50
C PHE F 106 30.19 40.18 37.20
N GLU F 107 29.64 39.33 38.06
CA GLU F 107 29.56 37.92 37.69
C GLU F 107 28.42 37.77 36.68
N HIS F 108 28.19 36.54 36.24
CA HIS F 108 27.20 36.25 35.19
C HIS F 108 27.30 37.26 34.04
N ARG F 109 28.53 37.59 33.66
CA ARG F 109 28.77 38.61 32.64
C ARG F 109 28.36 38.13 31.26
N ALA F 110 28.62 36.84 30.97
CA ALA F 110 28.30 36.30 29.65
C ALA F 110 26.81 36.44 29.34
N PHE F 111 25.95 36.15 30.32
CA PHE F 111 24.50 36.27 30.16
C PHE F 111 24.12 37.67 29.70
N LEU F 112 24.53 38.69 30.46
CA LEU F 112 24.14 40.06 30.16
C LEU F 112 24.79 40.57 28.88
N ALA F 113 26.03 40.17 28.62
CA ALA F 113 26.69 40.59 27.40
C ALA F 113 26.01 39.99 26.17
N SER F 114 25.61 38.72 26.26
CA SER F 114 24.84 38.10 25.19
C SER F 114 23.51 38.83 24.98
N LEU F 115 22.85 39.22 26.07
CA LEU F 115 21.60 39.96 25.92
C LEU F 115 21.83 41.30 25.23
N VAL F 116 22.88 42.01 25.61
CA VAL F 116 23.17 43.30 24.97
C VAL F 116 23.49 43.11 23.49
N VAL F 117 24.30 42.10 23.18
CA VAL F 117 24.67 41.85 21.79
C VAL F 117 23.45 41.49 20.96
N LEU F 118 22.55 40.67 21.52
CA LEU F 118 21.33 40.32 20.79
C LEU F 118 20.42 41.53 20.61
N ALA F 119 20.33 42.39 21.64
CA ALA F 119 19.50 43.59 21.53
C ALA F 119 20.02 44.54 20.46
N ASP F 120 21.35 44.66 20.34
CA ASP F 120 21.90 45.54 19.31
C ASP F 120 21.84 44.91 17.93
N ARG F 121 21.97 43.58 17.84
CA ARG F 121 21.96 42.92 16.54
C ARG F 121 20.57 42.94 15.91
N HIS F 122 19.52 42.82 16.73
CA HIS F 122 18.15 42.79 16.22
C HIS F 122 17.39 44.09 16.43
N ASN F 123 18.09 45.18 16.74
CA ASN F 123 17.50 46.50 16.93
C ASN F 123 16.25 46.47 17.81
N ALA F 124 16.34 45.76 18.92
CA ALA F 124 15.22 45.62 19.82
C ALA F 124 15.52 46.38 21.12
N PRO F 125 14.52 46.62 21.96
CA PRO F 125 14.81 47.31 23.22
C PRO F 125 15.46 46.37 24.22
N LEU F 126 16.37 46.93 25.03
CA LEU F 126 17.08 46.12 26.00
C LEU F 126 16.23 45.85 27.23
N GLN F 127 15.35 46.78 27.60
CA GLN F 127 14.50 46.56 28.77
C GLN F 127 13.51 45.44 28.50
N ASP F 128 12.89 45.45 27.32
CA ASP F 128 11.95 44.39 26.96
C ASP F 128 12.65 43.05 26.82
N LEU F 129 13.86 43.05 26.23
CA LEU F 129 14.63 41.82 26.13
C LEU F 129 14.98 41.28 27.50
N LEU F 130 15.39 42.16 28.42
CA LEU F 130 15.69 41.73 29.79
C LEU F 130 14.45 41.15 30.45
N ALA F 131 13.29 41.81 30.28
CA ALA F 131 12.06 41.28 30.87
C ALA F 131 11.69 39.93 30.28
N GLY F 132 11.90 39.75 28.97
CA GLY F 132 11.56 38.48 28.35
C GLY F 132 12.48 37.34 28.74
N ILE F 133 13.78 37.63 28.85
CA ILE F 133 14.73 36.58 29.24
C ILE F 133 14.58 36.27 30.72
N LEU F 134 14.30 37.29 31.53
CA LEU F 134 14.09 37.11 32.97
C LEU F 134 12.80 36.34 33.26
N GLY F 135 11.85 36.34 32.32
CA GLY F 135 10.66 35.53 32.47
C GLY F 135 10.91 34.04 32.48
N GLN F 136 12.08 33.62 31.99
CA GLN F 136 12.49 32.21 31.97
C GLN F 136 13.76 32.07 32.80
N PRO F 137 13.64 32.05 34.13
CA PRO F 137 14.85 31.97 34.98
C PRO F 137 15.60 30.66 34.86
N GLU F 138 15.00 29.63 34.24
CA GLU F 138 15.68 28.36 34.07
C GLU F 138 16.95 28.50 33.23
N LEU F 139 16.94 29.41 32.26
CA LEU F 139 18.13 29.66 31.47
C LEU F 139 19.25 30.23 32.34
N PHE F 140 18.91 31.18 33.22
CA PHE F 140 19.89 31.72 34.14
C PHE F 140 20.38 30.66 35.11
N PHE F 141 19.49 29.76 35.53
CA PHE F 141 19.92 28.65 36.39
C PHE F 141 20.94 27.77 35.67
N VAL F 142 20.67 27.44 34.41
CA VAL F 142 21.61 26.64 33.62
C VAL F 142 22.95 27.36 33.51
N HIS F 143 22.91 28.67 33.23
CA HIS F 143 24.13 29.46 33.20
C HIS F 143 24.89 29.37 34.52
N THR F 144 24.19 29.53 35.64
CA THR F 144 24.85 29.54 36.95
C THR F 144 25.51 28.19 37.24
N ILE F 145 24.83 27.09 36.96
CA ILE F 145 25.44 25.78 37.23
C ILE F 145 26.74 25.66 36.47
N LEU F 146 26.70 25.91 35.17
CA LEU F 146 27.88 25.83 34.32
C LEU F 146 28.67 27.12 34.52
N ARG F 147 29.41 27.16 35.62
CA ARG F 147 30.23 28.35 35.84
C ARG F 147 31.51 28.09 36.62
N GLY F 148 32.56 27.68 35.93
CA GLY F 148 33.88 27.69 36.55
C GLY F 148 34.47 29.08 36.50
N GLY F 149 33.64 30.03 36.06
CA GLY F 149 33.83 31.47 35.89
C GLY F 149 34.95 31.91 34.98
N GLY F 150 35.43 31.01 34.11
CA GLY F 150 36.56 31.09 33.20
C GLY F 150 37.04 29.67 32.90
N ALA F 151 37.26 28.89 33.98
CA ALA F 151 37.46 27.45 33.90
C ALA F 151 36.31 26.84 33.11
N CYS F 152 36.47 26.74 31.79
CA CYS F 152 35.46 26.20 30.87
C CYS F 152 34.15 26.99 30.90
N ASP F 153 34.22 28.30 31.20
CA ASP F 153 33.08 29.22 31.26
C ASP F 153 32.27 29.16 29.96
N PRO F 154 31.15 28.46 29.94
CA PRO F 154 30.40 28.34 28.70
C PRO F 154 29.77 29.67 28.29
N ARG F 155 29.79 29.92 26.99
CA ARG F 155 29.15 31.07 26.41
C ARG F 155 27.67 30.79 26.25
N LEU F 156 26.88 31.83 26.02
CA LEU F 156 25.43 31.68 25.98
C LEU F 156 24.86 32.55 24.88
N LEU F 157 24.14 31.93 23.95
CA LEU F 157 23.41 32.65 22.92
C LEU F 157 21.92 32.51 23.17
N PHE F 158 21.15 33.51 22.74
CA PHE F 158 19.71 33.51 22.94
C PHE F 158 19.05 33.72 21.60
N TYR F 159 18.17 32.79 21.23
CA TYR F 159 17.49 32.89 19.95
C TYR F 159 15.99 32.68 20.16
N PRO F 160 15.14 33.36 19.40
CA PRO F 160 13.70 33.17 19.58
C PRO F 160 13.36 31.70 19.51
N ASP F 161 12.35 31.30 20.29
CA ASP F 161 12.01 29.90 20.43
C ASP F 161 10.79 29.59 19.59
N PRO F 162 10.86 28.61 18.68
CA PRO F 162 9.68 28.26 17.88
C PRO F 162 8.61 27.65 18.75
N THR F 163 7.44 27.45 18.15
CA THR F 163 6.26 26.91 18.85
C THR F 163 5.99 27.89 20.00
N TYR F 164 5.74 27.42 21.21
CA TYR F 164 5.54 28.30 22.36
C TYR F 164 6.90 28.61 23.00
N GLY F 165 7.10 29.87 23.38
CA GLY F 165 8.37 30.24 23.97
C GLY F 165 8.90 31.58 23.50
N GLY F 166 9.40 32.38 24.44
CA GLY F 166 10.03 33.65 24.12
C GLY F 166 11.43 33.53 23.57
N HIS F 167 12.32 32.83 24.29
CA HIS F 167 13.72 32.72 23.88
C HIS F 167 14.30 31.41 24.38
N MET F 168 14.81 30.61 23.45
CA MET F 168 15.57 29.40 23.75
C MET F 168 17.05 29.74 23.84
N LEU F 169 17.81 28.85 24.48
CA LEU F 169 19.20 29.12 24.82
C LEU F 169 20.12 28.14 24.11
N TYR F 170 21.30 28.63 23.75
CA TYR F 170 22.37 27.84 23.15
C TYR F 170 23.60 27.99 24.03
N VAL F 171 23.92 26.96 24.81
CA VAL F 171 25.14 26.97 25.61
C VAL F 171 26.29 26.55 24.71
N ILE F 172 27.21 27.48 24.43
CA ILE F 172 28.35 27.23 23.56
C ILE F 172 29.54 26.84 24.42
N PHE F 173 30.05 25.63 24.22
CA PHE F 173 31.23 25.18 24.96
C PHE F 173 32.47 25.54 24.17
N PRO F 174 33.37 26.35 24.73
CA PRO F 174 34.58 26.73 23.99
C PRO F 174 35.57 25.58 23.91
N GLY F 175 36.31 25.54 22.80
CA GLY F 175 37.33 24.53 22.60
C GLY F 175 36.84 23.40 21.73
N THR F 176 37.66 22.36 21.66
CA THR F 176 37.37 21.17 20.88
C THR F 176 36.87 20.02 21.74
N SER F 177 36.57 20.28 23.01
CA SER F 177 36.12 19.23 23.92
C SER F 177 35.19 19.83 24.96
N ALA F 178 34.35 18.97 25.53
CA ALA F 178 33.37 19.38 26.55
C ALA F 178 33.06 18.17 27.42
N HIS F 179 33.36 18.28 28.71
CA HIS F 179 33.08 17.24 29.69
C HIS F 179 32.03 17.77 30.66
N LEU F 180 30.84 17.20 30.61
CA LEU F 180 29.74 17.57 31.51
C LEU F 180 29.71 16.55 32.64
N HIS F 181 29.94 17.04 33.86
CA HIS F 181 29.96 16.22 35.06
C HIS F 181 28.59 15.56 35.29
N TYR F 182 28.62 14.37 35.89
CA TYR F 182 27.37 13.64 36.09
C TYR F 182 26.46 14.35 37.09
N LEU F 183 27.04 14.86 38.18
CA LEU F 183 26.28 15.67 39.11
C LEU F 183 25.78 16.93 38.42
N LEU F 184 26.62 17.52 37.57
CA LEU F 184 26.24 18.71 36.82
C LEU F 184 25.01 18.45 35.96
N ILE F 185 25.01 17.35 35.21
CA ILE F 185 23.88 17.03 34.35
C ILE F 185 22.64 16.72 35.18
N ASP F 186 22.81 16.00 36.29
CA ASP F 186 21.68 15.68 37.15
C ASP F 186 21.02 16.95 37.69
N ARG F 187 21.84 17.90 38.16
CA ARG F 187 21.29 19.15 38.70
C ARG F 187 20.69 20.00 37.59
N MET F 188 21.25 19.95 36.38
CA MET F 188 20.64 20.65 35.26
C MET F 188 19.25 20.09 34.95
N LEU F 189 19.12 18.77 34.94
CA LEU F 189 17.83 18.16 34.65
C LEU F 189 16.83 18.35 35.77
N THR F 190 17.28 18.38 37.02
CA THR F 190 16.37 18.49 38.15
C THR F 190 15.91 19.93 38.41
N ALA F 191 16.82 20.91 38.27
CA ALA F 191 16.45 22.28 38.63
C ALA F 191 15.43 22.86 37.64
N CYS F 192 15.57 22.54 36.36
CA CYS F 192 14.64 22.98 35.33
C CYS F 192 14.05 21.75 34.64
N PRO F 193 12.94 21.22 35.15
CA PRO F 193 12.41 19.97 34.61
C PRO F 193 11.71 20.13 33.26
N GLY F 194 11.00 21.24 33.07
CA GLY F 194 10.24 21.45 31.86
C GLY F 194 11.03 21.89 30.64
N TYR F 195 12.35 21.96 30.74
CA TYR F 195 13.19 22.36 29.62
C TYR F 195 14.03 21.17 29.17
N ARG F 196 14.16 21.02 27.86
CA ARG F 196 14.89 19.92 27.26
C ARG F 196 16.27 20.39 26.81
N PHE F 197 17.26 19.53 27.06
CA PHE F 197 18.65 19.76 26.72
C PHE F 197 19.07 18.77 25.64
N VAL F 198 19.60 19.27 24.54
CA VAL F 198 20.03 18.44 23.43
C VAL F 198 21.43 18.87 23.02
N ALA F 199 22.37 17.93 23.03
CA ALA F 199 23.73 18.24 22.61
C ALA F 199 23.84 18.16 21.10
N HIS F 200 24.64 19.04 20.52
CA HIS F 200 24.83 19.06 19.07
C HIS F 200 26.17 19.73 18.78
N VAL F 201 26.53 19.77 17.50
CA VAL F 201 27.76 20.41 17.04
C VAL F 201 27.43 21.25 15.82
N TRP F 202 28.06 22.42 15.74
CA TRP F 202 27.83 23.33 14.61
C TRP F 202 29.12 24.07 14.32
N GLN F 203 29.58 23.99 13.07
CA GLN F 203 30.80 24.66 12.63
C GLN F 203 31.97 24.34 13.56
N SER F 204 32.14 23.05 13.85
CA SER F 204 33.20 22.55 14.72
C SER F 204 33.16 23.19 16.10
N THR F 205 31.96 23.51 16.59
CA THR F 205 31.77 24.04 17.94
C THR F 205 30.66 23.26 18.62
N PHE F 206 30.95 22.71 19.79
CA PHE F 206 29.98 21.94 20.55
C PHE F 206 28.99 22.87 21.23
N VAL F 207 27.71 22.46 21.23
CA VAL F 207 26.62 23.30 21.74
C VAL F 207 25.64 22.42 22.49
N LEU F 208 24.98 23.01 23.48
CA LEU F 208 23.91 22.37 24.24
C LEU F 208 22.68 23.27 24.10
N VAL F 209 21.67 22.79 23.39
CA VAL F 209 20.47 23.57 23.11
C VAL F 209 19.46 23.31 24.21
N VAL F 210 18.94 24.40 24.79
CA VAL F 210 17.95 24.36 25.85
C VAL F 210 16.66 24.97 25.29
N ARG F 211 15.61 24.16 25.24
CA ARG F 211 14.32 24.59 24.73
C ARG F 211 13.24 24.23 25.73
N ARG F 212 12.03 24.75 25.49
CA ARG F 212 10.90 24.43 26.34
C ARG F 212 10.26 23.10 25.95
N ASN F 213 9.70 22.42 26.95
CA ASN F 213 9.09 21.11 26.77
C ASN F 213 7.77 20.99 27.51
N ALA F 214 7.41 21.97 28.34
CA ALA F 214 6.15 22.06 29.06
C ALA F 214 6.16 23.40 29.79
N GLU F 215 4.99 23.85 30.19
CA GLU F 215 4.89 25.10 30.95
C GLU F 215 5.43 24.80 32.35
N LYS F 216 6.69 25.14 32.57
CA LYS F 216 7.33 24.92 33.87
C LYS F 216 8.18 26.13 34.27
N PRO F 217 7.66 27.36 34.16
CA PRO F 217 8.43 28.50 34.67
C PRO F 217 8.36 28.65 36.17
N THR F 218 7.60 27.78 36.83
CA THR F 218 7.41 27.81 38.28
C THR F 218 6.93 29.17 38.75
N ASP F 219 6.03 29.79 37.97
CA ASP F 219 5.39 31.03 38.38
C ASP F 219 4.81 30.96 39.80
N ALA F 220 4.70 29.77 40.39
CA ALA F 220 4.22 29.66 41.76
C ALA F 220 5.29 30.08 42.75
N GLU F 221 6.54 29.69 42.50
CA GLU F 221 7.67 30.05 43.36
C GLU F 221 8.65 30.97 42.65
N ILE F 222 8.23 31.62 41.57
CA ILE F 222 9.17 32.48 40.85
C ILE F 222 9.27 33.82 41.57
N PRO F 223 10.48 34.26 41.93
CA PRO F 223 10.61 35.57 42.55
C PRO F 223 10.47 36.66 41.50
N THR F 224 10.09 37.84 41.96
CA THR F 224 10.00 38.99 41.08
C THR F 224 11.28 39.78 41.21
N VAL F 225 11.96 40.00 40.09
CA VAL F 225 13.19 40.79 40.04
C VAL F 225 12.95 41.95 39.10
N SER F 226 13.35 43.14 39.51
CA SER F 226 13.14 44.32 38.68
C SER F 226 14.08 44.26 37.48
N ALA F 227 13.52 44.32 36.27
CA ALA F 227 14.35 44.31 35.07
C ALA F 227 14.89 45.68 34.76
N ALA F 228 14.19 46.74 35.18
CA ALA F 228 14.65 48.09 34.92
C ALA F 228 15.94 48.40 35.68
N ASP F 229 16.04 47.95 36.93
CA ASP F 229 17.25 48.17 37.70
C ASP F 229 18.45 47.46 37.09
N ILE F 230 18.25 46.22 36.64
CA ILE F 230 19.33 45.50 35.96
C ILE F 230 19.71 46.22 34.68
N TYR F 231 18.70 46.75 33.96
CA TYR F 231 18.96 47.51 32.75
C TYR F 231 19.82 48.73 33.06
N CYS F 232 19.50 49.45 34.13
CA CYS F 232 20.28 50.64 34.50
C CYS F 232 21.71 50.26 34.89
N LYS F 233 21.86 49.23 35.73
CA LYS F 233 23.21 48.81 36.11
C LYS F 233 24.01 48.33 34.91
N MET F 234 23.35 47.73 33.92
CA MET F 234 24.04 47.33 32.69
C MET F 234 24.47 48.55 31.88
N ARG F 235 23.59 49.54 31.76
CA ARG F 235 23.94 50.77 31.06
C ARG F 235 25.03 51.55 31.78
N ASP F 236 25.22 51.32 33.08
CA ASP F 236 26.22 52.04 33.86
C ASP F 236 27.59 51.36 33.81
N ILE F 237 27.63 50.05 33.63
CA ILE F 237 28.88 49.29 33.54
C ILE F 237 29.30 49.14 32.09
N SER F 238 30.58 49.32 31.83
CA SER F 238 31.14 49.10 30.51
C SER F 238 31.56 47.64 30.39
N PHE F 239 31.06 46.95 29.37
CA PHE F 239 31.37 45.55 29.15
C PHE F 239 32.66 45.40 28.37
N ASP F 240 33.27 44.23 28.47
CA ASP F 240 34.53 43.98 27.78
C ASP F 240 34.26 43.87 26.28
N GLY F 241 35.05 44.60 25.49
CA GLY F 241 34.89 44.56 24.04
C GLY F 241 35.13 43.17 23.48
N GLY F 242 36.02 42.40 24.10
CA GLY F 242 36.28 41.05 23.62
C GLY F 242 35.08 40.15 23.74
N LEU F 243 34.37 40.20 24.88
CA LEU F 243 33.17 39.39 25.04
C LEU F 243 32.08 39.81 24.03
N MET F 244 31.91 41.11 23.82
CA MET F 244 30.90 41.56 22.86
C MET F 244 31.24 41.13 21.44
N LEU F 245 32.51 41.25 21.04
CA LEU F 245 32.89 40.82 19.71
C LEU F 245 32.76 39.31 19.56
N GLU F 246 33.13 38.56 20.60
CA GLU F 246 32.97 37.10 20.56
C GLU F 246 31.51 36.71 20.43
N TYR F 247 30.62 37.41 21.14
CA TYR F 247 29.19 37.10 21.04
C TYR F 247 28.63 37.48 19.69
N GLN F 248 29.11 38.59 19.10
CA GLN F 248 28.69 38.94 17.75
C GLN F 248 29.09 37.84 16.77
N ARG F 249 30.33 37.36 16.87
CA ARG F 249 30.79 36.29 15.98
C ARG F 249 30.00 35.00 16.21
N LEU F 250 29.73 34.65 17.47
CA LEU F 250 28.99 33.43 17.77
C LEU F 250 27.57 33.51 17.23
N TYR F 251 26.91 34.66 17.38
CA TYR F 251 25.57 34.84 16.84
C TYR F 251 25.59 34.76 15.32
N ALA F 252 26.57 35.39 14.67
CA ALA F 252 26.66 35.34 13.22
C ALA F 252 26.89 33.93 12.72
N THR F 253 27.67 33.13 13.45
CA THR F 253 27.91 31.76 13.04
C THR F 253 26.71 30.86 13.30
N PHE F 254 26.01 31.09 14.40
CA PHE F 254 24.88 30.26 14.80
C PHE F 254 23.54 30.80 14.31
N ASP F 255 23.54 31.92 13.57
CA ASP F 255 22.31 32.44 13.00
C ASP F 255 21.67 31.47 12.02
N GLU F 256 22.47 30.56 11.44
CA GLU F 256 21.96 29.59 10.48
C GLU F 256 22.12 28.17 11.02
N PHE F 257 21.58 27.93 12.21
CA PHE F 257 21.73 26.64 12.88
C PHE F 257 20.36 25.99 13.04
N PRO F 258 20.11 24.84 12.42
CA PRO F 258 18.84 24.13 12.62
C PRO F 258 18.71 23.63 14.04
N PRO F 259 17.76 24.14 14.80
CA PRO F 259 17.62 23.74 16.21
C PRO F 259 17.24 22.28 16.33
N PRO F 260 18.01 21.50 17.10
CA PRO F 260 17.70 20.08 17.33
C PRO F 260 16.66 19.89 18.44
N PRO G 12 -25.84 -48.04 -20.18
CA PRO G 12 -25.18 -47.31 -21.26
C PRO G 12 -26.13 -46.37 -22.00
N ALA G 13 -27.09 -45.79 -21.28
CA ALA G 13 -28.12 -44.93 -21.87
C ALA G 13 -27.85 -43.50 -21.42
N PHE G 14 -27.34 -42.68 -22.34
CA PHE G 14 -27.09 -41.27 -22.05
C PHE G 14 -28.38 -40.50 -21.81
N GLU G 15 -29.40 -40.74 -22.62
CA GLU G 15 -30.67 -40.03 -22.48
C GLU G 15 -31.49 -40.52 -21.30
N GLY G 16 -31.28 -41.76 -20.87
CA GLY G 16 -31.99 -42.28 -19.72
C GLY G 16 -31.80 -41.44 -18.47
N LEU G 17 -30.58 -40.92 -18.27
CA LEU G 17 -30.33 -40.08 -17.12
C LEU G 17 -31.16 -38.80 -17.16
N VAL G 18 -31.24 -38.15 -18.32
CA VAL G 18 -32.02 -36.93 -18.43
C VAL G 18 -33.51 -37.22 -18.21
N GLN G 19 -33.99 -38.33 -18.76
CA GLN G 19 -35.40 -38.69 -18.54
C GLN G 19 -35.67 -38.96 -17.06
N ARG G 20 -34.76 -39.68 -16.40
CA ARG G 20 -34.89 -39.95 -14.98
C ARG G 20 -34.93 -38.66 -14.17
N ILE G 21 -34.02 -37.73 -14.47
CA ILE G 21 -33.98 -36.46 -13.74
C ILE G 21 -35.28 -35.69 -13.95
N ARG G 22 -35.76 -35.62 -15.20
CA ARG G 22 -37.03 -34.95 -15.47
C ARG G 22 -38.17 -35.58 -14.69
N LEU G 23 -38.18 -36.92 -14.61
CA LEU G 23 -39.22 -37.60 -13.83
C LEU G 23 -39.15 -37.24 -12.35
N ILE G 24 -37.94 -37.19 -11.78
CA ILE G 24 -37.79 -37.01 -10.34
C ILE G 24 -38.16 -35.59 -9.92
N VAL G 25 -37.76 -34.59 -10.70
CA VAL G 25 -38.04 -33.19 -10.36
C VAL G 25 -39.55 -32.93 -10.47
N PRO G 26 -40.14 -32.11 -9.60
CA PRO G 26 -41.58 -31.85 -9.69
C PRO G 26 -41.98 -31.28 -11.05
N SER G 27 -43.28 -31.32 -11.31
CA SER G 27 -43.79 -30.96 -12.63
C SER G 27 -43.73 -29.46 -12.90
N THR G 28 -43.87 -28.64 -11.85
CA THR G 28 -43.90 -27.20 -12.07
C THR G 28 -42.63 -26.68 -12.71
N LEU G 29 -41.49 -27.32 -12.46
CA LEU G 29 -40.24 -26.92 -13.08
C LEU G 29 -40.14 -27.56 -14.47
N ARG G 30 -40.97 -27.04 -15.38
CA ARG G 30 -41.00 -27.52 -16.75
C ARG G 30 -39.64 -27.37 -17.43
N GLY G 31 -39.16 -28.44 -18.04
CA GLY G 31 -37.91 -28.36 -18.77
C GLY G 31 -37.36 -29.75 -19.07
N GLY G 32 -36.04 -29.82 -19.23
CA GLY G 32 -35.36 -31.04 -19.61
C GLY G 32 -34.57 -30.94 -20.90
N ASP G 33 -34.57 -29.78 -21.57
CA ASP G 33 -33.85 -29.61 -22.81
C ASP G 33 -32.39 -30.03 -22.66
N GLY G 34 -31.91 -30.81 -23.63
CA GLY G 34 -30.54 -31.30 -23.58
C GLY G 34 -29.51 -30.23 -23.30
N GLU G 35 -29.51 -29.17 -24.12
CA GLU G 35 -28.57 -28.06 -24.00
C GLU G 35 -27.12 -28.53 -24.11
N ALA G 36 -26.90 -29.71 -24.69
CA ALA G 36 -25.58 -30.28 -24.87
C ALA G 36 -25.65 -31.30 -25.99
N GLY G 37 -24.50 -31.63 -26.55
CA GLY G 37 -24.43 -32.60 -27.62
C GLY G 37 -24.43 -34.01 -27.11
N PRO G 38 -24.56 -34.96 -28.04
CA PRO G 38 -24.53 -36.38 -27.67
C PRO G 38 -23.25 -36.75 -26.95
N TYR G 39 -23.40 -37.39 -25.78
CA TYR G 39 -22.30 -37.69 -24.89
C TYR G 39 -22.48 -39.08 -24.31
N SER G 40 -21.37 -39.78 -24.14
CA SER G 40 -21.36 -41.14 -23.61
C SER G 40 -20.89 -41.13 -22.16
N PRO G 41 -21.21 -42.19 -21.37
CA PRO G 41 -20.83 -42.21 -19.95
C PRO G 41 -19.35 -41.95 -19.68
N SER G 42 -18.50 -42.18 -20.68
CA SER G 42 -17.07 -41.93 -20.53
C SER G 42 -16.70 -40.49 -20.85
N SER G 43 -17.30 -39.90 -21.89
CA SER G 43 -17.00 -38.54 -22.31
C SER G 43 -18.11 -37.61 -21.81
N LEU G 44 -17.77 -36.72 -20.89
CA LEU G 44 -18.75 -35.81 -20.31
C LEU G 44 -18.54 -34.40 -20.84
N PRO G 45 -19.62 -33.67 -21.10
CA PRO G 45 -19.49 -32.32 -21.66
C PRO G 45 -19.34 -31.25 -20.57
N SER G 46 -18.93 -30.07 -21.00
CA SER G 46 -18.90 -28.89 -20.16
C SER G 46 -20.13 -28.01 -20.35
N ARG G 47 -21.13 -28.52 -21.04
CA ARG G 47 -22.36 -27.79 -21.31
C ARG G 47 -23.48 -28.35 -20.43
N CYS G 48 -24.52 -27.54 -20.26
CA CYS G 48 -25.62 -27.89 -19.38
C CYS G 48 -26.31 -29.17 -19.87
N ALA G 49 -26.37 -30.17 -18.99
CA ALA G 49 -27.02 -31.44 -19.35
C ALA G 49 -28.55 -31.34 -19.30
N PHE G 50 -29.09 -30.62 -18.32
CA PHE G 50 -30.53 -30.41 -18.24
C PHE G 50 -30.82 -29.00 -17.75
N GLN G 51 -31.93 -28.45 -18.23
CA GLN G 51 -32.32 -27.06 -17.97
C GLN G 51 -33.79 -27.01 -17.57
N PHE G 52 -34.04 -26.71 -16.30
CA PHE G 52 -35.38 -26.52 -15.79
C PHE G 52 -35.60 -25.03 -15.50
N HIS G 53 -36.86 -24.62 -15.45
CA HIS G 53 -37.14 -23.23 -15.17
C HIS G 53 -38.52 -23.10 -14.53
N GLY G 54 -38.66 -22.08 -13.70
CA GLY G 54 -39.92 -21.80 -13.05
C GLY G 54 -40.34 -20.37 -13.32
N HIS G 55 -41.65 -20.15 -13.30
CA HIS G 55 -42.23 -18.86 -13.65
C HIS G 55 -42.48 -18.03 -12.39
N ASP G 56 -43.18 -16.92 -12.55
CA ASP G 56 -43.47 -16.04 -11.42
C ASP G 56 -44.44 -16.71 -10.46
N GLY G 57 -44.09 -16.72 -9.18
CA GLY G 57 -44.92 -17.34 -8.17
C GLY G 57 -44.67 -18.81 -7.96
N SER G 58 -43.55 -19.34 -8.44
CA SER G 58 -43.21 -20.74 -8.26
C SER G 58 -42.66 -20.97 -6.87
N ASP G 59 -43.28 -21.86 -6.12
CA ASP G 59 -42.91 -22.18 -4.75
C ASP G 59 -42.65 -23.69 -4.65
N GLU G 60 -41.56 -24.15 -5.25
CA GLU G 60 -41.32 -25.58 -5.44
C GLU G 60 -39.98 -26.00 -4.86
N SER G 61 -39.84 -27.30 -4.63
CA SER G 61 -38.63 -27.88 -4.06
C SER G 61 -37.90 -28.71 -5.11
N PHE G 62 -36.57 -28.71 -5.02
CA PHE G 62 -35.72 -29.41 -5.97
C PHE G 62 -34.78 -30.34 -5.21
N PRO G 63 -34.76 -31.64 -5.54
CA PRO G 63 -33.81 -32.56 -4.89
C PRO G 63 -32.40 -32.46 -5.46
N ILE G 64 -31.58 -31.58 -4.92
CA ILE G 64 -30.25 -31.33 -5.48
C ILE G 64 -29.34 -32.53 -5.24
N GLU G 65 -29.30 -33.04 -4.01
CA GLU G 65 -28.40 -34.14 -3.70
C GLU G 65 -28.70 -35.36 -4.56
N TYR G 66 -29.99 -35.68 -4.73
CA TYR G 66 -30.36 -36.84 -5.53
C TYR G 66 -29.90 -36.68 -6.98
N VAL G 67 -30.14 -35.52 -7.57
CA VAL G 67 -29.77 -35.31 -8.96
C VAL G 67 -28.26 -35.37 -9.15
N LEU G 68 -27.51 -34.74 -8.23
CA LEU G 68 -26.05 -34.75 -8.37
C LEU G 68 -25.49 -36.16 -8.18
N ARG G 69 -25.99 -36.89 -7.18
CA ARG G 69 -25.51 -38.25 -6.98
C ARG G 69 -25.88 -39.15 -8.15
N LEU G 70 -27.06 -38.94 -8.74
CA LEU G 70 -27.45 -39.72 -9.91
C LEU G 70 -26.56 -39.43 -11.10
N MET G 71 -26.24 -38.15 -11.34
CA MET G 71 -25.32 -37.80 -12.41
C MET G 71 -23.96 -38.43 -12.19
N ASN G 72 -23.45 -38.38 -10.96
CA ASN G 72 -22.17 -39.02 -10.66
C ASN G 72 -22.24 -40.53 -10.86
N ASP G 73 -23.37 -41.14 -10.52
CA ASP G 73 -23.54 -42.58 -10.70
C ASP G 73 -23.50 -42.97 -12.18
N TRP G 74 -24.30 -42.30 -13.02
CA TRP G 74 -24.40 -42.71 -14.41
C TRP G 74 -23.05 -42.63 -15.12
N ALA G 75 -22.26 -41.62 -14.81
CA ALA G 75 -20.96 -41.46 -15.46
C ALA G 75 -19.95 -42.45 -14.89
N GLU G 76 -19.15 -43.04 -15.79
CA GLU G 76 -18.10 -43.97 -15.40
C GLU G 76 -16.72 -43.32 -15.41
N VAL G 77 -16.68 -41.98 -15.42
CA VAL G 77 -15.43 -41.23 -15.37
C VAL G 77 -15.49 -40.34 -14.13
N PRO G 78 -14.39 -40.17 -13.40
CA PRO G 78 -14.41 -39.27 -12.24
C PRO G 78 -14.89 -37.88 -12.62
N CYS G 79 -15.74 -37.31 -11.79
CA CYS G 79 -16.35 -36.02 -12.07
C CYS G 79 -16.87 -35.43 -10.76
N ASN G 80 -17.39 -34.21 -10.85
CA ASN G 80 -17.98 -33.52 -9.69
C ASN G 80 -19.24 -32.82 -10.18
N PRO G 81 -20.38 -33.50 -10.14
CA PRO G 81 -21.63 -32.88 -10.59
C PRO G 81 -21.90 -31.55 -9.89
N TYR G 82 -22.57 -30.65 -10.61
CA TYR G 82 -22.74 -29.28 -10.14
C TYR G 82 -24.07 -28.77 -10.65
N LEU G 83 -24.77 -28.02 -9.79
CA LEU G 83 -26.00 -27.34 -10.17
C LEU G 83 -25.81 -25.84 -10.07
N ARG G 84 -26.47 -25.12 -10.97
CA ARG G 84 -26.39 -23.66 -10.99
C ARG G 84 -27.81 -23.12 -11.04
N ILE G 85 -28.10 -22.13 -10.21
CA ILE G 85 -29.41 -21.51 -10.15
C ILE G 85 -29.23 -20.03 -10.44
N GLN G 86 -29.97 -19.54 -11.43
CA GLN G 86 -29.83 -18.17 -11.88
C GLN G 86 -31.19 -17.52 -12.01
N ASN G 87 -31.34 -16.36 -11.38
CA ASN G 87 -32.53 -15.53 -11.60
C ASN G 87 -32.42 -14.87 -12.96
N THR G 88 -33.25 -15.29 -13.91
CA THR G 88 -33.27 -14.68 -15.24
C THR G 88 -34.11 -13.41 -15.29
N GLY G 89 -34.50 -12.88 -14.14
CA GLY G 89 -35.28 -11.65 -14.12
C GLY G 89 -36.76 -11.89 -14.31
N VAL G 90 -37.12 -12.99 -14.97
CA VAL G 90 -38.52 -13.26 -15.28
C VAL G 90 -38.81 -14.72 -14.93
N SER G 91 -37.77 -15.48 -14.60
CA SER G 91 -37.96 -16.89 -14.33
C SER G 91 -36.70 -17.49 -13.73
N VAL G 92 -36.87 -18.41 -12.78
CA VAL G 92 -35.74 -19.11 -12.19
C VAL G 92 -35.23 -20.15 -13.17
N LEU G 93 -33.91 -20.29 -13.25
CA LEU G 93 -33.29 -21.22 -14.17
C LEU G 93 -32.36 -22.15 -13.40
N PHE G 94 -32.66 -23.45 -13.44
CA PHE G 94 -31.80 -24.49 -12.89
C PHE G 94 -31.05 -25.14 -14.05
N GLN G 95 -29.74 -25.25 -13.91
CA GLN G 95 -28.89 -25.86 -14.92
C GLN G 95 -28.04 -26.94 -14.27
N GLY G 96 -27.89 -28.07 -14.96
CA GLY G 96 -27.10 -29.15 -14.41
C GLY G 96 -25.87 -29.51 -15.21
N PHE G 97 -24.69 -29.16 -14.70
CA PHE G 97 -23.44 -29.45 -15.36
C PHE G 97 -22.76 -30.64 -14.68
N PHE G 98 -22.09 -31.47 -15.49
CA PHE G 98 -21.32 -32.58 -14.92
C PHE G 98 -20.05 -32.08 -14.24
N HIS G 99 -19.55 -30.92 -14.64
CA HIS G 99 -18.40 -30.27 -14.03
C HIS G 99 -18.68 -28.79 -13.88
N ARG G 100 -18.07 -28.17 -12.88
CA ARG G 100 -18.29 -26.77 -12.59
C ARG G 100 -18.06 -25.94 -13.86
N PRO G 101 -18.88 -24.90 -14.10
CA PRO G 101 -18.71 -24.07 -15.31
C PRO G 101 -17.36 -23.37 -15.40
N HIS G 102 -16.49 -23.60 -14.41
CA HIS G 102 -15.16 -23.02 -14.29
C HIS G 102 -15.17 -21.51 -14.14
N ASN G 103 -16.35 -20.86 -14.15
CA ASN G 103 -16.54 -19.44 -13.93
C ASN G 103 -17.81 -19.18 -13.13
N ALA G 104 -18.31 -20.21 -12.45
CA ALA G 104 -19.51 -20.21 -11.64
C ALA G 104 -19.34 -19.42 -10.35
N PRO G 105 -20.43 -18.94 -9.75
CA PRO G 105 -20.30 -18.24 -8.45
C PRO G 105 -19.77 -19.09 -7.31
N GLY G 106 -19.68 -20.42 -7.48
CA GLY G 106 -19.17 -21.26 -6.41
C GLY G 106 -20.22 -21.55 -5.36
N GLY G 107 -19.84 -22.47 -4.46
CA GLY G 107 -20.64 -22.83 -3.31
C GLY G 107 -20.99 -21.66 -2.43
N ALA G 108 -22.25 -21.20 -2.48
CA ALA G 108 -22.74 -20.13 -1.63
C ALA G 108 -23.58 -20.65 -0.48
N ILE G 109 -23.51 -21.95 -0.20
CA ILE G 109 -24.32 -22.60 0.84
C ILE G 109 -23.49 -22.87 2.09
N THR G 110 -23.03 -21.80 2.75
CA THR G 110 -22.29 -21.94 3.98
C THR G 110 -23.16 -22.64 5.04
N PRO G 111 -22.55 -23.46 5.91
CA PRO G 111 -23.31 -24.26 6.89
C PRO G 111 -24.44 -23.59 7.67
N GLU G 112 -24.44 -22.26 7.82
CA GLU G 112 -25.46 -21.59 8.62
C GLU G 112 -26.24 -20.52 7.86
N ARG G 113 -26.12 -20.48 6.54
CA ARG G 113 -26.84 -19.51 5.70
C ARG G 113 -27.55 -20.26 4.58
N THR G 114 -28.37 -21.23 4.96
CA THR G 114 -29.14 -22.00 3.99
C THR G 114 -29.97 -21.06 3.12
N ASN G 115 -30.41 -19.94 3.68
CA ASN G 115 -31.17 -18.95 2.94
C ASN G 115 -30.25 -18.18 2.00
N VAL G 116 -30.75 -17.90 0.80
CA VAL G 116 -30.02 -17.14 -0.22
C VAL G 116 -31.05 -16.34 -1.01
N ILE G 117 -30.70 -15.11 -1.38
CA ILE G 117 -31.58 -14.28 -2.19
C ILE G 117 -30.87 -13.98 -3.51
N LEU G 118 -31.65 -13.85 -4.57
CA LEU G 118 -31.12 -13.57 -5.90
C LEU G 118 -31.95 -12.47 -6.54
N GLY G 119 -31.31 -11.34 -6.83
CA GLY G 119 -31.93 -10.27 -7.58
C GLY G 119 -31.89 -10.55 -9.06
N SER G 120 -32.17 -9.51 -9.85
CA SER G 120 -32.15 -9.64 -11.30
C SER G 120 -30.76 -10.01 -11.78
N THR G 121 -30.70 -10.99 -12.68
CA THR G 121 -29.47 -11.46 -13.35
C THR G 121 -28.49 -12.11 -12.40
N GLU G 122 -28.87 -12.37 -11.15
CA GLU G 122 -27.94 -12.92 -10.17
C GLU G 122 -27.88 -14.44 -10.28
N THR G 123 -26.78 -14.99 -9.77
CA THR G 123 -26.49 -16.42 -9.93
C THR G 123 -25.92 -16.99 -8.65
N THR G 124 -26.05 -18.30 -8.50
CA THR G 124 -25.43 -19.07 -7.43
C THR G 124 -25.34 -20.51 -7.88
N GLY G 125 -24.75 -21.35 -7.06
CA GLY G 125 -24.63 -22.75 -7.42
C GLY G 125 -23.97 -23.55 -6.32
N LEU G 126 -23.85 -24.86 -6.58
CA LEU G 126 -23.22 -25.76 -5.63
C LEU G 126 -22.80 -27.04 -6.34
N SER G 127 -21.62 -27.54 -5.97
CA SER G 127 -21.10 -28.80 -6.50
C SER G 127 -21.34 -29.92 -5.50
N LEU G 128 -21.23 -31.16 -5.99
CA LEU G 128 -21.46 -32.31 -5.12
C LEU G 128 -20.38 -32.45 -4.06
N GLY G 129 -19.14 -32.08 -4.38
CA GLY G 129 -18.08 -32.13 -3.38
C GLY G 129 -18.35 -31.16 -2.22
N ASP G 130 -18.72 -29.92 -2.55
CA ASP G 130 -19.06 -28.96 -1.51
C ASP G 130 -20.28 -29.42 -0.73
N LEU G 131 -21.25 -30.02 -1.41
CA LEU G 131 -22.44 -30.54 -0.75
C LEU G 131 -22.07 -31.61 0.27
N ASP G 132 -21.23 -32.57 -0.13
CA ASP G 132 -20.78 -33.61 0.80
C ASP G 132 -19.98 -33.01 1.95
N THR G 133 -19.16 -32.00 1.67
CA THR G 133 -18.38 -31.37 2.73
C THR G 133 -19.28 -30.71 3.76
N ILE G 134 -20.31 -29.98 3.31
CA ILE G 134 -21.24 -29.35 4.25
C ILE G 134 -22.03 -30.41 5.00
N LYS G 135 -22.43 -31.48 4.32
CA LYS G 135 -23.14 -32.58 4.99
C LYS G 135 -22.28 -33.19 6.09
N GLY G 136 -20.99 -33.39 5.81
CA GLY G 136 -20.10 -33.94 6.83
C GLY G 136 -19.87 -32.99 7.99
N ARG G 137 -19.69 -31.70 7.69
CA ARG G 137 -19.54 -30.71 8.75
C ARG G 137 -20.75 -30.68 9.66
N LEU G 138 -21.95 -30.73 9.09
CA LEU G 138 -23.17 -30.78 9.89
C LEU G 138 -23.31 -32.09 10.66
N GLY G 139 -22.49 -33.09 10.38
CA GLY G 139 -22.55 -34.34 11.11
C GLY G 139 -23.78 -35.16 10.85
N LEU G 140 -24.52 -34.87 9.78
CA LEU G 140 -25.73 -35.62 9.47
C LEU G 140 -25.38 -37.04 9.05
N ASP G 141 -26.39 -37.90 9.05
CA ASP G 141 -26.18 -39.31 8.72
C ASP G 141 -25.74 -39.44 7.26
N ALA G 142 -24.57 -40.05 7.06
CA ALA G 142 -24.02 -40.23 5.73
C ALA G 142 -24.49 -41.50 5.04
N ARG G 143 -25.30 -42.32 5.72
CA ARG G 143 -25.86 -43.51 5.10
C ARG G 143 -26.73 -43.12 3.91
N PRO G 144 -26.89 -44.01 2.94
CA PRO G 144 -27.68 -43.68 1.74
C PRO G 144 -29.12 -43.31 2.09
N MET G 145 -29.56 -42.18 1.53
CA MET G 145 -30.94 -41.70 1.61
C MET G 145 -31.39 -41.41 3.05
N MET G 146 -30.44 -41.11 3.93
CA MET G 146 -30.79 -40.69 5.29
C MET G 146 -30.75 -39.18 5.46
N ALA G 147 -30.21 -38.44 4.48
CA ALA G 147 -30.15 -36.98 4.53
C ALA G 147 -29.82 -36.43 3.15
N SER G 148 -30.81 -35.87 2.47
CA SER G 148 -30.63 -35.31 1.14
C SER G 148 -30.99 -33.83 1.16
N MET G 149 -30.16 -33.02 0.51
CA MET G 149 -30.42 -31.59 0.47
C MET G 149 -31.47 -31.28 -0.59
N TRP G 150 -32.28 -30.25 -0.30
CA TRP G 150 -33.33 -29.78 -1.20
C TRP G 150 -33.27 -28.27 -1.28
N ILE G 151 -33.42 -27.74 -2.48
CA ILE G 151 -33.46 -26.32 -2.74
C ILE G 151 -34.92 -25.93 -2.88
N SER G 152 -35.46 -25.28 -1.85
CA SER G 152 -36.81 -24.75 -1.88
C SER G 152 -36.76 -23.33 -2.46
N CYS G 153 -37.40 -23.14 -3.61
CA CYS G 153 -37.36 -21.91 -4.35
C CYS G 153 -38.73 -21.24 -4.33
N PHE G 154 -38.74 -19.96 -3.95
CA PHE G 154 -39.93 -19.10 -4.00
C PHE G 154 -39.60 -17.93 -4.90
N VAL G 155 -40.29 -17.85 -6.04
CA VAL G 155 -40.02 -16.83 -7.05
C VAL G 155 -41.00 -15.69 -6.81
N ARG G 156 -40.56 -14.63 -6.13
CA ARG G 156 -41.40 -13.44 -5.98
C ARG G 156 -40.62 -12.32 -6.65
N MET G 157 -40.96 -12.01 -7.90
CA MET G 157 -40.12 -11.10 -8.65
C MET G 157 -40.11 -9.72 -8.01
N PRO G 158 -39.04 -8.93 -8.22
CA PRO G 158 -37.84 -9.23 -9.02
C PRO G 158 -36.92 -10.25 -8.34
N ARG G 159 -37.27 -10.73 -7.14
CA ARG G 159 -36.36 -11.53 -6.34
C ARG G 159 -36.72 -13.01 -6.34
N VAL G 160 -35.71 -13.82 -6.04
CA VAL G 160 -35.87 -15.26 -5.89
C VAL G 160 -35.26 -15.70 -4.57
N GLN G 161 -36.05 -16.38 -3.75
CA GLN G 161 -35.64 -16.77 -2.40
C GLN G 161 -35.41 -18.27 -2.40
N LEU G 162 -34.16 -18.67 -2.12
CA LEU G 162 -33.75 -20.06 -2.12
C LEU G 162 -33.44 -20.48 -0.69
N ALA G 163 -33.77 -21.72 -0.36
CA ALA G 163 -33.44 -22.29 0.93
C ALA G 163 -32.88 -23.68 0.70
N PHE G 164 -31.63 -23.88 1.09
CA PHE G 164 -30.94 -25.15 0.89
C PHE G 164 -31.04 -25.92 2.20
N ARG G 165 -32.08 -26.73 2.34
CA ARG G 165 -32.38 -27.41 3.58
C ARG G 165 -32.13 -28.90 3.44
N PHE G 166 -31.50 -29.49 4.45
CA PHE G 166 -31.22 -30.92 4.43
C PHE G 166 -32.46 -31.62 4.99
N MET G 167 -33.20 -32.30 4.12
CA MET G 167 -34.39 -33.03 4.51
C MET G 167 -34.06 -34.51 4.64
N GLY G 168 -34.79 -35.19 5.51
CA GLY G 168 -34.54 -36.58 5.77
C GLY G 168 -35.73 -37.46 5.44
N PRO G 169 -35.55 -38.77 5.57
CA PRO G 169 -36.66 -39.69 5.31
C PRO G 169 -37.66 -39.70 6.44
N GLU G 170 -38.85 -40.23 6.14
CA GLU G 170 -39.90 -40.35 7.14
C GLU G 170 -40.13 -41.78 7.61
N ASP G 171 -39.60 -42.78 6.93
CA ASP G 171 -39.80 -44.17 7.33
C ASP G 171 -38.48 -44.93 7.20
N ALA G 172 -38.57 -46.25 7.33
CA ALA G 172 -37.41 -47.11 7.17
C ALA G 172 -37.08 -47.29 5.69
N GLY G 173 -35.79 -47.41 5.39
CA GLY G 173 -35.36 -47.59 4.02
C GLY G 173 -35.16 -49.05 3.66
N ARG G 174 -36.23 -49.73 3.29
CA ARG G 174 -36.18 -51.15 2.97
C ARG G 174 -37.14 -51.50 1.84
N CYS H 8 -15.03 -38.81 -4.72
CA CYS H 8 -16.44 -39.16 -4.85
C CYS H 8 -16.60 -40.61 -5.32
N LEU H 9 -15.54 -41.40 -5.16
CA LEU H 9 -15.59 -42.81 -5.54
C LEU H 9 -16.39 -43.62 -4.53
N HIS H 10 -16.19 -43.36 -3.23
CA HIS H 10 -16.94 -44.05 -2.19
C HIS H 10 -18.45 -43.84 -2.36
N GLU H 11 -18.84 -42.58 -2.60
CA GLU H 11 -20.26 -42.28 -2.78
C GLU H 11 -20.82 -43.00 -4.00
N ARG H 12 -20.09 -42.96 -5.12
CA ARG H 12 -20.56 -43.61 -6.34
C ARG H 12 -20.73 -45.11 -6.15
N GLN H 13 -19.75 -45.77 -5.51
CA GLN H 13 -19.88 -47.21 -5.33
C GLN H 13 -20.97 -47.57 -4.35
N ARG H 14 -21.10 -46.83 -3.23
CA ARG H 14 -22.13 -47.19 -2.27
C ARG H 14 -23.53 -46.79 -2.73
N TYR H 15 -23.65 -45.93 -3.74
CA TYR H 15 -24.96 -45.58 -4.27
C TYR H 15 -25.31 -46.27 -5.59
N ARG H 16 -24.36 -46.95 -6.23
CA ARG H 16 -24.63 -47.55 -7.54
C ARG H 16 -25.71 -48.63 -7.45
N GLY H 17 -25.61 -49.52 -6.46
CA GLY H 17 -26.61 -50.57 -6.32
C GLY H 17 -28.01 -50.02 -6.14
N LEU H 18 -28.16 -49.05 -5.23
CA LEU H 18 -29.47 -48.46 -4.98
C LEU H 18 -30.00 -47.74 -6.20
N PHE H 19 -29.13 -46.97 -6.87
CA PHE H 19 -29.57 -46.23 -8.05
C PHE H 19 -30.01 -47.17 -9.17
N ALA H 20 -29.29 -48.27 -9.37
CA ALA H 20 -29.68 -49.23 -10.40
C ALA H 20 -31.00 -49.91 -10.04
N ALA H 21 -31.15 -50.36 -8.79
CA ALA H 21 -32.38 -50.98 -8.36
C ALA H 21 -33.56 -50.04 -8.51
N LEU H 22 -33.34 -48.74 -8.29
CA LEU H 22 -34.42 -47.77 -8.50
C LEU H 22 -34.66 -47.55 -9.99
N ALA H 23 -33.60 -47.60 -10.80
CA ALA H 23 -33.76 -47.47 -12.25
C ALA H 23 -34.66 -48.56 -12.79
N GLN H 24 -34.61 -49.76 -12.18
CA GLN H 24 -35.48 -50.83 -12.66
C GLN H 24 -36.94 -50.57 -12.32
N THR H 25 -37.21 -49.79 -11.26
CA THR H 25 -38.57 -49.48 -10.82
C THR H 25 -38.69 -47.98 -10.59
N PRO H 26 -39.03 -47.21 -11.63
CA PRO H 26 -39.14 -45.75 -11.45
C PRO H 26 -40.21 -45.33 -10.45
N SER H 27 -41.28 -46.11 -10.29
CA SER H 27 -42.33 -45.76 -9.34
C SER H 27 -41.77 -45.64 -7.93
N GLU H 28 -41.04 -46.67 -7.48
CA GLU H 28 -40.43 -46.61 -6.16
C GLU H 28 -39.43 -45.48 -6.05
N GLU H 29 -38.77 -45.13 -7.16
CA GLU H 29 -37.83 -44.01 -7.15
C GLU H 29 -38.56 -42.70 -6.88
N ILE H 30 -39.66 -42.45 -7.59
CA ILE H 30 -40.45 -41.25 -7.35
C ILE H 30 -40.97 -41.23 -5.93
N ALA H 31 -41.42 -42.39 -5.43
CA ALA H 31 -41.91 -42.48 -4.06
C ALA H 31 -40.83 -42.09 -3.06
N ILE H 32 -39.62 -42.64 -3.23
CA ILE H 32 -38.51 -42.35 -2.32
C ILE H 32 -38.17 -40.87 -2.37
N VAL H 33 -38.02 -40.32 -3.57
CA VAL H 33 -37.62 -38.91 -3.69
C VAL H 33 -38.67 -38.00 -3.08
N ARG H 34 -39.95 -38.30 -3.29
CA ARG H 34 -41.01 -37.49 -2.70
C ARG H 34 -41.13 -37.71 -1.20
N SER H 35 -40.65 -38.85 -0.69
CA SER H 35 -40.69 -39.14 0.74
C SER H 35 -39.62 -38.39 1.52
N LEU H 36 -38.72 -37.68 0.84
CA LEU H 36 -37.65 -36.94 1.51
C LEU H 36 -38.09 -35.50 1.74
N SER H 37 -39.10 -35.36 2.60
CA SER H 37 -39.70 -34.07 2.94
C SER H 37 -39.85 -33.95 4.45
N VAL H 38 -38.76 -34.18 5.17
CA VAL H 38 -38.71 -33.99 6.62
C VAL H 38 -37.42 -33.24 6.95
N PRO H 39 -37.49 -31.94 7.18
CA PRO H 39 -36.27 -31.16 7.43
C PRO H 39 -35.55 -31.63 8.69
N LEU H 40 -34.27 -31.98 8.53
CA LEU H 40 -33.45 -32.35 9.67
C LEU H 40 -32.84 -31.15 10.37
N VAL H 41 -32.83 -29.99 9.72
CA VAL H 41 -32.32 -28.75 10.30
C VAL H 41 -33.46 -27.75 10.28
N LYS H 42 -34.11 -27.57 11.44
CA LYS H 42 -35.27 -26.69 11.55
C LYS H 42 -34.88 -25.27 11.94
N THR H 43 -33.96 -25.11 12.89
CA THR H 43 -33.56 -23.81 13.38
C THR H 43 -32.21 -23.40 12.81
N THR H 44 -32.14 -22.18 12.28
CA THR H 44 -30.92 -21.59 11.74
C THR H 44 -30.56 -20.36 12.57
N PRO H 45 -29.33 -20.27 13.08
CA PRO H 45 -28.96 -19.12 13.92
C PRO H 45 -28.80 -17.84 13.10
N VAL H 46 -29.33 -16.75 13.64
CA VAL H 46 -29.17 -15.41 13.07
C VAL H 46 -28.55 -14.51 14.13
N SER H 47 -28.01 -13.39 13.67
CA SER H 47 -27.31 -12.44 14.54
C SER H 47 -27.77 -11.03 14.22
N LEU H 48 -28.26 -10.31 15.25
CA LEU H 48 -28.73 -8.95 15.07
C LEU H 48 -27.56 -7.97 14.92
N PRO H 49 -27.74 -6.89 14.15
CA PRO H 49 -28.94 -6.51 13.38
C PRO H 49 -29.23 -7.48 12.24
N PHE H 50 -30.50 -7.81 12.00
CA PHE H 50 -30.87 -8.78 10.98
C PHE H 50 -31.98 -8.19 10.10
N CYS H 51 -31.74 -8.15 8.80
CA CYS H 51 -32.72 -7.65 7.84
C CYS H 51 -33.62 -8.79 7.39
N LEU H 52 -34.92 -8.52 7.35
CA LEU H 52 -35.90 -9.55 6.99
C LEU H 52 -35.86 -9.92 5.52
N ASP H 53 -35.10 -9.21 4.69
CA ASP H 53 -35.00 -9.57 3.27
C ASP H 53 -34.38 -10.95 3.10
N GLN H 54 -33.50 -11.36 4.01
CA GLN H 54 -32.87 -12.67 3.94
C GLN H 54 -33.77 -13.79 4.46
N THR H 55 -34.99 -13.47 4.86
CA THR H 55 -35.96 -14.46 5.32
C THR H 55 -36.78 -14.94 4.13
N VAL H 56 -36.61 -16.21 3.77
CA VAL H 56 -37.47 -16.81 2.75
C VAL H 56 -38.93 -16.78 3.23
N ALA H 57 -39.84 -16.94 2.28
CA ALA H 57 -41.27 -16.93 2.58
C ALA H 57 -41.63 -17.89 3.72
N ASP H 58 -41.07 -19.08 3.71
CA ASP H 58 -41.39 -20.10 4.72
C ASP H 58 -40.41 -20.09 5.88
N ASN H 59 -40.11 -18.90 6.40
CA ASN H 59 -39.21 -18.77 7.54
C ASN H 59 -39.72 -17.72 8.51
N CYS H 60 -39.77 -18.11 9.78
CA CYS H 60 -40.26 -17.31 10.89
C CYS H 60 -39.12 -17.01 11.86
N LEU H 61 -39.25 -15.92 12.61
CA LEU H 61 -38.17 -15.44 13.47
C LEU H 61 -38.56 -15.53 14.94
N THR H 62 -37.83 -16.32 15.72
CA THR H 62 -38.13 -16.44 17.14
C THR H 62 -37.00 -15.82 17.94
N LEU H 63 -36.91 -14.49 17.92
CA LEU H 63 -35.89 -13.78 18.67
C LEU H 63 -36.21 -13.84 20.15
N SER H 64 -35.36 -14.51 20.93
CA SER H 64 -35.62 -14.63 22.36
C SER H 64 -34.31 -14.83 23.10
N GLY H 65 -34.41 -14.84 24.43
CA GLY H 65 -33.25 -15.11 25.26
C GLY H 65 -32.63 -16.46 25.04
N MET H 66 -33.43 -17.48 24.71
CA MET H 66 -32.88 -18.79 24.41
C MET H 66 -32.20 -18.85 23.06
N GLY H 67 -32.12 -17.71 22.38
CA GLY H 67 -31.39 -17.62 21.13
C GLY H 67 -32.13 -16.79 20.10
N TYR H 68 -31.38 -16.38 19.08
CA TYR H 68 -31.92 -15.70 17.92
C TYR H 68 -31.98 -16.76 16.83
N TYR H 69 -33.16 -17.31 16.57
CA TYR H 69 -33.16 -18.37 15.57
C TYR H 69 -34.34 -18.23 14.63
N LEU H 70 -34.08 -18.60 13.37
CA LEU H 70 -35.08 -18.67 12.32
C LEU H 70 -35.55 -20.11 12.18
N GLY H 71 -36.81 -20.28 11.83
CA GLY H 71 -37.41 -21.59 11.75
C GLY H 71 -38.22 -21.76 10.47
N ILE H 72 -38.21 -22.98 9.97
CA ILE H 72 -39.02 -23.32 8.80
C ILE H 72 -40.48 -23.04 9.12
N GLY H 73 -41.13 -22.26 8.24
CA GLY H 73 -42.50 -21.85 8.48
C GLY H 73 -43.43 -23.01 8.72
N GLY H 74 -43.09 -24.18 8.22
CA GLY H 74 -43.89 -25.36 8.41
C GLY H 74 -43.76 -26.00 9.78
N CYS H 75 -42.70 -25.68 10.54
CA CYS H 75 -42.44 -26.31 11.82
C CYS H 75 -42.60 -25.45 13.08
N CYS H 76 -42.48 -24.10 13.02
CA CYS H 76 -42.64 -23.32 14.25
C CYS H 76 -43.97 -23.65 14.91
N PRO H 77 -43.98 -24.06 16.18
CA PRO H 77 -45.22 -24.52 16.81
C PRO H 77 -46.33 -23.49 16.75
N ALA H 78 -46.07 -22.27 17.25
CA ALA H 78 -47.09 -21.23 17.26
C ALA H 78 -47.58 -20.94 15.84
N CYS H 79 -46.72 -21.10 14.84
CA CYS H 79 -47.14 -20.91 13.45
C CYS H 79 -48.21 -21.92 13.08
N ASN H 80 -47.99 -23.19 13.47
CA ASN H 80 -48.96 -24.24 13.20
C ASN H 80 -50.28 -23.97 13.91
N ALA H 81 -50.24 -23.28 15.04
CA ALA H 81 -51.45 -22.86 15.72
C ALA H 81 -51.93 -21.50 15.23
N GLY H 82 -51.34 -20.98 14.15
CA GLY H 82 -51.78 -19.75 13.53
C GLY H 82 -52.79 -20.06 12.44
N ASP H 83 -53.81 -20.83 12.81
CA ASP H 83 -54.81 -21.26 11.84
C ASP H 83 -55.74 -20.11 11.44
N GLY H 84 -56.19 -19.33 12.41
CA GLY H 84 -57.10 -18.23 12.13
C GLY H 84 -56.53 -17.19 11.18
N ARG H 85 -55.55 -16.43 11.65
CA ARG H 85 -54.92 -15.33 10.91
C ARG H 85 -55.90 -14.44 10.13
N THR H 89 -56.01 -9.50 3.04
CA THR H 89 -54.78 -9.94 3.68
C THR H 89 -53.56 -9.27 3.05
N SER H 90 -53.59 -9.09 1.74
CA SER H 90 -52.50 -8.44 1.03
C SER H 90 -52.70 -6.92 0.97
N ARG H 91 -52.07 -6.28 -0.01
CA ARG H 91 -52.12 -4.83 -0.22
C ARG H 91 -53.56 -4.31 -0.27
N GLU H 92 -54.45 -5.11 -0.81
CA GLU H 92 -55.81 -4.72 -1.08
C GLU H 92 -56.60 -4.34 0.18
N ALA H 93 -56.70 -5.27 1.14
CA ALA H 93 -57.41 -4.95 2.37
C ALA H 93 -56.68 -3.88 3.16
N LEU H 94 -55.36 -3.87 3.06
CA LEU H 94 -54.57 -2.83 3.72
C LEU H 94 -54.91 -1.45 3.20
N ILE H 95 -55.08 -1.33 1.88
CA ILE H 95 -55.49 -0.06 1.28
C ILE H 95 -56.90 0.31 1.73
N LEU H 96 -57.82 -0.67 1.73
CA LEU H 96 -59.18 -0.39 2.17
C LEU H 96 -59.20 0.13 3.61
N ALA H 97 -58.43 -0.51 4.50
CA ALA H 97 -58.35 -0.07 5.89
C ALA H 97 -57.72 1.30 6.01
N PHE H 98 -56.66 1.57 5.22
CA PHE H 98 -56.03 2.88 5.24
C PHE H 98 -57.04 3.96 4.85
N VAL H 99 -57.92 3.65 3.89
CA VAL H 99 -58.90 4.64 3.46
C VAL H 99 -59.99 4.81 4.53
N GLN H 100 -60.41 3.70 5.15
CA GLN H 100 -61.48 3.78 6.13
C GLN H 100 -60.98 4.13 7.53
N GLN H 101 -59.70 4.43 7.68
CA GLN H 101 -59.11 4.84 8.96
C GLN H 101 -59.98 5.83 9.73
N ILE H 102 -60.74 6.67 9.02
CA ILE H 102 -61.56 7.68 9.68
C ILE H 102 -62.64 7.03 10.54
N ASN H 103 -63.12 5.84 10.16
CA ASN H 103 -64.18 5.14 10.85
C ASN H 103 -63.71 4.11 11.87
N THR H 104 -62.41 3.77 11.89
CA THR H 104 -61.91 2.70 12.76
C THR H 104 -60.84 3.18 13.74
N ILE H 105 -61.05 4.34 14.37
CA ILE H 105 -60.05 4.85 15.33
C ILE H 105 -59.79 3.82 16.44
N PHE H 106 -60.82 3.06 16.81
CA PHE H 106 -60.66 2.03 17.85
C PHE H 106 -59.81 0.87 17.35
N GLU H 107 -59.91 0.53 16.06
CA GLU H 107 -59.06 -0.52 15.51
C GLU H 107 -57.60 -0.11 15.46
N HIS H 108 -57.31 1.18 15.37
CA HIS H 108 -55.94 1.67 15.25
C HIS H 108 -55.57 2.65 16.36
N ARG H 109 -55.91 2.31 17.61
CA ARG H 109 -55.69 3.26 18.70
C ARG H 109 -54.21 3.48 18.95
N ALA H 110 -53.41 2.42 18.87
CA ALA H 110 -51.98 2.57 19.13
C ALA H 110 -51.33 3.55 18.15
N PHE H 111 -51.68 3.42 16.87
CA PHE H 111 -51.14 4.30 15.84
C PHE H 111 -51.39 5.77 16.15
N LEU H 112 -52.67 6.14 16.31
CA LEU H 112 -53.02 7.54 16.50
C LEU H 112 -52.58 8.06 17.86
N ALA H 113 -52.66 7.23 18.89
CA ALA H 113 -52.21 7.65 20.22
C ALA H 113 -50.71 7.90 20.24
N SER H 114 -49.94 7.05 19.57
CA SER H 114 -48.52 7.30 19.41
C SER H 114 -48.29 8.61 18.67
N LEU H 115 -49.13 8.90 17.66
CA LEU H 115 -48.98 10.17 16.96
C LEU H 115 -49.22 11.36 17.89
N VAL H 116 -50.27 11.29 18.73
CA VAL H 116 -50.52 12.40 19.66
C VAL H 116 -49.36 12.56 20.64
N VAL H 117 -48.87 11.44 21.18
CA VAL H 117 -47.76 11.51 22.12
C VAL H 117 -46.53 12.09 21.44
N LEU H 118 -46.28 11.70 20.19
CA LEU H 118 -45.14 12.23 19.45
C LEU H 118 -45.30 13.72 19.20
N ALA H 119 -46.54 14.15 18.92
CA ALA H 119 -46.80 15.57 18.72
C ALA H 119 -46.48 16.35 19.98
N ASP H 120 -46.75 15.76 21.15
CA ASP H 120 -46.37 16.43 22.39
C ASP H 120 -44.87 16.35 22.66
N ARG H 121 -44.21 15.27 22.23
CA ARG H 121 -42.78 15.11 22.50
C ARG H 121 -41.95 16.13 21.73
N HIS H 122 -42.34 16.45 20.50
CA HIS H 122 -41.65 17.45 19.70
C HIS H 122 -42.41 18.77 19.61
N ASN H 123 -43.53 18.90 20.32
CA ASN H 123 -44.34 20.12 20.36
C ASN H 123 -44.77 20.57 18.97
N ALA H 124 -44.84 19.64 18.03
CA ALA H 124 -45.14 19.95 16.65
C ALA H 124 -46.66 19.94 16.47
N PRO H 125 -47.19 20.45 15.36
CA PRO H 125 -48.64 20.38 15.18
C PRO H 125 -49.11 19.01 14.73
N LEU H 126 -50.34 18.67 15.16
CA LEU H 126 -50.87 17.36 14.84
C LEU H 126 -51.33 17.29 13.39
N GLN H 127 -51.74 18.41 12.80
CA GLN H 127 -52.20 18.38 11.42
C GLN H 127 -51.04 18.01 10.48
N ASP H 128 -49.88 18.64 10.69
CA ASP H 128 -48.71 18.34 9.87
C ASP H 128 -48.21 16.92 10.14
N LEU H 129 -48.21 16.49 11.40
CA LEU H 129 -47.80 15.12 11.71
C LEU H 129 -48.72 14.10 11.06
N LEU H 130 -50.03 14.34 11.10
CA LEU H 130 -50.98 13.46 10.45
C LEU H 130 -50.75 13.42 8.94
N ALA H 131 -50.54 14.59 8.34
CA ALA H 131 -50.29 14.63 6.90
C ALA H 131 -49.01 13.89 6.53
N GLY H 132 -47.97 14.02 7.37
CA GLY H 132 -46.72 13.34 7.09
C GLY H 132 -46.79 11.84 7.28
N ILE H 133 -47.53 11.39 8.31
CA ILE H 133 -47.63 9.97 8.57
C ILE H 133 -48.53 9.30 7.54
N LEU H 134 -49.60 9.98 7.13
CA LEU H 134 -50.46 9.42 6.09
C LEU H 134 -49.76 9.42 4.73
N GLY H 135 -48.74 10.27 4.55
CA GLY H 135 -47.93 10.24 3.36
C GLY H 135 -47.12 8.97 3.21
N GLN H 136 -46.93 8.23 4.29
CA GLN H 136 -46.22 6.94 4.28
C GLN H 136 -47.20 5.86 4.71
N PRO H 137 -48.09 5.43 3.82
CA PRO H 137 -49.10 4.43 4.18
C PRO H 137 -48.52 3.05 4.49
N GLU H 138 -47.26 2.79 4.12
CA GLU H 138 -46.65 1.50 4.43
C GLU H 138 -46.58 1.28 5.93
N LEU H 139 -46.41 2.36 6.70
CA LEU H 139 -46.42 2.24 8.15
C LEU H 139 -47.78 1.78 8.66
N PHE H 140 -48.86 2.36 8.11
CA PHE H 140 -50.20 1.90 8.48
C PHE H 140 -50.43 0.46 8.05
N PHE H 141 -49.89 0.07 6.90
CA PHE H 141 -50.00 -1.33 6.47
C PHE H 141 -49.31 -2.25 7.46
N VAL H 142 -48.10 -1.89 7.90
CA VAL H 142 -47.39 -2.68 8.89
C VAL H 142 -48.18 -2.76 10.19
N HIS H 143 -48.74 -1.63 10.62
CA HIS H 143 -49.56 -1.60 11.82
C HIS H 143 -50.71 -2.59 11.72
N THR H 144 -51.42 -2.57 10.59
CA THR H 144 -52.55 -3.48 10.40
C THR H 144 -52.10 -4.94 10.38
N ILE H 145 -51.01 -5.23 9.65
CA ILE H 145 -50.50 -6.59 9.56
C ILE H 145 -50.17 -7.13 10.96
N LEU H 146 -49.44 -6.33 11.74
CA LEU H 146 -48.97 -6.83 13.03
C LEU H 146 -50.08 -6.94 14.07
N ARG H 147 -51.18 -6.21 13.89
CA ARG H 147 -52.32 -6.30 14.79
C ARG H 147 -53.25 -7.38 14.23
N GLY H 148 -52.85 -8.63 14.46
CA GLY H 148 -53.64 -9.77 14.01
C GLY H 148 -54.80 -10.06 14.94
N GLY H 149 -55.45 -11.20 14.69
CA GLY H 149 -56.53 -11.68 15.52
C GLY H 149 -55.99 -12.25 16.82
N GLY H 150 -56.37 -11.64 17.95
CA GLY H 150 -55.85 -12.10 19.22
C GLY H 150 -54.35 -11.92 19.35
N ALA H 151 -53.83 -10.82 18.82
CA ALA H 151 -52.41 -10.54 18.90
C ALA H 151 -52.10 -9.91 20.26
N CYS H 152 -50.89 -9.40 20.41
CA CYS H 152 -50.51 -8.73 21.64
C CYS H 152 -50.24 -7.26 21.34
N ASP H 153 -51.02 -6.71 20.39
CA ASP H 153 -50.91 -5.37 19.82
C ASP H 153 -49.49 -4.85 19.94
N PRO H 154 -48.60 -5.11 18.97
CA PRO H 154 -47.23 -4.61 19.13
C PRO H 154 -47.23 -3.10 19.09
N ARG H 155 -46.39 -2.48 19.91
CA ARG H 155 -46.41 -1.04 19.99
C ARG H 155 -45.71 -0.43 18.79
N LEU H 156 -45.96 0.86 18.57
CA LEU H 156 -45.47 1.55 17.38
C LEU H 156 -45.03 2.95 17.75
N LEU H 157 -43.76 3.25 17.48
CA LEU H 157 -43.20 4.59 17.66
C LEU H 157 -42.82 5.17 16.31
N PHE H 158 -42.81 6.50 16.21
CA PHE H 158 -42.51 7.19 14.98
C PHE H 158 -41.36 8.15 15.21
N TYR H 159 -40.31 8.03 14.40
CA TYR H 159 -39.14 8.87 14.56
C TYR H 159 -38.75 9.47 13.22
N PRO H 160 -38.29 10.73 13.18
CA PRO H 160 -37.90 11.34 11.90
C PRO H 160 -36.85 10.49 11.18
N ASP H 161 -36.92 10.48 9.84
CA ASP H 161 -36.03 9.62 9.08
C ASP H 161 -34.90 10.41 8.45
N PRO H 162 -33.62 10.10 8.76
CA PRO H 162 -32.50 10.80 8.10
C PRO H 162 -32.33 10.34 6.66
N THR H 163 -31.36 10.92 5.94
CA THR H 163 -31.12 10.60 4.53
C THR H 163 -32.42 10.80 3.76
N TYR H 164 -33.08 9.69 3.38
CA TYR H 164 -34.41 9.80 2.80
C TYR H 164 -35.28 10.58 3.77
N GLY H 165 -36.16 11.44 3.25
CA GLY H 165 -36.91 12.32 4.13
C GLY H 165 -38.32 11.82 4.38
N GLY H 166 -38.66 11.75 5.67
CA GLY H 166 -39.99 11.48 6.16
C GLY H 166 -39.98 11.01 7.60
N HIS H 167 -40.54 9.84 7.84
CA HIS H 167 -40.69 9.32 9.20
C HIS H 167 -40.53 7.81 9.14
N MET H 168 -39.58 7.28 9.90
CA MET H 168 -39.37 5.85 10.07
C MET H 168 -40.15 5.35 11.28
N LEU H 169 -40.33 4.03 11.33
CA LEU H 169 -41.18 3.39 12.32
C LEU H 169 -40.35 2.45 13.19
N TYR H 170 -40.73 2.38 14.47
CA TYR H 170 -40.11 1.46 15.43
C TYR H 170 -41.23 0.59 15.98
N VAL H 171 -41.28 -0.67 15.55
CA VAL H 171 -42.23 -1.61 16.11
C VAL H 171 -41.62 -2.18 17.38
N ILE H 172 -42.22 -1.86 18.51
CA ILE H 172 -41.75 -2.31 19.82
C ILE H 172 -42.51 -3.58 20.19
N PHE H 173 -41.77 -4.68 20.34
CA PHE H 173 -42.39 -5.94 20.74
C PHE H 173 -42.35 -6.06 22.26
N PRO H 174 -43.49 -6.17 22.93
CA PRO H 174 -43.48 -6.28 24.39
C PRO H 174 -43.05 -7.67 24.84
N GLY H 175 -42.40 -7.71 25.99
CA GLY H 175 -41.97 -8.96 26.58
C GLY H 175 -40.50 -9.24 26.35
N THR H 176 -40.10 -10.45 26.72
CA THR H 176 -38.72 -10.91 26.59
C THR H 176 -38.51 -11.83 25.39
N SER H 177 -39.51 -11.94 24.52
CA SER H 177 -39.43 -12.82 23.36
C SER H 177 -40.28 -12.23 22.24
N ALA H 178 -39.96 -12.61 21.01
CA ALA H 178 -40.70 -12.10 19.85
C ALA H 178 -40.66 -13.15 18.75
N HIS H 179 -41.84 -13.65 18.38
CA HIS H 179 -41.99 -14.63 17.32
C HIS H 179 -42.76 -13.98 16.18
N LEU H 180 -42.08 -13.76 15.07
CA LEU H 180 -42.67 -13.21 13.86
C LEU H 180 -43.03 -14.35 12.92
N HIS H 181 -44.32 -14.50 12.67
CA HIS H 181 -44.89 -15.53 11.82
C HIS H 181 -44.38 -15.37 10.38
N TYR H 182 -44.23 -16.49 9.68
CA TYR H 182 -43.72 -16.43 8.31
C TYR H 182 -44.71 -15.76 7.37
N LEU H 183 -46.01 -16.03 7.56
CA LEU H 183 -47.02 -15.34 6.77
C LEU H 183 -47.00 -13.84 7.05
N LEU H 184 -46.81 -13.46 8.32
CA LEU H 184 -46.71 -12.04 8.68
C LEU H 184 -45.53 -11.40 7.99
N ILE H 185 -44.36 -12.05 8.03
CA ILE H 185 -43.16 -11.48 7.41
C ILE H 185 -43.33 -11.38 5.90
N ASP H 186 -43.91 -12.41 5.28
CA ASP H 186 -44.11 -12.38 3.84
C ASP H 186 -45.03 -11.23 3.44
N ARG H 187 -46.14 -11.06 4.16
CA ARG H 187 -47.08 -9.99 3.82
C ARG H 187 -46.49 -8.62 4.12
N MET H 188 -45.66 -8.50 5.17
CA MET H 188 -44.98 -7.25 5.44
C MET H 188 -43.99 -6.89 4.34
N LEU H 189 -43.21 -7.86 3.88
CA LEU H 189 -42.22 -7.59 2.84
C LEU H 189 -42.88 -7.32 1.49
N THR H 190 -44.02 -7.95 1.22
CA THR H 190 -44.68 -7.74 -0.06
C THR H 190 -45.48 -6.44 -0.07
N ALA H 191 -46.13 -6.11 1.05
CA ALA H 191 -46.97 -4.92 1.11
C ALA H 191 -46.13 -3.65 1.06
N CYS H 192 -44.94 -3.66 1.66
CA CYS H 192 -44.04 -2.52 1.68
C CYS H 192 -42.76 -2.89 0.95
N PRO H 193 -42.72 -2.73 -0.38
CA PRO H 193 -41.53 -3.15 -1.14
C PRO H 193 -40.38 -2.18 -0.96
N GLY H 194 -40.70 -0.89 -0.91
CA GLY H 194 -39.72 0.16 -0.77
C GLY H 194 -39.24 0.42 0.64
N TYR H 195 -39.65 -0.40 1.60
CA TYR H 195 -39.26 -0.21 2.98
C TYR H 195 -38.42 -1.40 3.46
N ARG H 196 -37.39 -1.10 4.23
CA ARG H 196 -36.49 -2.10 4.78
C ARG H 196 -36.86 -2.34 6.24
N PHE H 197 -36.90 -3.63 6.61
CA PHE H 197 -37.23 -4.07 7.95
C PHE H 197 -36.01 -4.73 8.56
N VAL H 198 -35.58 -4.26 9.73
CA VAL H 198 -34.39 -4.78 10.40
C VAL H 198 -34.73 -5.05 11.85
N ALA H 199 -34.51 -6.27 12.31
CA ALA H 199 -34.74 -6.61 13.70
C ALA H 199 -33.51 -6.28 14.53
N HIS H 200 -33.74 -5.80 15.75
CA HIS H 200 -32.66 -5.44 16.65
C HIS H 200 -33.18 -5.46 18.08
N VAL H 201 -32.29 -5.16 19.03
CA VAL H 201 -32.63 -5.10 20.44
C VAL H 201 -32.07 -3.81 21.03
N TRP H 202 -32.84 -3.18 21.91
CA TRP H 202 -32.44 -1.93 22.53
C TRP H 202 -33.01 -1.88 23.94
N GLN H 203 -32.13 -1.67 24.92
CA GLN H 203 -32.50 -1.60 26.34
C GLN H 203 -33.34 -2.81 26.74
N SER H 204 -32.86 -4.00 26.37
CA SER H 204 -33.53 -5.26 26.67
C SER H 204 -34.95 -5.30 26.15
N THR H 205 -35.19 -4.63 25.01
CA THR H 205 -36.49 -4.64 24.36
C THR H 205 -36.28 -4.93 22.87
N PHE H 206 -36.96 -5.94 22.36
CA PHE H 206 -36.84 -6.28 20.95
C PHE H 206 -37.62 -5.29 20.10
N VAL H 207 -37.03 -4.90 18.97
CA VAL H 207 -37.57 -3.85 18.12
C VAL H 207 -37.40 -4.24 16.66
N LEU H 208 -38.31 -3.76 15.83
CA LEU H 208 -38.25 -3.93 14.38
C LEU H 208 -38.28 -2.55 13.75
N VAL H 209 -37.17 -2.15 13.14
CA VAL H 209 -37.06 -0.83 12.53
C VAL H 209 -37.49 -0.91 11.07
N VAL H 210 -38.40 -0.01 10.69
CA VAL H 210 -38.91 0.08 9.33
C VAL H 210 -38.49 1.43 8.78
N ARG H 211 -37.67 1.41 7.73
CA ARG H 211 -37.13 2.63 7.13
C ARG H 211 -37.39 2.62 5.63
N ARG H 212 -37.09 3.74 4.99
CA ARG H 212 -37.25 3.86 3.54
C ARG H 212 -36.08 3.20 2.84
N ASN H 213 -36.36 2.56 1.70
CA ASN H 213 -35.36 1.81 0.96
C ASN H 213 -35.59 1.94 -0.54
N ALA H 214 -34.49 1.91 -1.30
CA ALA H 214 -34.52 1.91 -2.76
C ALA H 214 -35.34 3.07 -3.33
N GLU H 215 -35.24 4.23 -2.66
CA GLU H 215 -35.91 5.48 -3.07
C GLU H 215 -37.43 5.39 -2.99
N LYS H 216 -38.13 5.38 -4.14
CA LYS H 216 -39.60 5.38 -4.18
C LYS H 216 -40.17 4.30 -5.09
N PRO H 217 -39.79 3.02 -4.88
CA PRO H 217 -40.40 1.89 -5.62
C PRO H 217 -41.78 1.49 -5.09
N THR H 218 -42.63 2.50 -4.86
CA THR H 218 -43.98 2.31 -4.35
C THR H 218 -44.92 3.25 -5.08
N ASP H 219 -45.60 2.73 -6.11
CA ASP H 219 -46.64 3.48 -6.80
C ASP H 219 -47.63 4.08 -5.81
N ALA H 220 -48.33 5.12 -6.26
CA ALA H 220 -49.32 5.78 -5.42
C ALA H 220 -50.75 5.42 -5.80
N GLU H 221 -51.07 4.12 -5.87
CA GLU H 221 -52.43 3.68 -6.19
C GLU H 221 -53.37 3.73 -4.99
N ILE H 222 -52.92 4.37 -3.92
CA ILE H 222 -53.68 4.48 -2.68
C ILE H 222 -54.58 5.70 -2.74
N PRO H 223 -55.85 5.57 -2.39
CA PRO H 223 -56.77 6.71 -2.45
C PRO H 223 -56.39 7.78 -1.44
N THR H 224 -56.98 8.95 -1.62
CA THR H 224 -56.69 10.10 -0.78
C THR H 224 -57.56 10.08 0.47
N VAL H 225 -56.92 10.24 1.63
CA VAL H 225 -57.60 10.26 2.91
C VAL H 225 -57.42 11.64 3.52
N SER H 226 -58.51 12.20 4.02
CA SER H 226 -58.48 13.54 4.59
C SER H 226 -57.81 13.53 5.96
N ALA H 227 -56.81 14.39 6.14
CA ALA H 227 -56.16 14.48 7.43
C ALA H 227 -56.94 15.35 8.41
N ALA H 228 -57.71 16.32 7.90
CA ALA H 228 -58.47 17.20 8.79
C ALA H 228 -59.59 16.44 9.49
N ASP H 229 -60.31 15.57 8.76
CA ASP H 229 -61.37 14.79 9.37
C ASP H 229 -60.83 13.83 10.42
N ILE H 230 -59.70 13.17 10.13
CA ILE H 230 -59.09 12.29 11.12
C ILE H 230 -58.64 13.09 12.33
N TYR H 231 -58.08 14.27 12.10
CA TYR H 231 -57.66 15.13 13.21
C TYR H 231 -58.84 15.50 14.10
N CYS H 232 -59.96 15.88 13.48
CA CYS H 232 -61.15 16.25 14.26
C CYS H 232 -61.71 15.05 15.02
N LYS H 233 -61.81 13.89 14.35
CA LYS H 233 -62.31 12.69 15.01
C LYS H 233 -61.41 12.27 16.17
N MET H 234 -60.10 12.49 16.05
CA MET H 234 -59.19 12.24 17.17
C MET H 234 -59.44 13.24 18.29
N ARG H 235 -59.67 14.51 17.94
CA ARG H 235 -60.00 15.52 18.95
C ARG H 235 -61.30 15.17 19.66
N ASP H 236 -62.18 14.42 19.01
CA ASP H 236 -63.46 14.03 19.59
C ASP H 236 -63.38 12.75 20.41
N ILE H 237 -62.41 11.89 20.13
CA ILE H 237 -62.27 10.64 20.89
C ILE H 237 -61.25 10.86 22.00
N SER H 238 -61.63 10.47 23.22
CA SER H 238 -60.74 10.56 24.37
C SER H 238 -59.97 9.27 24.52
N PHE H 239 -58.64 9.37 24.60
CA PHE H 239 -57.80 8.19 24.67
C PHE H 239 -57.71 7.67 26.11
N ASP H 240 -57.40 6.38 26.22
CA ASP H 240 -57.28 5.73 27.52
C ASP H 240 -56.00 6.18 28.22
N GLY H 241 -56.11 6.52 29.50
CA GLY H 241 -54.93 6.90 30.27
C GLY H 241 -53.96 5.73 30.35
N GLY H 242 -52.69 6.07 30.55
CA GLY H 242 -51.62 5.09 30.65
C GLY H 242 -50.95 4.76 29.33
N LEU H 243 -51.75 4.59 28.28
CA LEU H 243 -51.19 4.35 26.96
C LEU H 243 -50.34 5.54 26.52
N MET H 244 -50.82 6.76 26.77
CA MET H 244 -50.04 7.95 26.45
C MET H 244 -48.76 7.98 27.27
N LEU H 245 -48.85 7.63 28.54
CA LEU H 245 -47.65 7.56 29.38
C LEU H 245 -46.72 6.47 28.90
N GLU H 246 -47.27 5.33 28.47
CA GLU H 246 -46.44 4.26 27.94
C GLU H 246 -45.69 4.72 26.69
N TYR H 247 -46.36 5.47 25.82
CA TYR H 247 -45.68 5.98 24.62
C TYR H 247 -44.63 7.02 24.97
N GLN H 248 -44.91 7.86 25.97
CA GLN H 248 -43.91 8.81 26.45
C GLN H 248 -42.67 8.09 26.96
N ARG H 249 -42.88 7.03 27.75
CA ARG H 249 -41.76 6.25 28.27
C ARG H 249 -40.98 5.59 27.15
N LEU H 250 -41.69 5.02 26.16
CA LEU H 250 -41.01 4.37 25.04
C LEU H 250 -40.19 5.35 24.24
N TYR H 251 -40.74 6.54 23.98
CA TYR H 251 -39.99 7.57 23.25
C TYR H 251 -38.78 8.03 24.05
N ALA H 252 -38.94 8.23 25.36
CA ALA H 252 -37.82 8.66 26.19
C ALA H 252 -36.72 7.60 26.23
N THR H 253 -37.10 6.31 26.22
CA THR H 253 -36.10 5.26 26.25
C THR H 253 -35.41 5.10 24.91
N PHE H 254 -36.16 5.25 23.82
CA PHE H 254 -35.63 5.07 22.47
C PHE H 254 -35.14 6.36 21.84
N ASP H 255 -35.20 7.48 22.56
CA ASP H 255 -34.67 8.74 22.05
C ASP H 255 -33.18 8.68 21.73
N GLU H 256 -32.45 7.75 22.34
CA GLU H 256 -31.02 7.63 22.10
C GLU H 256 -30.71 6.31 21.42
N PHE H 257 -31.38 6.03 20.30
CA PHE H 257 -31.24 4.76 19.60
C PHE H 257 -30.63 4.99 18.23
N PRO H 258 -29.41 4.50 17.98
CA PRO H 258 -28.83 4.59 16.63
C PRO H 258 -29.58 3.69 15.67
N PRO H 259 -30.23 4.27 14.65
CA PRO H 259 -31.02 3.45 13.72
C PRO H 259 -30.11 2.54 12.92
N PRO H 260 -30.36 1.21 12.94
CA PRO H 260 -29.58 0.26 12.16
C PRO H 260 -30.04 0.16 10.69
N PRO I 12 51.35 -13.97 20.95
CA PRO I 12 50.40 -13.83 22.05
C PRO I 12 50.57 -12.51 22.80
N ALA I 13 50.93 -11.45 22.07
CA ALA I 13 51.17 -10.14 22.65
C ALA I 13 50.04 -9.21 22.22
N PHE I 14 49.15 -8.89 23.17
CA PHE I 14 48.04 -8.00 22.88
C PHE I 14 48.53 -6.59 22.57
N GLU I 15 49.45 -6.05 23.37
CA GLU I 15 49.93 -4.69 23.14
C GLU I 15 50.92 -4.62 21.99
N GLY I 16 51.60 -5.73 21.70
CA GLY I 16 52.51 -5.75 20.56
C GLY I 16 51.80 -5.44 19.26
N LEU I 17 50.57 -5.95 19.11
CA LEU I 17 49.80 -5.68 17.90
C LEU I 17 49.48 -4.20 17.77
N VAL I 18 49.06 -3.57 18.86
CA VAL I 18 48.73 -2.14 18.82
C VAL I 18 49.97 -1.31 18.54
N GLN I 19 51.11 -1.67 19.13
CA GLN I 19 52.34 -0.95 18.86
C GLN I 19 52.77 -1.10 17.40
N ARG I 20 52.67 -2.31 16.86
CA ARG I 20 52.98 -2.54 15.46
C ARG I 20 52.08 -1.71 14.56
N ILE I 21 50.78 -1.70 14.84
CA ILE I 21 49.84 -0.93 14.02
C ILE I 21 50.19 0.55 14.08
N ARG I 22 50.46 1.07 15.28
CA ARG I 22 50.86 2.47 15.40
C ARG I 22 52.11 2.75 14.59
N LEU I 23 53.06 1.82 14.58
CA LEU I 23 54.24 1.96 13.74
C LEU I 23 53.85 2.07 12.28
N ILE I 24 52.88 1.26 11.84
CA ILE I 24 52.50 1.26 10.44
C ILE I 24 51.75 2.54 10.07
N VAL I 25 50.87 3.00 10.95
CA VAL I 25 50.11 4.23 10.70
C VAL I 25 51.04 5.44 10.79
N PRO I 26 50.88 6.45 9.92
CA PRO I 26 51.75 7.63 10.01
C PRO I 26 51.66 8.34 11.35
N SER I 27 52.64 9.20 11.60
CA SER I 27 52.76 9.85 12.90
C SER I 27 51.73 10.95 13.10
N THR I 28 51.33 11.64 12.02
CA THR I 28 50.41 12.77 12.15
C THR I 28 49.08 12.33 12.75
N LEU I 29 48.70 11.07 12.55
CA LEU I 29 47.46 10.51 13.11
C LEU I 29 47.71 10.11 14.56
N ARG I 30 47.73 11.11 15.44
CA ARG I 30 47.94 10.87 16.86
C ARG I 30 46.91 9.88 17.38
N GLY I 31 47.39 8.81 17.99
CA GLY I 31 46.48 7.81 18.55
C GLY I 31 47.20 6.49 18.77
N GLY I 32 46.44 5.41 18.68
CA GLY I 32 46.95 4.08 18.91
C GLY I 32 46.23 3.31 19.99
N ASP I 33 46.03 3.91 21.15
CA ASP I 33 45.37 3.23 22.26
C ASP I 33 43.90 3.01 21.97
N GLY I 34 43.37 1.90 22.49
CA GLY I 34 41.98 1.58 22.30
C GLY I 34 41.22 1.44 23.61
N GLU I 35 39.91 1.72 23.54
CA GLU I 35 39.04 1.54 24.70
C GLU I 35 38.82 0.08 25.03
N ALA I 36 39.15 -0.82 24.10
CA ALA I 36 38.94 -2.24 24.30
C ALA I 36 39.73 -2.76 25.50
N GLY I 37 39.13 -3.71 26.22
CA GLY I 37 39.76 -4.31 27.35
C GLY I 37 40.72 -5.42 26.95
N PRO I 38 40.83 -6.44 27.80
CA PRO I 38 41.73 -7.56 27.50
C PRO I 38 41.38 -8.22 26.19
N TYR I 39 42.40 -8.38 25.33
CA TYR I 39 42.20 -8.89 23.98
C TYR I 39 43.36 -9.84 23.66
N SER I 40 43.12 -11.13 23.84
CA SER I 40 44.08 -12.18 23.60
C SER I 40 43.70 -12.94 22.33
N PRO I 41 44.65 -13.68 21.71
CA PRO I 41 44.33 -14.40 20.47
C PRO I 41 43.12 -15.30 20.60
N SER I 42 42.79 -15.73 21.82
CA SER I 42 41.61 -16.55 22.02
C SER I 42 40.36 -15.72 22.26
N SER I 43 40.45 -14.71 23.13
CA SER I 43 39.32 -13.86 23.48
C SER I 43 39.48 -12.51 22.82
N LEU I 44 38.63 -12.21 21.84
CA LEU I 44 38.72 -10.93 21.17
C LEU I 44 37.53 -10.05 21.53
N PRO I 45 37.72 -8.76 21.70
CA PRO I 45 36.63 -7.88 22.13
C PRO I 45 35.81 -7.34 20.96
N SER I 46 34.66 -6.77 21.30
CA SER I 46 33.83 -6.05 20.35
C SER I 46 34.07 -4.55 20.40
N ARG I 47 35.11 -4.12 21.10
CA ARG I 47 35.47 -2.72 21.25
C ARG I 47 36.69 -2.41 20.39
N CYS I 48 36.85 -1.13 20.07
CA CYS I 48 37.93 -0.70 19.18
C CYS I 48 39.30 -1.03 19.78
N ALA I 49 40.11 -1.78 19.02
CA ALA I 49 41.44 -2.14 19.49
C ALA I 49 42.40 -0.97 19.43
N PHE I 50 42.24 -0.09 18.43
CA PHE I 50 43.06 1.10 18.31
C PHE I 50 42.20 2.28 17.88
N GLN I 51 42.61 3.47 18.29
CA GLN I 51 41.86 4.69 18.02
C GLN I 51 42.83 5.78 17.61
N PHE I 52 42.79 6.17 16.34
CA PHE I 52 43.59 7.27 15.81
C PHE I 52 42.69 8.46 15.53
N HIS I 53 43.30 9.65 15.47
CA HIS I 53 42.52 10.85 15.20
C HIS I 53 43.39 11.90 14.54
N GLY I 54 42.77 12.71 13.70
CA GLY I 54 43.44 13.81 13.06
C GLY I 54 42.67 15.10 13.32
N HIS I 55 43.40 16.20 13.29
CA HIS I 55 42.82 17.50 13.64
C HIS I 55 42.35 18.21 12.37
N ASP I 56 41.96 19.48 12.51
CA ASP I 56 41.48 20.23 11.38
C ASP I 56 42.63 20.52 10.41
N GLY I 57 42.40 20.23 9.13
CA GLY I 57 43.41 20.44 8.12
C GLY I 57 44.38 19.30 7.92
N SER I 58 44.06 18.11 8.44
CA SER I 58 44.92 16.96 8.26
C SER I 58 44.69 16.35 6.88
N ASP I 59 45.78 16.04 6.18
CA ASP I 59 45.73 15.49 4.82
C ASP I 59 46.61 14.23 4.80
N GLU I 60 46.12 13.16 5.44
CA GLU I 60 46.97 11.99 5.66
C GLU I 60 46.31 10.73 5.13
N SER I 61 47.14 9.70 4.93
CA SER I 61 46.69 8.43 4.41
C SER I 61 46.77 7.35 5.48
N PHE I 62 45.86 6.39 5.41
CA PHE I 62 45.77 5.30 6.36
C PHE I 62 45.83 3.98 5.61
N PRO I 63 46.76 3.09 5.93
CA PRO I 63 46.77 1.77 5.26
C PRO I 63 45.75 0.83 5.88
N ILE I 64 44.51 0.85 5.37
CA ILE I 64 43.44 0.07 5.99
C ILE I 64 43.66 -1.42 5.74
N GLU I 65 43.96 -1.79 4.49
CA GLU I 65 44.13 -3.20 4.15
C GLU I 65 45.25 -3.83 4.98
N TYR I 66 46.38 -3.12 5.12
CA TYR I 66 47.50 -3.66 5.88
C TYR I 66 47.11 -3.89 7.35
N VAL I 67 46.46 -2.91 7.96
CA VAL I 67 46.10 -3.03 9.37
C VAL I 67 45.08 -4.15 9.58
N LEU I 68 44.09 -4.24 8.69
CA LEU I 68 43.07 -5.29 8.84
C LEU I 68 43.67 -6.67 8.63
N ARG I 69 44.55 -6.81 7.63
CA ARG I 69 45.21 -8.10 7.43
C ARG I 69 46.08 -8.46 8.62
N LEU I 70 46.72 -7.47 9.23
CA LEU I 70 47.52 -7.72 10.42
C LEU I 70 46.64 -8.18 11.59
N MET I 71 45.48 -7.55 11.75
CA MET I 71 44.54 -7.99 12.79
C MET I 71 44.11 -9.42 12.56
N ASN I 72 43.77 -9.77 11.31
CA ASN I 72 43.37 -11.13 11.00
C ASN I 72 44.51 -12.11 11.24
N ASP I 73 45.74 -11.71 10.94
CA ASP I 73 46.91 -12.57 11.16
C ASP I 73 47.12 -12.85 12.64
N TRP I 74 47.16 -11.79 13.46
CA TRP I 74 47.49 -11.95 14.87
C TRP I 74 46.53 -12.89 15.57
N ALA I 75 45.24 -12.79 15.24
CA ALA I 75 44.23 -13.65 15.84
C ALA I 75 44.22 -15.04 15.22
N GLU I 76 43.99 -16.03 16.07
CA GLU I 76 43.90 -17.42 15.66
C GLU I 76 42.46 -17.91 15.58
N VAL I 77 41.50 -16.99 15.55
CA VAL I 77 40.07 -17.33 15.46
C VAL I 77 39.49 -16.69 14.20
N PRO I 78 38.61 -17.37 13.47
CA PRO I 78 37.98 -16.75 12.29
C PRO I 78 37.30 -15.43 12.63
N CYS I 79 37.47 -14.44 11.76
CA CYS I 79 36.97 -13.10 12.03
C CYS I 79 36.92 -12.30 10.74
N ASN I 80 36.42 -11.06 10.86
CA ASN I 80 36.37 -10.10 9.75
C ASN I 80 36.73 -8.74 10.32
N PRO I 81 38.03 -8.40 10.34
CA PRO I 81 38.46 -7.09 10.85
C PRO I 81 37.75 -5.94 10.15
N TYR I 82 37.59 -4.83 10.88
CA TYR I 82 36.77 -3.73 10.39
C TYR I 82 37.34 -2.41 10.87
N LEU I 83 37.26 -1.39 10.01
CA LEU I 83 37.65 -0.03 10.34
C LEU I 83 36.43 0.88 10.25
N ARG I 84 36.41 1.90 11.11
CA ARG I 84 35.33 2.88 11.16
C ARG I 84 35.92 4.29 11.14
N ILE I 85 35.37 5.16 10.30
CA ILE I 85 35.83 6.53 10.18
C ILE I 85 34.64 7.46 10.41
N GLN I 86 34.80 8.40 11.33
CA GLN I 86 33.73 9.33 11.68
C GLN I 86 34.29 10.74 11.76
N ASN I 87 33.56 11.69 11.18
CA ASN I 87 33.95 13.11 11.25
C ASN I 87 34.01 13.62 12.67
N THR I 88 33.22 13.02 13.58
CA THR I 88 33.21 13.39 15.00
C THR I 88 32.73 14.84 15.21
N GLY I 89 32.98 15.74 14.26
CA GLY I 89 32.53 17.11 14.34
C GLY I 89 33.64 18.13 14.36
N VAL I 90 34.80 17.77 14.91
CA VAL I 90 35.90 18.72 15.07
C VAL I 90 37.23 18.06 14.72
N SER I 91 37.22 16.76 14.44
CA SER I 91 38.43 16.02 14.12
C SER I 91 38.05 14.64 13.60
N VAL I 92 38.79 14.15 12.61
CA VAL I 92 38.50 12.83 12.05
C VAL I 92 38.94 11.77 13.04
N LEU I 93 38.13 10.71 13.17
CA LEU I 93 38.37 9.65 14.13
C LEU I 93 38.34 8.31 13.41
N PHE I 94 39.47 7.60 13.45
CA PHE I 94 39.61 6.24 12.94
C PHE I 94 39.56 5.27 14.11
N GLN I 95 38.74 4.23 14.00
CA GLN I 95 38.62 3.20 15.01
C GLN I 95 38.83 1.84 14.36
N GLY I 96 39.54 0.96 15.05
CA GLY I 96 39.81 -0.35 14.50
C GLY I 96 39.22 -1.46 15.34
N PHE I 97 38.15 -2.09 14.85
CA PHE I 97 37.50 -3.17 15.56
C PHE I 97 37.94 -4.50 14.96
N PHE I 98 38.08 -5.50 15.83
CA PHE I 98 38.50 -6.82 15.37
C PHE I 98 37.39 -7.51 14.59
N HIS I 99 36.15 -7.16 14.87
CA HIS I 99 35.00 -7.60 14.11
C HIS I 99 34.09 -6.39 14.01
N ARG I 100 33.31 -6.31 12.95
CA ARG I 100 32.45 -5.16 12.76
C ARG I 100 31.63 -4.91 14.03
N PRO I 101 31.51 -3.67 14.50
CA PRO I 101 30.64 -3.42 15.65
C PRO I 101 29.28 -4.00 15.35
N HIS I 102 28.78 -4.82 16.27
CA HIS I 102 27.57 -5.60 16.05
C HIS I 102 26.36 -4.76 15.66
N ASN I 103 26.56 -3.49 15.33
CA ASN I 103 25.51 -2.57 14.87
C ASN I 103 26.26 -1.35 14.31
N ALA I 104 26.51 -1.36 13.00
CA ALA I 104 27.33 -0.34 12.37
C ALA I 104 27.12 -0.39 10.87
N PRO I 105 27.12 0.76 10.19
CA PRO I 105 26.96 0.77 8.72
C PRO I 105 28.03 0.09 7.90
N GLY I 106 27.67 -1.08 7.38
CA GLY I 106 28.51 -1.86 6.50
C GLY I 106 28.70 -1.20 5.14
N GLY I 107 29.52 -1.85 4.33
CA GLY I 107 29.71 -1.44 2.94
C GLY I 107 30.31 -0.05 2.78
N ALA I 108 29.57 0.82 2.07
CA ALA I 108 29.88 2.23 1.81
C ALA I 108 30.95 2.44 0.76
N ILE I 109 31.33 1.40 0.00
CA ILE I 109 32.32 1.50 -1.05
C ILE I 109 31.86 0.65 -2.23
N THR I 110 31.91 1.23 -3.43
CA THR I 110 31.49 0.61 -4.68
C THR I 110 32.54 0.86 -5.75
N PRO I 111 32.72 -0.09 -6.67
CA PRO I 111 33.77 0.05 -7.71
C PRO I 111 33.83 1.40 -8.41
N GLU I 112 32.72 2.12 -8.57
CA GLU I 112 32.72 3.38 -9.29
C GLU I 112 32.57 4.60 -8.38
N ARG I 113 32.59 4.41 -7.06
CA ARG I 113 32.45 5.50 -6.10
C ARG I 113 33.48 5.36 -4.99
N THR I 114 34.75 5.24 -5.36
CA THR I 114 35.81 5.11 -4.36
C THR I 114 35.81 6.32 -3.41
N ASN I 115 35.50 7.50 -3.93
CA ASN I 115 35.45 8.71 -3.12
C ASN I 115 34.17 8.75 -2.28
N VAL I 116 34.30 9.25 -1.05
CA VAL I 116 33.16 9.40 -0.15
C VAL I 116 33.40 10.64 0.70
N ILE I 117 32.32 11.34 1.04
CA ILE I 117 32.40 12.52 1.89
C ILE I 117 31.60 12.27 3.16
N LEU I 118 32.03 12.90 4.26
CA LEU I 118 31.38 12.75 5.55
C LEU I 118 31.22 14.12 6.19
N GLY I 119 29.97 14.52 6.42
CA GLY I 119 29.68 15.75 7.12
C GLY I 119 29.82 15.59 8.62
N SER I 120 29.33 16.60 9.34
CA SER I 120 29.41 16.60 10.79
C SER I 120 28.61 15.44 11.39
N THR I 121 29.21 14.77 12.37
CA THR I 121 28.62 13.67 13.14
C THR I 121 28.37 12.42 12.31
N GLU I 122 28.80 12.39 11.06
CA GLU I 122 28.54 11.25 10.20
C GLU I 122 29.64 10.21 10.36
N THR I 123 29.30 8.96 10.05
CA THR I 123 30.21 7.84 10.22
C THR I 123 30.06 6.89 9.04
N THR I 124 31.12 6.11 8.80
CA THR I 124 31.15 5.07 7.78
C THR I 124 32.20 4.04 8.21
N GLY I 125 32.36 3.00 7.41
CA GLY I 125 33.34 1.99 7.74
C GLY I 125 33.45 0.94 6.65
N LEU I 126 34.34 -0.01 6.88
CA LEU I 126 34.59 -1.08 5.93
C LEU I 126 35.23 -2.27 6.63
N SER I 127 34.80 -3.46 6.25
CA SER I 127 35.37 -4.70 6.77
C SER I 127 36.35 -5.29 5.77
N LEU I 128 37.17 -6.23 6.26
CA LEU I 128 38.16 -6.87 5.41
C LEU I 128 37.52 -7.72 4.34
N GLY I 129 36.39 -8.36 4.65
CA GLY I 129 35.70 -9.16 3.64
C GLY I 129 35.22 -8.33 2.46
N ASP I 130 34.58 -7.18 2.76
CA ASP I 130 34.14 -6.29 1.69
C ASP I 130 35.31 -5.74 0.90
N LEU I 131 36.42 -5.43 1.60
CA LEU I 131 37.62 -4.95 0.92
C LEU I 131 38.15 -5.99 -0.06
N ASP I 132 38.25 -7.24 0.39
CA ASP I 132 38.72 -8.31 -0.48
C ASP I 132 37.76 -8.53 -1.64
N THR I 133 36.45 -8.44 -1.39
CA THR I 133 35.47 -8.63 -2.46
C THR I 133 35.60 -7.56 -3.52
N ILE I 134 35.73 -6.29 -3.11
CA ILE I 134 35.89 -5.20 -4.08
C ILE I 134 37.22 -5.31 -4.81
N LYS I 135 38.29 -5.70 -4.11
CA LYS I 135 39.56 -5.91 -4.76
C LYS I 135 39.46 -6.98 -5.84
N GLY I 136 38.73 -8.06 -5.54
CA GLY I 136 38.52 -9.10 -6.54
C GLY I 136 37.68 -8.60 -7.70
N ARG I 137 36.64 -7.81 -7.42
CA ARG I 137 35.81 -7.24 -8.47
C ARG I 137 36.65 -6.40 -9.44
N LEU I 138 37.54 -5.56 -8.89
CA LEU I 138 38.43 -4.76 -9.72
C LEU I 138 39.48 -5.61 -10.44
N GLY I 139 39.62 -6.88 -10.08
CA GLY I 139 40.56 -7.76 -10.74
C GLY I 139 42.02 -7.44 -10.50
N LEU I 140 42.32 -6.66 -9.46
CA LEU I 140 43.71 -6.32 -9.16
C LEU I 140 44.48 -7.55 -8.70
N ASP I 141 45.82 -7.42 -8.72
CA ASP I 141 46.69 -8.53 -8.37
C ASP I 141 46.50 -8.91 -6.91
N ALA I 142 46.16 -10.18 -6.67
CA ALA I 142 45.92 -10.69 -5.33
C ALA I 142 47.18 -11.20 -4.64
N ARG I 143 48.33 -11.18 -5.32
CA ARG I 143 49.58 -11.59 -4.71
C ARG I 143 49.90 -10.70 -3.50
N PRO I 144 50.68 -11.22 -2.54
CA PRO I 144 51.00 -10.42 -1.35
C PRO I 144 51.70 -9.12 -1.72
N MET I 145 51.20 -8.02 -1.16
CA MET I 145 51.80 -6.69 -1.27
C MET I 145 51.85 -6.20 -2.72
N MET I 146 50.97 -6.71 -3.58
CA MET I 146 50.87 -6.22 -4.94
C MET I 146 49.74 -5.22 -5.12
N ALA I 147 48.86 -5.10 -4.13
CA ALA I 147 47.75 -4.15 -4.15
C ALA I 147 47.16 -4.01 -2.76
N SER I 148 47.43 -2.89 -2.09
CA SER I 148 46.91 -2.63 -0.76
C SER I 148 46.08 -1.37 -0.80
N MET I 149 44.92 -1.40 -0.14
CA MET I 149 44.04 -0.25 -0.11
C MET I 149 44.52 0.78 0.89
N TRP I 150 44.33 2.05 0.55
CA TRP I 150 44.71 3.15 1.40
C TRP I 150 43.57 4.16 1.42
N ILE I 151 43.26 4.66 2.60
CA ILE I 151 42.21 5.65 2.80
C ILE I 151 42.89 7.00 2.93
N SER I 152 42.78 7.83 1.92
CA SER I 152 43.28 9.21 1.95
C SER I 152 42.21 10.12 2.54
N CYS I 153 42.52 10.73 3.69
CA CYS I 153 41.61 11.57 4.44
C CYS I 153 42.08 13.01 4.40
N PHE I 154 41.18 13.91 3.99
CA PHE I 154 41.42 15.34 3.98
C PHE I 154 40.37 15.99 4.88
N VAL I 155 40.82 16.60 5.97
CA VAL I 155 39.92 17.19 6.96
C VAL I 155 39.75 18.66 6.63
N ARG I 156 38.64 19.01 5.97
CA ARG I 156 38.29 20.40 5.71
C ARG I 156 36.98 20.65 6.45
N MET I 157 37.08 20.90 7.76
CA MET I 157 35.89 20.97 8.59
C MET I 157 34.99 22.12 8.12
N PRO I 158 33.68 21.91 8.06
CA PRO I 158 32.88 20.86 8.70
C PRO I 158 32.96 19.47 8.07
N ARG I 159 33.63 19.29 6.94
CA ARG I 159 33.59 18.04 6.19
C ARG I 159 34.92 17.29 6.28
N VAL I 160 34.83 15.98 6.04
CA VAL I 160 35.98 15.11 5.91
C VAL I 160 35.84 14.34 4.61
N GLN I 161 36.84 14.45 3.75
CA GLN I 161 36.79 13.88 2.41
C GLN I 161 37.71 12.67 2.36
N LEU I 162 37.12 11.50 2.15
CA LEU I 162 37.83 10.24 2.15
C LEU I 162 37.88 9.65 0.76
N ALA I 163 38.98 8.98 0.45
CA ALA I 163 39.11 8.26 -0.80
C ALA I 163 39.73 6.90 -0.50
N PHE I 164 39.01 5.83 -0.84
CA PHE I 164 39.51 4.47 -0.66
C PHE I 164 40.15 4.11 -1.98
N ARG I 165 41.44 4.40 -2.09
CA ARG I 165 42.19 4.24 -3.33
C ARG I 165 43.18 3.10 -3.16
N PHE I 166 43.27 2.27 -4.20
CA PHE I 166 44.13 1.11 -4.21
C PHE I 166 45.54 1.50 -4.63
N MET I 167 46.51 1.33 -3.73
CA MET I 167 47.90 1.63 -4.02
C MET I 167 48.68 0.35 -4.32
N GLY I 168 49.71 0.48 -5.16
CA GLY I 168 50.55 -0.62 -5.57
C GLY I 168 52.00 -0.41 -5.19
N PRO I 169 52.84 -1.40 -5.43
CA PRO I 169 54.27 -1.24 -5.12
C PRO I 169 55.01 -0.40 -6.15
N GLU I 170 56.21 0.03 -5.76
CA GLU I 170 57.09 0.79 -6.64
C GLU I 170 58.24 -0.06 -7.15
N ASP I 171 58.47 -1.23 -6.56
CA ASP I 171 59.57 -2.11 -6.89
C ASP I 171 59.12 -3.40 -7.53
N ALA I 172 58.03 -3.99 -7.01
CA ALA I 172 57.56 -5.28 -7.46
C ALA I 172 58.71 -6.27 -7.37
N GLY I 173 59.46 -6.18 -6.29
CA GLY I 173 60.63 -7.00 -6.05
C GLY I 173 60.95 -7.08 -4.58
N ARG I 174 61.08 -8.30 -4.07
CA ARG I 174 61.33 -8.55 -2.65
C ARG I 174 62.56 -7.81 -2.12
N GLU J 11 38.58 -17.93 4.53
CA GLU J 11 38.56 -16.47 4.62
C GLU J 11 39.90 -15.96 5.13
N ARG J 12 40.40 -16.58 6.21
CA ARG J 12 41.68 -16.19 6.77
C ARG J 12 42.81 -16.46 5.77
N GLN J 13 43.43 -15.40 5.27
CA GLN J 13 44.53 -15.54 4.34
C GLN J 13 45.80 -15.99 5.05
N ARG J 14 46.40 -17.06 4.55
CA ARG J 14 47.64 -17.57 5.14
C ARG J 14 48.83 -16.67 4.81
N TYR J 15 48.80 -15.41 5.28
CA TYR J 15 49.93 -14.48 5.16
C TYR J 15 50.77 -14.47 6.42
N ARG J 16 50.79 -15.58 7.17
CA ARG J 16 51.50 -15.63 8.44
C ARG J 16 53.00 -15.44 8.26
N GLY J 17 53.58 -16.07 7.25
CA GLY J 17 55.02 -15.95 7.03
C GLY J 17 55.49 -14.52 6.84
N LEU J 18 54.80 -13.77 5.97
CA LEU J 18 55.22 -12.41 5.69
C LEU J 18 55.12 -11.51 6.92
N PHE J 19 53.99 -11.56 7.62
CA PHE J 19 53.81 -10.72 8.80
C PHE J 19 54.78 -11.10 9.91
N ALA J 20 55.03 -12.41 10.09
CA ALA J 20 55.97 -12.85 11.11
C ALA J 20 57.39 -12.39 10.79
N ALA J 21 57.81 -12.56 9.53
CA ALA J 21 59.14 -12.09 9.13
C ALA J 21 59.26 -10.58 9.27
N LEU J 22 58.18 -9.83 9.03
CA LEU J 22 58.25 -8.38 9.16
C LEU J 22 58.28 -7.94 10.61
N ALA J 23 57.63 -8.69 11.51
CA ALA J 23 57.64 -8.34 12.93
C ALA J 23 59.05 -8.29 13.49
N GLN J 24 59.96 -9.13 12.97
CA GLN J 24 61.32 -9.15 13.48
C GLN J 24 62.09 -7.88 13.12
N THR J 25 61.72 -7.22 12.03
CA THR J 25 62.40 -6.02 11.55
C THR J 25 61.37 -4.93 11.27
N PRO J 26 61.00 -4.14 12.28
CA PRO J 26 60.00 -3.07 12.05
C PRO J 26 60.46 -2.03 11.03
N SER J 27 61.77 -1.79 10.93
CA SER J 27 62.27 -0.82 9.96
C SER J 27 61.88 -1.22 8.54
N GLU J 28 62.16 -2.47 8.16
CA GLU J 28 61.78 -2.95 6.84
C GLU J 28 60.27 -2.93 6.66
N GLU J 29 59.51 -3.15 7.73
CA GLU J 29 58.05 -3.08 7.64
C GLU J 29 57.58 -1.68 7.28
N ILE J 30 58.11 -0.67 7.97
CA ILE J 30 57.79 0.71 7.64
C ILE J 30 58.21 1.04 6.21
N ALA J 31 59.38 0.54 5.81
CA ALA J 31 59.86 0.77 4.44
C ALA J 31 58.88 0.19 3.42
N ILE J 32 58.43 -1.05 3.64
CA ILE J 32 57.48 -1.68 2.73
C ILE J 32 56.17 -0.90 2.70
N VAL J 33 55.67 -0.53 3.88
CA VAL J 33 54.40 0.17 3.95
C VAL J 33 54.47 1.49 3.18
N ARG J 34 55.59 2.20 3.30
CA ARG J 34 55.74 3.43 2.53
C ARG J 34 56.00 3.15 1.05
N SER J 35 56.49 1.96 0.71
CA SER J 35 56.72 1.64 -0.69
C SER J 35 55.45 1.27 -1.44
N LEU J 36 54.32 1.11 -0.75
CA LEU J 36 53.05 0.79 -1.41
C LEU J 36 52.24 2.08 -1.60
N SER J 37 52.78 2.96 -2.43
CA SER J 37 52.18 4.27 -2.70
C SER J 37 52.20 4.55 -4.19
N VAL J 38 51.63 3.62 -4.97
CA VAL J 38 51.46 3.77 -6.41
C VAL J 38 50.03 3.41 -6.78
N PRO J 39 49.18 4.40 -7.05
CA PRO J 39 47.77 4.12 -7.33
C PRO J 39 47.60 3.17 -8.51
N LEU J 40 46.92 2.05 -8.27
CA LEU J 40 46.60 1.11 -9.33
C LEU J 40 45.33 1.50 -10.07
N VAL J 41 44.52 2.39 -9.50
CA VAL J 41 43.31 2.88 -10.13
C VAL J 41 43.46 4.40 -10.22
N LYS J 42 43.81 4.87 -11.41
CA LYS J 42 44.03 6.31 -11.61
C LYS J 42 42.77 7.02 -12.06
N THR J 43 42.00 6.41 -12.97
CA THR J 43 40.77 6.99 -13.47
C THR J 43 39.57 6.30 -12.84
N THR J 44 38.65 7.09 -12.29
CA THR J 44 37.42 6.58 -11.71
C THR J 44 36.23 7.09 -12.52
N PRO J 45 35.36 6.21 -12.99
CA PRO J 45 34.22 6.67 -13.82
C PRO J 45 33.19 7.44 -13.01
N VAL J 46 32.72 8.53 -13.60
CA VAL J 46 31.64 9.34 -13.03
C VAL J 46 30.52 9.41 -14.07
N SER J 47 29.34 9.80 -13.61
CA SER J 47 28.16 9.88 -14.46
C SER J 47 27.47 11.21 -14.22
N LEU J 48 27.27 11.98 -15.29
CA LEU J 48 26.65 13.28 -15.15
C LEU J 48 25.14 13.12 -14.95
N PRO J 49 24.49 14.05 -14.23
CA PRO J 49 25.05 15.24 -13.57
C PRO J 49 25.96 14.85 -12.42
N PHE J 50 27.06 15.56 -12.24
CA PHE J 50 28.04 15.22 -11.21
C PHE J 50 28.32 16.46 -10.39
N CYS J 51 28.14 16.34 -9.07
CA CYS J 51 28.42 17.43 -8.16
C CYS J 51 29.87 17.36 -7.70
N LEU J 52 30.55 18.51 -7.72
CA LEU J 52 31.97 18.55 -7.36
C LEU J 52 32.22 18.37 -5.88
N ASP J 53 31.18 18.37 -5.03
CA ASP J 53 31.39 18.17 -3.60
C ASP J 53 31.97 16.80 -3.31
N GLN J 54 31.68 15.80 -4.14
CA GLN J 54 32.20 14.46 -3.95
C GLN J 54 33.63 14.31 -4.46
N THR J 55 34.22 15.39 -4.97
CA THR J 55 35.62 15.38 -5.41
C THR J 55 36.49 15.78 -4.23
N VAL J 56 37.31 14.85 -3.74
CA VAL J 56 38.30 15.23 -2.75
C VAL J 56 39.25 16.24 -3.37
N ALA J 57 39.96 16.97 -2.51
CA ALA J 57 40.94 17.96 -2.98
C ALA J 57 41.92 17.36 -3.98
N ASP J 58 42.21 16.06 -3.88
CA ASP J 58 43.18 15.40 -4.74
C ASP J 58 42.48 14.67 -5.89
N ASN J 59 41.50 15.30 -6.52
CA ASN J 59 40.80 14.71 -7.66
C ASN J 59 40.44 15.79 -8.68
N CYS J 60 40.73 15.50 -9.94
CA CYS J 60 40.45 16.38 -11.07
C CYS J 60 39.39 15.75 -11.95
N LEU J 61 38.67 16.59 -12.69
CA LEU J 61 37.52 16.10 -13.47
C LEU J 61 37.81 16.25 -14.96
N THR J 62 37.84 15.12 -15.67
CA THR J 62 38.09 15.07 -17.12
C THR J 62 36.82 14.59 -17.82
N LEU J 63 36.03 15.54 -18.30
CA LEU J 63 34.83 15.29 -19.08
C LEU J 63 35.16 15.35 -20.56
N SER J 64 35.02 14.23 -21.27
CA SER J 64 35.25 14.22 -22.71
C SER J 64 34.44 13.09 -23.34
N GLY J 65 34.44 13.06 -24.67
CA GLY J 65 33.80 11.97 -25.37
C GLY J 65 34.41 10.63 -25.04
N MET J 66 35.70 10.62 -24.70
CA MET J 66 36.40 9.42 -24.28
C MET J 66 36.04 8.99 -22.87
N GLY J 67 35.09 9.65 -22.22
CA GLY J 67 34.58 9.24 -20.93
C GLY J 67 34.38 10.39 -19.94
N TYR J 68 33.59 10.11 -18.90
CA TYR J 68 33.39 11.03 -17.77
C TYR J 68 34.19 10.46 -16.62
N TYR J 69 35.38 11.00 -16.33
CA TYR J 69 36.10 10.35 -15.25
C TYR J 69 36.91 11.34 -14.42
N LEU J 70 37.08 11.00 -13.15
CA LEU J 70 37.92 11.73 -12.22
C LEU J 70 39.29 11.07 -12.15
N GLY J 71 40.31 11.88 -11.90
CA GLY J 71 41.67 11.40 -11.88
C GLY J 71 42.40 11.89 -10.65
N ILE J 72 43.30 11.04 -10.16
CA ILE J 72 44.15 11.38 -9.03
C ILE J 72 45.00 12.58 -9.40
N GLY J 73 44.89 13.66 -8.61
CA GLY J 73 45.62 14.88 -8.93
C GLY J 73 47.12 14.69 -8.97
N GLY J 74 47.65 13.74 -8.19
CA GLY J 74 49.08 13.50 -8.17
C GLY J 74 49.61 12.72 -9.34
N CYS J 75 48.73 11.96 -10.02
CA CYS J 75 49.12 11.10 -11.13
C CYS J 75 48.61 11.60 -12.48
N CYS J 76 47.54 12.36 -12.50
CA CYS J 76 47.01 12.92 -13.73
C CYS J 76 48.10 13.68 -14.48
N PRO J 77 48.34 13.35 -15.76
CA PRO J 77 49.40 14.03 -16.51
C PRO J 77 49.17 15.52 -16.65
N ALA J 78 48.01 15.90 -17.22
CA ALA J 78 47.73 17.31 -17.48
C ALA J 78 47.72 18.15 -16.21
N CYS J 79 47.30 17.58 -15.09
CA CYS J 79 47.27 18.35 -13.85
C CYS J 79 48.68 18.70 -13.37
N ASN J 80 49.56 17.69 -13.29
CA ASN J 80 50.91 17.94 -12.82
C ASN J 80 51.75 18.73 -13.83
N ALA J 81 51.58 18.45 -15.12
CA ALA J 81 52.32 19.12 -16.18
C ALA J 81 51.57 20.27 -16.83
N GLY J 82 50.46 20.72 -16.26
CA GLY J 82 49.74 21.82 -16.88
C GLY J 82 49.98 23.20 -16.30
N ASP J 83 49.30 23.51 -15.20
CA ASP J 83 49.31 24.83 -14.62
C ASP J 83 50.74 25.30 -14.34
N GLY J 84 51.03 26.55 -14.67
CA GLY J 84 52.32 27.12 -14.39
C GLY J 84 52.42 27.64 -12.97
N ARG J 85 52.12 26.77 -12.01
CA ARG J 85 52.14 27.11 -10.59
C ARG J 85 51.16 28.24 -10.29
N PHE J 86 49.94 28.09 -10.82
CA PHE J 86 48.86 29.04 -10.54
C PHE J 86 48.16 28.60 -9.25
N ALA J 87 48.77 28.99 -8.13
CA ALA J 87 48.26 28.63 -6.81
C ALA J 87 48.32 29.84 -5.87
N ALA J 88 47.75 30.96 -6.31
CA ALA J 88 47.74 32.21 -5.55
C ALA J 88 46.36 32.85 -5.63
N THR J 89 45.34 32.10 -5.18
CA THR J 89 43.93 32.51 -5.26
C THR J 89 43.36 32.47 -3.84
N SER J 90 43.76 33.45 -3.03
CA SER J 90 43.24 33.52 -1.67
C SER J 90 41.88 34.19 -1.68
N ARG J 91 41.03 33.80 -0.72
CA ARG J 91 39.70 34.38 -0.62
C ARG J 91 39.76 35.89 -0.49
N GLU J 92 40.69 36.40 0.34
CA GLU J 92 40.85 37.83 0.50
C GLU J 92 41.26 38.49 -0.81
N ALA J 93 42.23 37.90 -1.52
CA ALA J 93 42.66 38.47 -2.80
C ALA J 93 41.52 38.45 -3.81
N LEU J 94 40.69 37.41 -3.77
CA LEU J 94 39.51 37.38 -4.62
C LEU J 94 38.58 38.53 -4.30
N ILE J 95 38.41 38.84 -3.00
CA ILE J 95 37.60 39.98 -2.60
C ILE J 95 38.19 41.29 -3.10
N LEU J 96 39.52 41.43 -2.99
CA LEU J 96 40.18 42.64 -3.49
C LEU J 96 39.94 42.83 -4.97
N ALA J 97 40.07 41.75 -5.75
CA ALA J 97 39.81 41.85 -7.18
C ALA J 97 38.35 42.16 -7.45
N PHE J 98 37.44 41.55 -6.69
CA PHE J 98 36.02 41.82 -6.86
C PHE J 98 35.69 43.28 -6.62
N VAL J 99 36.28 43.89 -5.59
CA VAL J 99 35.95 45.29 -5.32
C VAL J 99 36.62 46.22 -6.33
N GLN J 100 37.86 45.93 -6.70
CA GLN J 100 38.55 46.84 -7.62
C GLN J 100 38.23 46.55 -9.09
N GLN J 101 37.33 45.60 -9.35
CA GLN J 101 36.88 45.32 -10.72
C GLN J 101 36.53 46.59 -11.50
N ILE J 102 36.09 47.65 -10.81
CA ILE J 102 35.66 48.87 -11.50
C ILE J 102 36.82 49.50 -12.26
N ASN J 103 38.05 49.33 -11.76
CA ASN J 103 39.20 49.94 -12.43
C ASN J 103 39.82 49.01 -13.46
N THR J 104 39.46 47.74 -13.45
CA THR J 104 39.89 46.75 -14.42
C THR J 104 38.68 46.11 -15.09
N ILE J 105 37.66 46.93 -15.34
CA ILE J 105 36.38 46.47 -15.89
C ILE J 105 36.56 45.70 -17.20
N PHE J 106 37.58 46.06 -17.98
CA PHE J 106 37.82 45.37 -19.25
C PHE J 106 38.34 43.95 -19.07
N GLU J 107 39.12 43.68 -18.02
CA GLU J 107 39.63 42.32 -17.82
C GLU J 107 38.55 41.34 -17.41
N HIS J 108 37.50 41.79 -16.72
CA HIS J 108 36.39 40.95 -16.29
C HIS J 108 35.22 41.03 -17.29
N ARG J 109 35.57 40.88 -18.56
CA ARG J 109 34.64 41.21 -19.66
C ARG J 109 33.45 40.26 -19.77
N ALA J 110 33.68 38.95 -19.68
CA ALA J 110 32.60 37.99 -19.91
C ALA J 110 31.46 38.16 -18.91
N PHE J 111 31.81 38.32 -17.65
CA PHE J 111 30.83 38.50 -16.58
C PHE J 111 29.88 39.64 -16.90
N LEU J 112 30.44 40.81 -17.22
CA LEU J 112 29.64 42.00 -17.47
C LEU J 112 28.86 41.89 -18.79
N ALA J 113 29.47 41.28 -19.81
CA ALA J 113 28.84 41.17 -21.12
C ALA J 113 27.60 40.30 -21.08
N SER J 114 27.63 39.20 -20.31
CA SER J 114 26.43 38.37 -20.19
C SER J 114 25.26 39.16 -19.62
N LEU J 115 25.51 39.99 -18.59
CA LEU J 115 24.44 40.82 -18.03
C LEU J 115 23.94 41.84 -19.04
N VAL J 116 24.86 42.45 -19.80
CA VAL J 116 24.43 43.44 -20.79
C VAL J 116 23.51 42.79 -21.82
N VAL J 117 23.86 41.59 -22.30
CA VAL J 117 23.01 40.88 -23.25
C VAL J 117 21.67 40.51 -22.62
N LEU J 118 21.71 40.09 -21.35
CA LEU J 118 20.47 39.74 -20.64
C LEU J 118 19.53 40.93 -20.54
N ALA J 119 20.07 42.15 -20.47
CA ALA J 119 19.21 43.32 -20.38
C ALA J 119 18.27 43.42 -21.58
N ASP J 120 18.74 43.07 -22.79
CA ASP J 120 17.82 43.05 -23.93
C ASP J 120 17.06 41.74 -24.05
N ARG J 121 17.64 40.61 -23.64
CA ARG J 121 16.95 39.34 -23.85
C ARG J 121 15.67 39.28 -23.01
N HIS J 122 15.72 39.81 -21.79
CA HIS J 122 14.55 39.96 -20.95
C HIS J 122 14.25 41.45 -21.01
N ASN J 123 13.00 41.85 -20.84
CA ASN J 123 12.68 43.27 -20.88
C ASN J 123 13.03 43.88 -19.52
N ALA J 124 14.34 43.91 -19.23
CA ALA J 124 14.91 44.22 -17.93
C ALA J 124 15.68 45.53 -17.85
N PRO J 125 15.89 46.04 -16.63
CA PRO J 125 16.88 47.09 -16.40
C PRO J 125 18.26 46.52 -16.06
N LEU J 126 19.30 47.28 -16.39
CA LEU J 126 20.65 46.81 -16.08
C LEU J 126 21.05 47.04 -14.62
N GLN J 127 20.54 48.11 -14.00
CA GLN J 127 20.96 48.44 -12.64
C GLN J 127 20.47 47.41 -11.63
N ASP J 128 19.22 46.97 -11.74
CA ASP J 128 18.71 45.98 -10.81
C ASP J 128 19.43 44.64 -10.97
N LEU J 129 19.71 44.26 -12.20
CA LEU J 129 20.47 43.02 -12.44
C LEU J 129 21.87 43.11 -11.85
N LEU J 130 22.55 44.25 -12.04
CA LEU J 130 23.87 44.43 -11.45
C LEU J 130 23.82 44.38 -9.93
N ALA J 131 22.85 45.05 -9.32
CA ALA J 131 22.73 45.05 -7.87
C ALA J 131 22.46 43.64 -7.34
N GLY J 132 21.62 42.88 -8.04
CA GLY J 132 21.31 41.54 -7.58
C GLY J 132 22.48 40.57 -7.75
N ILE J 133 23.22 40.73 -8.85
CA ILE J 133 24.35 39.83 -9.10
C ILE J 133 25.51 40.14 -8.17
N LEU J 134 25.78 41.43 -7.93
CA LEU J 134 26.87 41.81 -7.03
C LEU J 134 26.58 41.48 -5.58
N GLY J 135 25.31 41.30 -5.20
CA GLY J 135 25.01 40.89 -3.84
C GLY J 135 25.55 39.51 -3.48
N GLN J 136 25.86 38.69 -4.49
CA GLN J 136 26.47 37.38 -4.30
C GLN J 136 27.81 37.37 -5.05
N PRO J 137 28.85 37.97 -4.47
CA PRO J 137 30.15 38.04 -5.16
C PRO J 137 30.81 36.69 -5.35
N GLU J 138 30.30 35.63 -4.70
CA GLU J 138 30.88 34.31 -4.89
C GLU J 138 30.85 33.91 -6.36
N LEU J 139 29.85 34.36 -7.11
CA LEU J 139 29.82 34.09 -8.55
C LEU J 139 31.00 34.76 -9.26
N PHE J 140 31.29 36.02 -8.90
CA PHE J 140 32.46 36.68 -9.47
C PHE J 140 33.74 35.98 -9.05
N PHE J 141 33.77 35.47 -7.81
CA PHE J 141 34.91 34.68 -7.36
C PHE J 141 35.09 33.45 -8.24
N VAL J 142 33.99 32.76 -8.56
CA VAL J 142 34.05 31.62 -9.45
C VAL J 142 34.58 32.03 -10.82
N HIS J 143 34.10 33.16 -11.33
CA HIS J 143 34.59 33.66 -12.62
C HIS J 143 36.11 33.83 -12.60
N THR J 144 36.62 34.52 -11.58
CA THR J 144 38.06 34.76 -11.50
C THR J 144 38.83 33.46 -11.33
N ILE J 145 38.36 32.59 -10.43
CA ILE J 145 39.05 31.31 -10.19
C ILE J 145 39.10 30.48 -11.47
N LEU J 146 37.96 30.30 -12.13
CA LEU J 146 37.90 29.44 -13.31
C LEU J 146 38.51 30.07 -14.54
N ARG J 147 38.76 31.39 -14.50
CA ARG J 147 39.43 32.03 -15.63
C ARG J 147 40.93 31.97 -15.44
N GLY J 148 41.41 32.30 -14.24
CA GLY J 148 42.81 32.19 -13.88
C GLY J 148 43.74 32.73 -14.96
N GLY J 149 44.56 31.84 -15.52
CA GLY J 149 45.42 32.21 -16.63
C GLY J 149 44.66 32.20 -17.93
N GLY J 150 43.53 32.89 -17.94
CA GLY J 150 42.66 32.92 -19.11
C GLY J 150 41.82 31.68 -19.26
N ALA J 151 42.45 30.50 -19.14
CA ALA J 151 41.78 29.21 -19.26
C ALA J 151 40.79 29.21 -20.42
N CYS J 152 41.13 29.92 -21.50
CA CYS J 152 40.27 30.05 -22.67
C CYS J 152 38.96 30.77 -22.30
N ASP J 153 39.08 31.80 -21.44
CA ASP J 153 38.01 32.63 -20.89
C ASP J 153 36.73 31.81 -20.83
N PRO J 154 36.49 31.07 -19.75
CA PRO J 154 35.30 30.23 -19.73
C PRO J 154 34.08 31.13 -19.75
N ARG J 155 33.07 30.73 -20.49
CA ARG J 155 31.93 31.62 -20.62
C ARG J 155 31.04 31.50 -19.39
N LEU J 156 30.19 32.50 -19.19
CA LEU J 156 29.39 32.56 -17.97
C LEU J 156 28.00 33.06 -18.35
N LEU J 157 26.99 32.24 -18.07
CA LEU J 157 25.61 32.62 -18.27
C LEU J 157 24.95 32.73 -16.91
N PHE J 158 23.91 33.55 -16.81
CA PHE J 158 23.23 33.76 -15.54
C PHE J 158 21.74 33.49 -15.75
N TYR J 159 21.18 32.59 -14.95
CA TYR J 159 19.78 32.25 -15.07
C TYR J 159 19.13 32.30 -13.69
N PRO J 160 17.91 32.81 -13.59
CA PRO J 160 17.24 32.88 -12.29
C PRO J 160 17.09 31.52 -11.63
N ASP J 161 17.23 31.51 -10.30
CA ASP J 161 17.11 30.30 -9.49
C ASP J 161 15.77 30.36 -8.75
N PRO J 162 14.91 29.35 -8.87
CA PRO J 162 13.63 29.43 -8.13
C PRO J 162 13.82 29.30 -6.63
N THR J 163 14.81 28.54 -6.19
CA THR J 163 15.12 28.41 -4.78
C THR J 163 16.24 29.38 -4.42
N TYR J 164 16.12 30.01 -3.25
CA TYR J 164 17.09 30.95 -2.69
C TYR J 164 17.17 32.25 -3.48
N GLY J 165 16.36 32.42 -4.52
CA GLY J 165 16.36 33.61 -5.34
C GLY J 165 17.69 33.84 -6.04
N GLY J 166 17.99 35.12 -6.26
CA GLY J 166 19.29 35.48 -6.82
C GLY J 166 19.42 35.05 -8.27
N HIS J 167 20.59 34.55 -8.61
CA HIS J 167 20.90 34.12 -9.97
C HIS J 167 21.94 33.02 -9.91
N MET J 168 21.63 31.89 -10.54
CA MET J 168 22.60 30.80 -10.66
C MET J 168 23.44 31.01 -11.91
N LEU J 169 24.59 30.34 -11.93
CA LEU J 169 25.60 30.55 -12.96
C LEU J 169 25.81 29.28 -13.76
N TYR J 170 26.07 29.44 -15.05
CA TYR J 170 26.40 28.34 -15.96
C TYR J 170 27.75 28.67 -16.56
N VAL J 171 28.79 27.97 -16.11
CA VAL J 171 30.12 28.10 -16.69
C VAL J 171 30.18 27.22 -17.92
N ILE J 172 30.32 27.84 -19.09
CA ILE J 172 30.37 27.16 -20.37
C ILE J 172 31.83 26.94 -20.75
N PHE J 173 32.23 25.68 -20.85
CA PHE J 173 33.57 25.33 -21.27
C PHE J 173 33.61 25.13 -22.78
N PRO J 174 34.42 25.87 -23.52
CA PRO J 174 34.43 25.71 -24.97
C PRO J 174 35.13 24.43 -25.40
N GLY J 175 34.66 23.88 -26.51
CA GLY J 175 35.24 22.69 -27.09
C GLY J 175 34.46 21.44 -26.76
N THR J 176 35.06 20.30 -27.13
CA THR J 176 34.47 18.99 -26.91
C THR J 176 35.08 18.27 -25.72
N SER J 177 35.88 18.96 -24.91
CA SER J 177 36.54 18.36 -23.76
C SER J 177 36.72 19.41 -22.69
N ALA J 178 36.83 18.96 -21.44
CA ALA J 178 36.98 19.88 -20.32
C ALA J 178 37.75 19.18 -19.20
N HIS J 179 38.90 19.73 -18.84
CA HIS J 179 39.71 19.23 -17.75
C HIS J 179 39.75 20.28 -16.65
N LEU J 180 39.12 19.96 -15.51
CA LEU J 180 39.10 20.83 -14.34
C LEU J 180 40.17 20.34 -13.38
N HIS J 181 41.18 21.18 -13.17
CA HIS J 181 42.30 20.89 -12.28
C HIS J 181 41.80 20.73 -10.84
N TYR J 182 42.52 19.89 -10.08
CA TYR J 182 42.09 19.61 -8.71
C TYR J 182 42.24 20.84 -7.82
N LEU J 183 43.30 21.65 -8.02
CA LEU J 183 43.41 22.90 -7.28
C LEU J 183 42.23 23.82 -7.56
N LEU J 184 41.81 23.89 -8.83
CA LEU J 184 40.69 24.76 -9.19
C LEU J 184 39.42 24.35 -8.45
N ILE J 185 39.10 23.05 -8.46
CA ILE J 185 37.89 22.58 -7.81
C ILE J 185 37.98 22.77 -6.29
N ASP J 186 39.15 22.49 -5.72
CA ASP J 186 39.33 22.66 -4.28
C ASP J 186 39.13 24.11 -3.87
N ARG J 187 39.73 25.04 -4.61
CA ARG J 187 39.60 26.45 -4.26
C ARG J 187 38.18 26.96 -4.53
N MET J 188 37.50 26.42 -5.54
CA MET J 188 36.11 26.77 -5.78
C MET J 188 35.23 26.34 -4.61
N LEU J 189 35.43 25.11 -4.13
CA LEU J 189 34.63 24.62 -3.01
C LEU J 189 34.96 25.34 -1.72
N THR J 190 36.21 25.78 -1.55
CA THR J 190 36.60 26.44 -0.31
C THR J 190 36.17 27.89 -0.28
N ALA J 191 36.29 28.60 -1.41
CA ALA J 191 35.96 30.02 -1.44
C ALA J 191 34.46 30.26 -1.32
N CYS J 192 33.65 29.37 -1.90
CA CYS J 192 32.19 29.49 -1.87
C CYS J 192 31.62 28.27 -1.15
N PRO J 193 31.47 28.34 0.18
CA PRO J 193 31.01 27.16 0.92
C PRO J 193 29.53 26.89 0.74
N GLY J 194 28.72 27.95 0.68
CA GLY J 194 27.29 27.81 0.55
C GLY J 194 26.78 27.57 -0.85
N TYR J 195 27.67 27.39 -1.83
CA TYR J 195 27.28 27.18 -3.21
C TYR J 195 27.66 25.79 -3.68
N ARG J 196 26.77 25.18 -4.45
CA ARG J 196 26.95 23.84 -5.00
C ARG J 196 27.32 23.93 -6.48
N PHE J 197 28.29 23.11 -6.86
CA PHE J 197 28.80 23.03 -8.23
C PHE J 197 28.48 21.66 -8.80
N VAL J 198 27.82 21.62 -9.95
CA VAL J 198 27.40 20.37 -10.58
C VAL J 198 27.79 20.40 -12.05
N ALA J 199 28.55 19.40 -12.48
CA ALA J 199 28.92 19.30 -13.89
C ALA J 199 27.83 18.59 -14.68
N HIS J 200 27.64 19.03 -15.93
CA HIS J 200 26.63 18.44 -16.79
C HIS J 200 27.01 18.70 -18.25
N VAL J 201 26.19 18.16 -19.16
CA VAL J 201 26.37 18.36 -20.59
C VAL J 201 25.01 18.73 -21.18
N TRP J 202 25.01 19.68 -22.11
CA TRP J 202 23.78 20.15 -22.74
C TRP J 202 24.08 20.57 -24.17
N GLN J 203 23.36 19.98 -25.12
CA GLN J 203 23.50 20.30 -26.54
C GLN J 203 24.97 20.24 -26.98
N SER J 204 25.62 19.14 -26.63
CA SER J 204 27.03 18.91 -26.96
C SER J 204 27.93 20.03 -26.44
N THR J 205 27.57 20.62 -25.30
CA THR J 205 28.38 21.64 -24.66
C THR J 205 28.49 21.31 -23.18
N PHE J 206 29.72 21.20 -22.69
CA PHE J 206 29.95 20.90 -21.28
C PHE J 206 29.71 22.15 -20.44
N VAL J 207 29.07 21.98 -19.28
CA VAL J 207 28.64 23.10 -18.46
C VAL J 207 28.86 22.76 -16.99
N LEU J 208 29.10 23.80 -16.19
CA LEU J 208 29.20 23.68 -14.74
C LEU J 208 28.18 24.63 -14.12
N VAL J 209 27.16 24.06 -13.49
CA VAL J 209 26.08 24.83 -12.88
C VAL J 209 26.45 25.13 -11.43
N VAL J 210 26.41 26.41 -11.07
CA VAL J 210 26.71 26.86 -9.72
C VAL J 210 25.44 27.48 -9.16
N ARG J 211 24.89 26.86 -8.11
CA ARG J 211 23.67 27.35 -7.50
C ARG J 211 23.83 27.43 -5.99
N ARG J 212 22.83 28.02 -5.33
CA ARG J 212 22.80 28.10 -3.87
C ARG J 212 22.28 26.79 -3.28
N ASN J 213 22.72 26.51 -2.05
CA ASN J 213 22.39 25.25 -1.40
C ASN J 213 21.96 25.45 0.04
N ALA J 214 22.87 25.94 0.88
CA ALA J 214 22.56 26.25 2.27
C ALA J 214 23.69 27.10 2.82
N GLU J 215 23.42 27.77 3.94
CA GLU J 215 24.39 28.62 4.62
C GLU J 215 24.90 29.74 3.69
N LYS J 216 24.08 30.12 2.70
CA LYS J 216 24.42 31.19 1.76
C LYS J 216 24.87 32.50 2.44
N PRO J 217 24.45 32.84 3.66
CA PRO J 217 25.00 34.05 4.28
C PRO J 217 26.39 33.81 4.86
N THR J 218 27.39 34.51 4.32
CA THR J 218 28.75 34.46 4.84
C THR J 218 29.01 35.62 5.80
N ASP J 219 30.25 35.71 6.31
CA ASP J 219 30.67 36.82 7.18
C ASP J 219 30.42 38.21 6.61
N ALA J 220 30.00 38.35 5.36
CA ALA J 220 29.76 39.64 4.69
C ALA J 220 31.03 40.40 4.36
N GLU J 221 32.22 39.87 4.72
CA GLU J 221 33.52 40.52 4.46
C GLU J 221 33.55 41.24 3.11
N ILE J 222 32.79 40.74 2.14
CA ILE J 222 32.68 41.33 0.82
C ILE J 222 32.21 42.77 0.92
N PRO J 223 32.98 43.73 0.45
CA PRO J 223 32.52 45.13 0.46
C PRO J 223 31.49 45.36 -0.62
N THR J 224 30.75 46.45 -0.45
CA THR J 224 29.72 46.83 -1.41
C THR J 224 30.30 47.77 -2.45
N VAL J 225 30.00 47.47 -3.72
CA VAL J 225 30.45 48.27 -4.85
C VAL J 225 29.22 48.87 -5.50
N SER J 226 29.31 50.16 -5.84
CA SER J 226 28.17 50.87 -6.39
C SER J 226 27.83 50.34 -7.78
N ALA J 227 26.56 50.00 -7.98
CA ALA J 227 26.11 49.49 -9.27
C ALA J 227 25.94 50.60 -10.29
N ALA J 228 25.69 51.83 -9.83
CA ALA J 228 25.54 52.94 -10.76
C ALA J 228 26.85 53.25 -11.46
N ASP J 229 27.97 53.23 -10.72
CA ASP J 229 29.26 53.49 -11.33
C ASP J 229 29.62 52.41 -12.36
N ILE J 230 29.38 51.14 -12.03
CA ILE J 230 29.65 50.07 -12.97
C ILE J 230 28.73 50.19 -14.18
N TYR J 231 27.47 50.56 -13.95
CA TYR J 231 26.51 50.76 -15.04
C TYR J 231 26.99 51.84 -15.99
N CYS J 232 27.45 52.96 -15.46
CA CYS J 232 27.95 54.05 -16.30
C CYS J 232 29.21 53.66 -17.04
N LYS J 233 30.16 53.02 -16.34
CA LYS J 233 31.39 52.59 -16.99
C LYS J 233 31.12 51.58 -18.10
N MET J 234 30.10 50.73 -17.94
CA MET J 234 29.67 49.86 -19.02
C MET J 234 29.02 50.66 -20.15
N ARG J 235 28.24 51.67 -19.80
CA ARG J 235 27.61 52.52 -20.80
C ARG J 235 28.65 53.25 -21.64
N ASP J 236 29.84 53.49 -21.10
CA ASP J 236 30.87 54.19 -21.84
C ASP J 236 31.73 53.28 -22.71
N ILE J 237 31.87 52.01 -22.33
CA ILE J 237 32.65 51.06 -23.11
C ILE J 237 31.71 50.26 -24.00
N SER J 238 32.02 50.19 -25.29
CA SER J 238 31.29 49.38 -26.23
C SER J 238 31.95 48.01 -26.29
N PHE J 239 31.16 46.96 -26.13
CA PHE J 239 31.74 45.63 -26.07
C PHE J 239 32.04 45.12 -27.49
N ASP J 240 32.98 44.18 -27.55
CA ASP J 240 33.42 43.62 -28.82
C ASP J 240 32.33 42.73 -29.41
N GLY J 241 32.06 42.92 -30.70
CA GLY J 241 31.06 42.10 -31.37
C GLY J 241 31.43 40.63 -31.36
N GLY J 242 30.43 39.81 -31.62
CA GLY J 242 30.63 38.36 -31.62
C GLY J 242 30.60 37.76 -30.24
N LEU J 243 31.28 38.38 -29.27
CA LEU J 243 31.19 37.91 -27.89
C LEU J 243 29.76 38.07 -27.38
N MET J 244 29.17 39.24 -27.66
CA MET J 244 27.77 39.44 -27.30
C MET J 244 26.86 38.52 -28.12
N LEU J 245 27.19 38.33 -29.40
CA LEU J 245 26.39 37.43 -30.24
C LEU J 245 26.51 35.98 -29.79
N GLU J 246 27.73 35.53 -29.45
CA GLU J 246 27.87 34.17 -28.94
C GLU J 246 27.12 34.01 -27.62
N TYR J 247 27.12 35.06 -26.79
CA TYR J 247 26.37 34.99 -25.53
C TYR J 247 24.88 34.92 -25.81
N GLN J 248 24.41 35.64 -26.83
CA GLN J 248 23.01 35.54 -27.25
C GLN J 248 22.68 34.11 -27.67
N ARG J 249 23.56 33.49 -28.47
CA ARG J 249 23.34 32.12 -28.90
C ARG J 249 23.30 31.17 -27.71
N LEU J 250 24.22 31.34 -26.76
CA LEU J 250 24.25 30.49 -25.58
C LEU J 250 23.00 30.65 -24.74
N TYR J 251 22.52 31.88 -24.57
CA TYR J 251 21.30 32.11 -23.83
C TYR J 251 20.11 31.46 -24.52
N ALA J 252 20.04 31.59 -25.85
CA ALA J 252 18.95 30.95 -26.59
C ALA J 252 19.01 29.44 -26.47
N THR J 253 20.22 28.88 -26.42
CA THR J 253 20.37 27.43 -26.35
C THR J 253 20.04 26.91 -24.96
N PHE J 254 20.41 27.63 -23.91
CA PHE J 254 20.22 27.17 -22.54
C PHE J 254 18.92 27.67 -21.91
N ASP J 255 18.09 28.41 -22.65
CA ASP J 255 16.81 28.84 -22.10
C ASP J 255 15.90 27.67 -21.77
N GLU J 256 16.11 26.51 -22.39
CA GLU J 256 15.29 25.34 -22.13
C GLU J 256 16.13 24.21 -21.54
N PHE J 257 16.82 24.49 -20.44
CA PHE J 257 17.75 23.56 -19.82
C PHE J 257 17.22 23.18 -18.45
N PRO J 258 16.89 21.92 -18.21
CA PRO J 258 16.45 21.51 -16.86
C PRO J 258 17.58 21.68 -15.87
N PRO J 259 17.40 22.56 -14.88
CA PRO J 259 18.47 22.85 -13.93
C PRO J 259 18.78 21.63 -13.08
N PRO J 260 20.05 21.21 -13.04
CA PRO J 260 20.48 20.07 -12.22
C PRO J 260 20.72 20.48 -10.76
N PRO K 12 10.40 -32.51 -46.49
CA PRO K 12 11.51 -31.54 -46.53
C PRO K 12 11.23 -30.38 -47.47
N ALA K 13 9.97 -29.97 -47.56
CA ALA K 13 9.54 -28.91 -48.48
C ALA K 13 9.16 -27.69 -47.65
N PHE K 14 10.01 -26.66 -47.69
CA PHE K 14 9.70 -25.42 -46.98
C PHE K 14 8.48 -24.73 -47.57
N GLU K 15 8.44 -24.62 -48.89
CA GLU K 15 7.31 -23.97 -49.57
C GLU K 15 6.09 -24.87 -49.70
N GLY K 16 6.26 -26.20 -49.66
CA GLY K 16 5.11 -27.08 -49.76
C GLY K 16 4.08 -26.82 -48.67
N LEU K 17 4.55 -26.54 -47.45
CA LEU K 17 3.63 -26.24 -46.35
C LEU K 17 2.86 -24.97 -46.63
N VAL K 18 3.53 -23.92 -47.12
CA VAL K 18 2.86 -22.66 -47.41
C VAL K 18 1.85 -22.84 -48.54
N GLN K 19 2.19 -23.65 -49.54
CA GLN K 19 1.26 -23.91 -50.64
C GLN K 19 0.03 -24.67 -50.14
N ARG K 20 0.24 -25.69 -49.31
CA ARG K 20 -0.89 -26.43 -48.74
C ARG K 20 -1.78 -25.50 -47.92
N ILE K 21 -1.18 -24.65 -47.10
CA ILE K 21 -1.96 -23.70 -46.30
C ILE K 21 -2.76 -22.77 -47.20
N ARG K 22 -2.12 -22.26 -48.27
CA ARG K 22 -2.83 -21.40 -49.21
C ARG K 22 -4.04 -22.11 -49.81
N LEU K 23 -3.88 -23.39 -50.15
CA LEU K 23 -5.03 -24.16 -50.63
C LEU K 23 -6.11 -24.26 -49.57
N ILE K 24 -5.72 -24.53 -48.32
CA ILE K 24 -6.70 -24.75 -47.27
C ILE K 24 -7.40 -23.45 -46.90
N VAL K 25 -6.64 -22.36 -46.81
CA VAL K 25 -7.19 -21.05 -46.46
C VAL K 25 -8.02 -20.53 -47.63
N PRO K 26 -9.17 -19.89 -47.39
CA PRO K 26 -9.98 -19.38 -48.51
C PRO K 26 -9.22 -18.35 -49.34
N SER K 27 -9.78 -18.09 -50.52
CA SER K 27 -9.12 -17.21 -51.49
C SER K 27 -9.18 -15.74 -51.07
N THR K 28 -10.23 -15.33 -50.38
CA THR K 28 -10.38 -13.93 -50.01
C THR K 28 -9.24 -13.44 -49.12
N LEU K 29 -8.62 -14.35 -48.36
CA LEU K 29 -7.51 -13.98 -47.49
C LEU K 29 -6.22 -13.90 -48.32
N ARG K 30 -6.14 -12.83 -49.10
CA ARG K 30 -4.99 -12.55 -49.95
C ARG K 30 -3.70 -12.46 -49.15
N GLY K 31 -2.67 -13.18 -49.60
CA GLY K 31 -1.36 -13.10 -48.97
C GLY K 31 -0.47 -14.25 -49.39
N GLY K 32 0.47 -14.59 -48.52
CA GLY K 32 1.44 -15.63 -48.83
C GLY K 32 2.63 -15.71 -47.89
N ASP K 33 3.84 -15.72 -48.45
CA ASP K 33 5.04 -15.87 -47.65
C ASP K 33 5.30 -14.65 -46.77
N GLY K 34 6.03 -14.87 -45.68
CA GLY K 34 6.39 -13.81 -44.76
C GLY K 34 7.89 -13.60 -44.68
N GLU K 35 8.40 -13.38 -43.46
CA GLU K 35 9.83 -13.21 -43.21
C GLU K 35 10.46 -14.42 -42.54
N ALA K 36 9.82 -15.59 -42.65
CA ALA K 36 10.39 -16.78 -42.02
C ALA K 36 11.64 -17.25 -42.76
N GLY K 37 11.66 -17.11 -44.07
CA GLY K 37 12.80 -17.52 -44.87
C GLY K 37 12.86 -19.02 -45.01
N PRO K 38 13.74 -19.51 -45.88
CA PRO K 38 13.86 -20.97 -46.07
C PRO K 38 14.25 -21.67 -44.77
N TYR K 39 13.42 -22.63 -44.37
CA TYR K 39 13.59 -23.34 -43.11
C TYR K 39 13.15 -24.79 -43.29
N SER K 40 13.87 -25.70 -42.66
CA SER K 40 13.66 -27.14 -42.73
C SER K 40 12.96 -27.64 -41.48
N PRO K 41 12.34 -28.84 -41.54
CA PRO K 41 11.57 -29.35 -40.39
C PRO K 41 12.32 -29.33 -39.06
N SER K 42 13.65 -29.31 -39.11
CA SER K 42 14.44 -29.23 -37.88
C SER K 42 14.64 -27.80 -37.40
N SER K 43 14.87 -26.87 -38.33
CA SER K 43 15.10 -25.46 -37.99
C SER K 43 13.83 -24.66 -38.26
N LEU K 44 13.20 -24.16 -37.19
CA LEU K 44 11.96 -23.41 -37.25
C LEU K 44 12.18 -21.93 -36.94
N PRO K 45 11.44 -21.04 -37.59
CA PRO K 45 11.64 -19.61 -37.40
C PRO K 45 10.84 -19.05 -36.22
N SER K 46 11.20 -17.84 -35.82
CA SER K 46 10.41 -17.06 -34.88
C SER K 46 9.55 -16.03 -35.59
N ARG K 47 9.52 -16.07 -36.92
CA ARG K 47 8.75 -15.18 -37.75
C ARG K 47 7.57 -15.92 -38.37
N CYS K 48 6.59 -15.15 -38.82
CA CYS K 48 5.39 -15.73 -39.41
C CYS K 48 5.75 -16.57 -40.62
N ALA K 49 5.35 -17.85 -40.62
CA ALA K 49 5.63 -18.69 -41.77
C ALA K 49 4.76 -18.32 -42.95
N PHE K 50 3.54 -17.85 -42.69
CA PHE K 50 2.61 -17.38 -43.71
C PHE K 50 1.92 -16.13 -43.19
N GLN K 51 1.55 -15.25 -44.12
CA GLN K 51 0.93 -13.98 -43.76
C GLN K 51 -0.23 -13.74 -44.73
N PHE K 52 -1.46 -13.84 -44.22
CA PHE K 52 -2.66 -13.56 -44.99
C PHE K 52 -3.30 -12.26 -44.50
N HIS K 53 -4.12 -11.66 -45.37
CA HIS K 53 -4.81 -10.44 -44.99
C HIS K 53 -6.10 -10.32 -45.79
N GLY K 54 -7.09 -9.71 -45.17
CA GLY K 54 -8.38 -9.47 -45.79
C GLY K 54 -8.75 -8.01 -45.70
N HIS K 55 -9.59 -7.58 -46.65
CA HIS K 55 -9.95 -6.18 -46.74
C HIS K 55 -11.25 -5.93 -45.97
N ASP K 56 -11.76 -4.70 -46.07
CA ASP K 56 -13.00 -4.34 -45.39
C ASP K 56 -14.18 -4.99 -46.08
N GLY K 57 -15.04 -5.65 -45.31
CA GLY K 57 -16.21 -6.28 -45.88
C GLY K 57 -16.03 -7.69 -46.40
N SER K 58 -15.01 -8.41 -45.94
CA SER K 58 -14.78 -9.75 -46.46
C SER K 58 -15.77 -10.76 -45.88
N ASP K 59 -15.96 -10.76 -44.56
CA ASP K 59 -16.83 -11.70 -43.85
C ASP K 59 -16.53 -13.14 -44.27
N GLU K 60 -15.34 -13.59 -43.89
CA GLU K 60 -14.82 -14.87 -44.34
C GLU K 60 -14.36 -15.69 -43.15
N SER K 61 -14.23 -17.00 -43.34
CA SER K 61 -13.85 -17.91 -42.28
C SER K 61 -12.45 -18.45 -42.52
N PHE K 62 -11.74 -18.74 -41.43
CA PHE K 62 -10.36 -19.23 -41.48
C PHE K 62 -10.27 -20.53 -40.70
N PRO K 63 -9.85 -21.64 -41.31
CA PRO K 63 -9.66 -22.89 -40.55
C PRO K 63 -8.32 -22.91 -39.82
N ILE K 64 -8.29 -22.37 -38.61
CA ILE K 64 -7.02 -22.19 -37.90
C ILE K 64 -6.49 -23.54 -37.39
N GLU K 65 -7.36 -24.34 -36.76
CA GLU K 65 -6.88 -25.58 -36.13
C GLU K 65 -6.22 -26.50 -37.14
N TYR K 66 -6.80 -26.62 -38.34
CA TYR K 66 -6.21 -27.47 -39.36
C TYR K 66 -4.81 -26.98 -39.74
N VAL K 67 -4.67 -25.67 -39.93
CA VAL K 67 -3.38 -25.12 -40.33
C VAL K 67 -2.34 -25.33 -39.24
N LEU K 68 -2.71 -25.13 -37.98
CA LEU K 68 -1.76 -25.33 -36.89
C LEU K 68 -1.36 -26.79 -36.75
N ARG K 69 -2.33 -27.70 -36.87
CA ARG K 69 -2.00 -29.13 -36.79
C ARG K 69 -1.10 -29.54 -37.96
N LEU K 70 -1.33 -28.99 -39.14
CA LEU K 70 -0.48 -29.29 -40.29
C LEU K 70 0.94 -28.75 -40.08
N MET K 71 1.05 -27.53 -39.54
CA MET K 71 2.36 -26.99 -39.22
C MET K 71 3.09 -27.86 -38.21
N ASN K 72 2.39 -28.32 -37.18
CA ASN K 72 3.00 -29.20 -36.20
C ASN K 72 3.44 -30.51 -36.84
N ASP K 73 2.67 -31.01 -37.81
CA ASP K 73 3.07 -32.23 -38.52
C ASP K 73 4.36 -32.00 -39.29
N TRP K 74 4.41 -30.92 -40.09
CA TRP K 74 5.55 -30.70 -40.97
C TRP K 74 6.86 -30.63 -40.19
N ALA K 75 6.84 -30.00 -39.02
CA ALA K 75 8.04 -29.89 -38.21
C ALA K 75 8.33 -31.20 -37.49
N GLU K 76 9.60 -31.60 -37.49
CA GLU K 76 10.05 -32.80 -36.79
C GLU K 76 10.76 -32.45 -35.49
N VAL K 77 10.60 -31.23 -35.01
CA VAL K 77 11.18 -30.77 -33.75
C VAL K 77 10.00 -30.31 -32.86
N PRO K 78 10.04 -30.56 -31.56
CA PRO K 78 8.96 -30.10 -30.69
C PRO K 78 8.70 -28.61 -30.84
N CYS K 79 7.43 -28.24 -30.91
CA CYS K 79 7.02 -26.86 -31.15
C CYS K 79 5.57 -26.70 -30.71
N ASN K 80 5.09 -25.46 -30.78
CA ASN K 80 3.71 -25.13 -30.46
C ASN K 80 3.22 -24.10 -31.46
N PRO K 81 2.62 -24.55 -32.56
CA PRO K 81 2.14 -23.61 -33.59
C PRO K 81 1.23 -22.54 -32.99
N TYR K 82 1.26 -21.36 -33.61
CA TYR K 82 0.60 -20.20 -33.04
C TYR K 82 0.11 -19.29 -34.17
N LEU K 83 -1.08 -18.74 -33.99
CA LEU K 83 -1.64 -17.77 -34.92
C LEU K 83 -1.84 -16.44 -34.21
N ARG K 84 -1.68 -15.35 -34.97
CA ARG K 84 -1.87 -14.01 -34.47
C ARG K 84 -2.78 -13.26 -35.44
N ILE K 85 -3.78 -12.57 -34.90
CA ILE K 85 -4.74 -11.83 -35.70
C ILE K 85 -4.69 -10.37 -35.26
N GLN K 86 -4.47 -9.47 -36.22
CA GLN K 86 -4.32 -8.05 -35.91
C GLN K 86 -5.12 -7.20 -36.88
N ASN K 87 -5.94 -6.30 -36.35
CA ASN K 87 -6.61 -5.26 -37.12
C ASN K 87 -5.59 -4.21 -37.51
N THR K 88 -4.80 -4.50 -38.55
CA THR K 88 -3.82 -3.57 -39.10
C THR K 88 -4.28 -2.12 -39.05
N GLY K 89 -5.59 -1.90 -39.17
CA GLY K 89 -6.17 -0.57 -39.22
C GLY K 89 -7.02 -0.36 -40.44
N VAL K 90 -6.72 -1.09 -41.52
CA VAL K 90 -7.39 -0.98 -42.80
C VAL K 90 -7.66 -2.38 -43.34
N SER K 91 -7.20 -3.40 -42.62
CA SER K 91 -7.31 -4.77 -43.11
C SER K 91 -6.97 -5.75 -41.99
N VAL K 92 -7.68 -6.88 -41.94
CA VAL K 92 -7.35 -7.91 -40.97
C VAL K 92 -6.10 -8.66 -41.43
N LEU K 93 -5.21 -8.99 -40.49
CA LEU K 93 -3.94 -9.63 -40.80
C LEU K 93 -3.76 -10.87 -39.95
N PHE K 94 -3.65 -12.02 -40.60
CA PHE K 94 -3.34 -13.28 -39.93
C PHE K 94 -1.88 -13.64 -40.17
N GLN K 95 -1.19 -13.99 -39.09
CA GLN K 95 0.21 -14.40 -39.16
C GLN K 95 0.38 -15.73 -38.46
N GLY K 96 1.18 -16.61 -39.05
CA GLY K 96 1.38 -17.94 -38.50
C GLY K 96 2.81 -18.24 -38.10
N PHE K 97 3.07 -18.28 -36.80
CA PHE K 97 4.40 -18.57 -36.28
C PHE K 97 4.46 -20.01 -35.79
N PHE K 98 5.63 -20.63 -35.95
CA PHE K 98 5.76 -22.01 -35.48
C PHE K 98 5.74 -22.11 -33.97
N HIS K 99 6.14 -21.03 -33.28
CA HIS K 99 6.01 -20.94 -31.83
C HIS K 99 5.56 -19.52 -31.50
N ARG K 100 4.77 -19.39 -30.43
CA ARG K 100 4.25 -18.09 -30.05
C ARG K 100 5.40 -17.11 -29.83
N PRO K 101 5.37 -15.93 -30.43
CA PRO K 101 6.38 -14.92 -30.10
C PRO K 101 6.20 -14.47 -28.66
N HIS K 102 7.33 -14.27 -27.97
CA HIS K 102 7.27 -13.91 -26.55
C HIS K 102 6.47 -12.61 -26.35
N ASN K 103 6.61 -11.66 -27.27
CA ASN K 103 5.85 -10.42 -27.20
C ASN K 103 4.42 -10.57 -27.71
N ALA K 104 4.08 -11.70 -28.32
CA ALA K 104 2.72 -11.89 -28.83
C ALA K 104 1.74 -12.01 -27.67
N PRO K 105 0.61 -11.33 -27.73
CA PRO K 105 -0.39 -11.47 -26.66
C PRO K 105 -0.93 -12.90 -26.55
N GLY K 106 -1.02 -13.36 -25.30
CA GLY K 106 -1.50 -14.69 -25.01
C GLY K 106 -2.95 -14.89 -25.40
N GLY K 107 -3.38 -16.14 -25.28
CA GLY K 107 -4.75 -16.50 -25.55
C GLY K 107 -5.80 -15.71 -24.78
N ALA K 108 -6.87 -15.31 -25.47
CA ALA K 108 -8.00 -14.63 -24.85
C ALA K 108 -9.33 -15.22 -25.30
N ILE K 109 -9.30 -16.35 -26.01
CA ILE K 109 -10.49 -17.05 -26.48
C ILE K 109 -10.71 -18.32 -25.68
N THR K 110 -11.03 -18.17 -24.42
CA THR K 110 -11.29 -19.27 -23.51
C THR K 110 -12.74 -19.73 -23.66
N PRO K 111 -13.08 -20.93 -23.20
CA PRO K 111 -14.47 -21.41 -23.33
C PRO K 111 -15.47 -20.35 -22.90
N GLU K 112 -16.62 -20.34 -23.59
CA GLU K 112 -17.70 -19.36 -23.44
C GLU K 112 -17.32 -17.98 -23.95
N ARG K 113 -16.20 -17.85 -24.67
CA ARG K 113 -15.73 -16.58 -25.21
C ARG K 113 -15.38 -16.74 -26.70
N THR K 114 -16.28 -17.36 -27.45
CA THR K 114 -16.05 -17.51 -28.89
C THR K 114 -15.98 -16.15 -29.58
N ASN K 115 -16.83 -15.21 -29.15
CA ASN K 115 -16.86 -13.88 -29.75
C ASN K 115 -15.72 -13.03 -29.20
N VAL K 116 -15.09 -12.25 -30.08
CA VAL K 116 -14.03 -11.33 -29.70
C VAL K 116 -14.04 -10.17 -30.68
N ILE K 117 -13.74 -8.97 -30.18
CA ILE K 117 -13.67 -7.78 -31.01
C ILE K 117 -12.27 -7.21 -30.95
N LEU K 118 -11.85 -6.59 -32.06
CA LEU K 118 -10.53 -5.97 -32.18
C LEU K 118 -10.71 -4.60 -32.81
N GLY K 119 -10.34 -3.55 -32.07
CA GLY K 119 -10.36 -2.21 -32.60
C GLY K 119 -9.14 -1.94 -33.48
N SER K 120 -8.95 -0.65 -33.78
CA SER K 120 -7.84 -0.26 -34.63
C SER K 120 -6.52 -0.56 -33.95
N THR K 121 -5.58 -1.15 -34.71
CA THR K 121 -4.22 -1.46 -34.31
C THR K 121 -4.13 -2.51 -33.22
N GLU K 122 -5.24 -3.15 -32.86
CA GLU K 122 -5.26 -4.13 -31.78
C GLU K 122 -4.89 -5.52 -32.31
N THR K 123 -4.44 -6.37 -31.40
CA THR K 123 -3.94 -7.70 -31.75
C THR K 123 -4.42 -8.73 -30.75
N THR K 124 -4.43 -9.98 -31.20
CA THR K 124 -4.74 -11.14 -30.36
C THR K 124 -4.10 -12.36 -31.00
N GLY K 125 -4.24 -13.51 -30.34
CA GLY K 125 -3.68 -14.72 -30.91
C GLY K 125 -4.03 -15.92 -30.08
N LEU K 126 -3.55 -17.07 -30.55
CA LEU K 126 -3.81 -18.35 -29.88
C LEU K 126 -2.80 -19.38 -30.35
N SER K 127 -2.31 -20.20 -29.41
CA SER K 127 -1.40 -21.28 -29.72
C SER K 127 -2.15 -22.61 -29.80
N LEU K 128 -1.49 -23.61 -30.38
CA LEU K 128 -2.10 -24.92 -30.54
C LEU K 128 -2.34 -25.60 -29.19
N GLY K 129 -1.46 -25.37 -28.22
CA GLY K 129 -1.68 -25.93 -26.89
C GLY K 129 -2.96 -25.40 -26.25
N ASP K 130 -3.16 -24.08 -26.33
CA ASP K 130 -4.39 -23.50 -25.80
C ASP K 130 -5.61 -24.04 -26.55
N LEU K 131 -5.48 -24.23 -27.87
CA LEU K 131 -6.59 -24.77 -28.65
C LEU K 131 -6.94 -26.18 -28.18
N ASP K 132 -5.93 -27.03 -27.98
CA ASP K 132 -6.19 -28.39 -27.49
C ASP K 132 -6.81 -28.36 -26.10
N THR K 133 -6.35 -27.44 -25.25
CA THR K 133 -6.91 -27.32 -23.91
C THR K 133 -8.38 -26.92 -23.96
N ILE K 134 -8.72 -25.95 -24.80
CA ILE K 134 -10.12 -25.54 -24.92
C ILE K 134 -10.97 -26.65 -25.51
N LYS K 135 -10.45 -27.38 -26.49
CA LYS K 135 -11.18 -28.51 -27.05
C LYS K 135 -11.45 -29.56 -25.99
N GLY K 136 -10.46 -29.85 -25.14
CA GLY K 136 -10.65 -30.81 -24.07
C GLY K 136 -11.65 -30.33 -23.03
N ARG K 137 -11.58 -29.04 -22.66
CA ARG K 137 -12.53 -28.49 -21.70
C ARG K 137 -13.96 -28.62 -22.19
N LEU K 138 -14.20 -28.29 -23.46
CA LEU K 138 -15.53 -28.44 -24.05
C LEU K 138 -15.96 -29.88 -24.19
N GLY K 139 -15.06 -30.84 -23.99
CA GLY K 139 -15.41 -32.23 -24.10
C GLY K 139 -15.74 -32.70 -25.49
N LEU K 140 -15.36 -31.93 -26.51
CA LEU K 140 -15.63 -32.30 -27.88
C LEU K 140 -14.82 -33.54 -28.28
N ASP K 141 -15.23 -34.15 -29.38
CA ASP K 141 -14.57 -35.37 -29.85
C ASP K 141 -13.13 -35.08 -30.24
N ALA K 142 -12.21 -35.79 -29.61
CA ALA K 142 -10.78 -35.63 -29.87
C ALA K 142 -10.30 -36.48 -31.03
N ARG K 143 -11.20 -37.29 -31.61
CA ARG K 143 -10.84 -38.08 -32.78
C ARG K 143 -10.44 -37.16 -33.93
N PRO K 144 -9.61 -37.65 -34.85
CA PRO K 144 -9.16 -36.80 -35.96
C PRO K 144 -10.33 -36.31 -36.81
N MET K 145 -10.32 -35.01 -37.10
CA MET K 145 -11.28 -34.37 -37.99
C MET K 145 -12.71 -34.47 -37.48
N MET K 146 -12.90 -34.62 -36.18
CA MET K 146 -14.24 -34.61 -35.59
C MET K 146 -14.60 -33.28 -34.95
N ALA K 147 -13.64 -32.36 -34.82
CA ALA K 147 -13.91 -31.05 -34.24
C ALA K 147 -12.74 -30.13 -34.60
N SER K 148 -12.98 -29.20 -35.53
CA SER K 148 -11.97 -28.26 -35.98
C SER K 148 -12.44 -26.85 -35.70
N MET K 149 -11.56 -26.02 -35.13
CA MET K 149 -11.92 -24.65 -34.83
C MET K 149 -11.83 -23.77 -36.08
N TRP K 150 -12.72 -22.80 -36.17
CA TRP K 150 -12.76 -21.87 -37.28
C TRP K 150 -12.94 -20.45 -36.75
N ILE K 151 -12.17 -19.52 -37.29
CA ILE K 151 -12.27 -18.11 -36.94
C ILE K 151 -13.07 -17.42 -38.03
N SER K 152 -14.30 -17.07 -37.73
CA SER K 152 -15.13 -16.30 -38.65
C SER K 152 -14.85 -14.82 -38.41
N CYS K 153 -14.30 -14.16 -39.42
CA CYS K 153 -13.86 -12.78 -39.32
C CYS K 153 -14.76 -11.89 -40.17
N PHE K 154 -15.28 -10.84 -39.55
CA PHE K 154 -16.06 -9.82 -40.23
C PHE K 154 -15.33 -8.50 -40.05
N VAL K 155 -14.82 -7.95 -41.14
CA VAL K 155 -14.04 -6.72 -41.11
C VAL K 155 -15.02 -5.58 -41.40
N ARG K 156 -15.48 -4.92 -40.34
CA ARG K 156 -16.33 -3.74 -40.48
C ARG K 156 -15.54 -2.61 -39.85
N MET K 157 -14.60 -2.06 -40.62
CA MET K 157 -13.66 -1.11 -40.07
C MET K 157 -14.39 0.15 -39.59
N PRO K 158 -14.01 0.70 -38.43
CA PRO K 158 -12.74 0.52 -37.71
C PRO K 158 -12.57 -0.81 -36.97
N ARG K 159 -13.57 -1.68 -36.93
CA ARG K 159 -13.54 -2.86 -36.09
C ARG K 159 -13.36 -4.14 -36.92
N VAL K 160 -12.84 -5.17 -36.25
CA VAL K 160 -12.75 -6.52 -36.78
C VAL K 160 -13.36 -7.46 -35.76
N GLN K 161 -14.38 -8.20 -36.15
CA GLN K 161 -15.14 -9.04 -35.24
C GLN K 161 -14.87 -10.50 -35.57
N LEU K 162 -14.27 -11.22 -34.62
CA LEU K 162 -13.90 -12.61 -34.81
C LEU K 162 -14.76 -13.51 -33.95
N ALA K 163 -15.04 -14.71 -34.45
CA ALA K 163 -15.78 -15.72 -33.71
C ALA K 163 -15.05 -17.04 -33.85
N PHE K 164 -14.61 -17.59 -32.72
CA PHE K 164 -13.86 -18.85 -32.69
C PHE K 164 -14.85 -19.97 -32.39
N ARG K 165 -15.40 -20.57 -33.45
CA ARG K 165 -16.43 -21.58 -33.31
C ARG K 165 -15.89 -22.94 -33.71
N PHE K 166 -16.20 -23.95 -32.91
CA PHE K 166 -15.75 -25.30 -33.21
C PHE K 166 -16.77 -25.90 -34.16
N MET K 167 -16.37 -26.09 -35.41
CA MET K 167 -17.23 -26.70 -36.42
C MET K 167 -16.86 -28.16 -36.56
N GLY K 168 -17.84 -28.97 -36.92
CA GLY K 168 -17.64 -30.39 -37.01
C GLY K 168 -17.86 -30.94 -38.40
N PRO K 169 -17.63 -32.24 -38.56
CA PRO K 169 -17.86 -32.88 -39.85
C PRO K 169 -19.35 -33.06 -40.11
N GLU K 170 -19.66 -33.39 -41.36
CA GLU K 170 -21.04 -33.64 -41.75
C GLU K 170 -21.36 -35.13 -41.87
N ASP K 171 -20.34 -35.98 -41.88
CA ASP K 171 -20.54 -37.43 -41.90
C ASP K 171 -19.36 -38.08 -41.21
N ALA K 172 -19.33 -39.43 -41.26
CA ALA K 172 -18.19 -40.16 -40.71
C ALA K 172 -16.96 -40.03 -41.60
N GLY K 173 -17.14 -39.60 -42.84
CA GLY K 173 -16.00 -39.46 -43.72
C GLY K 173 -15.56 -40.81 -44.26
N ARG K 174 -14.27 -41.10 -44.12
CA ARG K 174 -13.69 -42.33 -44.60
C ARG K 174 -12.56 -42.74 -43.67
N THR K 175 -12.17 -44.01 -43.75
CA THR K 175 -11.08 -44.53 -42.93
C THR K 175 -10.54 -45.83 -43.52
N CYS L 8 0.84 -32.49 -27.30
CA CYS L 8 1.04 -32.05 -28.68
C CYS L 8 1.72 -33.14 -29.51
N LEU L 9 2.58 -33.93 -28.85
CA LEU L 9 3.32 -34.96 -29.57
C LEU L 9 2.42 -36.12 -29.98
N HIS L 10 1.64 -36.65 -29.03
CA HIS L 10 0.74 -37.76 -29.35
C HIS L 10 -0.37 -37.31 -30.31
N GLU L 11 -0.81 -36.06 -30.19
CA GLU L 11 -1.71 -35.49 -31.19
C GLU L 11 -1.05 -35.52 -32.57
N ARG L 12 0.22 -35.11 -32.63
CA ARG L 12 0.94 -35.14 -33.91
C ARG L 12 1.06 -36.56 -34.44
N GLN L 13 1.18 -37.55 -33.55
CA GLN L 13 1.25 -38.94 -34.01
C GLN L 13 -0.08 -39.38 -34.60
N ARG L 14 -1.18 -39.12 -33.88
CA ARG L 14 -2.49 -39.55 -34.37
C ARG L 14 -3.00 -38.72 -35.55
N TYR L 15 -2.36 -37.60 -35.89
CA TYR L 15 -2.75 -36.85 -37.07
C TYR L 15 -1.77 -36.91 -38.24
N ARG L 16 -0.55 -37.42 -38.02
CA ARG L 16 0.46 -37.40 -39.09
C ARG L 16 0.07 -38.29 -40.27
N GLY L 17 -0.43 -39.49 -40.01
CA GLY L 17 -0.83 -40.37 -41.10
C GLY L 17 -1.89 -39.74 -41.99
N LEU L 18 -2.92 -39.18 -41.37
CA LEU L 18 -3.98 -38.53 -42.14
C LEU L 18 -3.45 -37.33 -42.90
N PHE L 19 -2.60 -36.52 -42.26
CA PHE L 19 -2.08 -35.34 -42.95
C PHE L 19 -1.25 -35.74 -44.16
N ALA L 20 -0.44 -36.80 -44.04
CA ALA L 20 0.34 -37.27 -45.18
C ALA L 20 -0.56 -37.80 -46.28
N ALA L 21 -1.55 -38.63 -45.92
CA ALA L 21 -2.47 -39.15 -46.92
C ALA L 21 -3.23 -38.03 -47.63
N LEU L 22 -3.53 -36.95 -46.91
CA LEU L 22 -4.20 -35.83 -47.55
C LEU L 22 -3.23 -35.06 -48.43
N ALA L 23 -1.96 -34.98 -48.02
CA ALA L 23 -0.95 -34.33 -48.85
C ALA L 23 -0.80 -35.05 -50.18
N GLN L 24 -0.95 -36.37 -50.18
CA GLN L 24 -0.83 -37.12 -51.43
C GLN L 24 -1.97 -36.83 -52.39
N THR L 25 -3.13 -36.43 -51.86
CA THR L 25 -4.32 -36.15 -52.68
C THR L 25 -4.90 -34.81 -52.22
N PRO L 26 -4.43 -33.70 -52.80
CA PRO L 26 -4.93 -32.39 -52.37
C PRO L 26 -6.43 -32.21 -52.58
N SER L 27 -7.01 -32.84 -53.60
CA SER L 27 -8.45 -32.70 -53.83
C SER L 27 -9.24 -33.15 -52.61
N GLU L 28 -8.94 -34.34 -52.11
CA GLU L 28 -9.60 -34.84 -50.91
C GLU L 28 -9.31 -33.95 -49.71
N GLU L 29 -8.13 -33.33 -49.65
CA GLU L 29 -7.81 -32.44 -48.53
C GLU L 29 -8.71 -31.21 -48.52
N ILE L 30 -8.83 -30.54 -49.67
CA ILE L 30 -9.73 -29.38 -49.75
C ILE L 30 -11.17 -29.82 -49.47
N ALA L 31 -11.59 -30.97 -50.00
CA ALA L 31 -12.94 -31.45 -49.75
C ALA L 31 -13.20 -31.66 -48.26
N ILE L 32 -12.27 -32.31 -47.57
CA ILE L 32 -12.43 -32.57 -46.14
C ILE L 32 -12.50 -31.26 -45.37
N VAL L 33 -11.57 -30.34 -45.66
CA VAL L 33 -11.54 -29.08 -44.92
C VAL L 33 -12.83 -28.30 -45.15
N ARG L 34 -13.35 -28.31 -46.37
CA ARG L 34 -14.62 -27.63 -46.64
C ARG L 34 -15.81 -28.34 -46.04
N SER L 35 -15.68 -29.64 -45.74
CA SER L 35 -16.77 -30.40 -45.12
C SER L 35 -16.93 -30.12 -43.63
N LEU L 36 -16.02 -29.35 -43.02
CA LEU L 36 -16.09 -29.05 -41.60
C LEU L 36 -16.82 -27.73 -41.37
N SER L 37 -18.12 -27.75 -41.66
CA SER L 37 -18.97 -26.58 -41.54
C SER L 37 -20.27 -26.93 -40.81
N VAL L 38 -20.14 -27.53 -39.63
CA VAL L 38 -21.27 -27.81 -38.76
C VAL L 38 -20.93 -27.37 -37.34
N PRO L 39 -21.42 -26.22 -36.90
CA PRO L 39 -21.07 -25.73 -35.56
C PRO L 39 -21.51 -26.70 -34.47
N LEU L 40 -20.56 -27.11 -33.63
CA LEU L 40 -20.87 -27.97 -32.50
C LEU L 40 -21.33 -27.20 -31.28
N VAL L 41 -21.09 -25.90 -31.22
CA VAL L 41 -21.52 -25.05 -30.12
C VAL L 41 -22.40 -23.96 -30.71
N LYS L 42 -23.72 -24.12 -30.57
CA LYS L 42 -24.67 -23.17 -31.14
C LYS L 42 -25.03 -22.05 -30.17
N THR L 43 -25.21 -22.37 -28.89
CA THR L 43 -25.59 -21.38 -27.88
C THR L 43 -24.37 -21.01 -27.05
N THR L 44 -24.14 -19.71 -26.90
CA THR L 44 -23.05 -19.16 -26.11
C THR L 44 -23.62 -18.38 -24.94
N PRO L 45 -23.16 -18.63 -23.71
CA PRO L 45 -23.73 -17.94 -22.56
C PRO L 45 -23.37 -16.47 -22.53
N VAL L 46 -24.37 -15.63 -22.24
CA VAL L 46 -24.20 -14.20 -22.10
C VAL L 46 -24.70 -13.79 -20.72
N SER L 47 -24.23 -12.64 -20.24
CA SER L 47 -24.61 -12.14 -18.93
C SER L 47 -24.93 -10.66 -19.04
N LEU L 48 -26.16 -10.30 -18.69
CA LEU L 48 -26.56 -8.90 -18.75
C LEU L 48 -26.04 -8.15 -17.52
N PRO L 49 -25.70 -6.85 -17.66
CA PRO L 49 -25.77 -6.02 -18.88
C PRO L 49 -24.80 -6.49 -19.95
N PHE L 50 -25.25 -6.49 -21.20
CA PHE L 50 -24.46 -6.97 -22.32
C PHE L 50 -24.49 -5.94 -23.43
N CYS L 51 -23.30 -5.52 -23.87
CA CYS L 51 -23.19 -4.56 -24.96
C CYS L 51 -23.18 -5.31 -26.29
N LEU L 52 -23.96 -4.81 -27.25
CA LEU L 52 -24.08 -5.48 -28.53
C LEU L 52 -22.84 -5.33 -29.40
N ASP L 53 -21.88 -4.49 -29.00
CA ASP L 53 -20.65 -4.36 -29.76
C ASP L 53 -19.87 -5.67 -29.78
N GLN L 54 -19.99 -6.47 -28.72
CA GLN L 54 -19.29 -7.75 -28.65
C GLN L 54 -19.99 -8.85 -29.43
N THR L 55 -21.10 -8.54 -30.10
CA THR L 55 -21.79 -9.51 -30.96
C THR L 55 -21.22 -9.36 -32.36
N VAL L 56 -20.44 -10.34 -32.81
CA VAL L 56 -19.98 -10.33 -34.19
C VAL L 56 -21.19 -10.52 -35.11
N ALA L 57 -21.01 -10.12 -36.36
CA ALA L 57 -22.03 -10.37 -37.37
C ALA L 57 -22.38 -11.86 -37.40
N ASP L 58 -23.61 -12.17 -37.81
CA ASP L 58 -24.12 -13.53 -37.82
C ASP L 58 -24.28 -14.05 -36.38
N ASN L 59 -24.83 -13.22 -35.51
CA ASN L 59 -25.14 -13.59 -34.14
C ASN L 59 -26.45 -12.96 -33.71
N CYS L 60 -27.32 -13.78 -33.14
CA CYS L 60 -28.64 -13.35 -32.68
C CYS L 60 -28.70 -13.46 -31.16
N LEU L 61 -29.58 -12.68 -30.55
CA LEU L 61 -29.65 -12.60 -29.09
C LEU L 61 -30.99 -13.13 -28.61
N THR L 62 -30.95 -14.20 -27.80
CA THR L 62 -32.15 -14.81 -27.24
C THR L 62 -32.15 -14.59 -25.73
N LEU L 63 -32.82 -13.52 -25.30
CA LEU L 63 -33.04 -13.22 -23.89
C LEU L 63 -34.39 -13.81 -23.48
N SER L 64 -34.40 -14.79 -22.59
CA SER L 64 -35.66 -15.39 -22.17
C SER L 64 -35.47 -16.01 -20.79
N GLY L 65 -36.58 -16.54 -20.24
CA GLY L 65 -36.51 -17.23 -18.97
C GLY L 65 -35.56 -18.42 -19.00
N MET L 66 -35.41 -19.05 -20.17
CA MET L 66 -34.45 -20.13 -20.32
C MET L 66 -33.00 -19.66 -20.40
N GLY L 67 -32.74 -18.36 -20.29
CA GLY L 67 -31.39 -17.86 -20.24
C GLY L 67 -31.19 -16.65 -21.15
N TYR L 68 -30.06 -15.99 -20.93
CA TYR L 68 -29.56 -14.94 -21.82
C TYR L 68 -28.45 -15.56 -22.63
N TYR L 69 -28.71 -15.86 -23.91
CA TYR L 69 -27.69 -16.54 -24.70
C TYR L 69 -27.65 -15.98 -26.12
N LEU L 70 -26.46 -16.08 -26.71
CA LEU L 70 -26.26 -15.72 -28.11
C LEU L 70 -26.27 -16.98 -28.96
N GLY L 71 -26.73 -16.85 -30.19
CA GLY L 71 -26.84 -17.97 -31.10
C GLY L 71 -26.30 -17.64 -32.46
N ILE L 72 -25.71 -18.64 -33.11
CA ILE L 72 -25.22 -18.49 -34.47
C ILE L 72 -26.39 -18.18 -35.38
N GLY L 73 -26.30 -17.05 -36.10
CA GLY L 73 -27.39 -16.61 -36.94
C GLY L 73 -27.77 -17.61 -38.02
N GLY L 74 -26.80 -18.41 -38.48
CA GLY L 74 -27.08 -19.37 -39.54
C GLY L 74 -27.79 -20.63 -39.08
N CYS L 75 -27.71 -20.95 -37.80
CA CYS L 75 -28.27 -22.18 -37.25
C CYS L 75 -29.49 -21.94 -36.38
N CYS L 76 -29.62 -20.76 -35.79
CA CYS L 76 -30.78 -20.43 -34.98
C CYS L 76 -32.08 -20.71 -35.74
N PRO L 77 -33.01 -21.48 -35.14
CA PRO L 77 -34.25 -21.84 -35.84
C PRO L 77 -35.06 -20.62 -36.28
N ALA L 78 -35.43 -19.78 -35.32
CA ALA L 78 -36.24 -18.60 -35.62
C ALA L 78 -35.56 -17.67 -36.60
N CYS L 79 -34.22 -17.64 -36.60
CA CYS L 79 -33.48 -16.82 -37.54
C CYS L 79 -33.73 -17.28 -38.97
N ASN L 80 -33.64 -18.60 -39.19
CA ASN L 80 -33.91 -19.15 -40.52
C ASN L 80 -35.37 -18.95 -40.91
N ALA L 81 -36.27 -18.92 -39.94
CA ALA L 81 -37.68 -18.68 -40.18
C ALA L 81 -38.05 -17.21 -40.13
N GLY L 82 -37.07 -16.32 -40.13
CA GLY L 82 -37.31 -14.88 -40.16
C GLY L 82 -38.23 -14.42 -41.27
N ALA L 88 -33.77 -5.48 -46.68
CA ALA L 88 -34.20 -4.25 -47.32
C ALA L 88 -34.09 -3.05 -46.37
N THR L 89 -32.98 -2.97 -45.64
CA THR L 89 -32.76 -1.97 -44.58
C THR L 89 -31.41 -1.28 -44.78
N SER L 90 -31.32 -0.39 -45.75
CA SER L 90 -30.12 0.40 -45.97
C SER L 90 -30.16 1.67 -45.13
N ARG L 91 -28.96 2.17 -44.76
CA ARG L 91 -28.87 3.44 -44.03
C ARG L 91 -29.53 4.55 -44.83
N GLU L 92 -29.32 4.58 -46.14
CA GLU L 92 -29.97 5.58 -46.98
C GLU L 92 -31.48 5.42 -46.96
N ALA L 93 -31.97 4.18 -47.05
CA ALA L 93 -33.42 3.95 -46.99
C ALA L 93 -33.98 4.33 -45.62
N LEU L 94 -33.21 4.10 -44.55
CA LEU L 94 -33.63 4.56 -43.23
C LEU L 94 -33.73 6.09 -43.20
N ILE L 95 -32.78 6.76 -43.84
CA ILE L 95 -32.83 8.22 -43.97
C ILE L 95 -34.05 8.65 -44.76
N LEU L 96 -34.37 7.92 -45.83
CA LEU L 96 -35.56 8.21 -46.62
C LEU L 96 -36.82 8.12 -45.77
N ALA L 97 -36.92 7.07 -44.95
CA ALA L 97 -38.06 6.94 -44.05
C ALA L 97 -38.08 8.08 -43.03
N PHE L 98 -36.91 8.46 -42.52
CA PHE L 98 -36.80 9.57 -41.58
C PHE L 98 -37.35 10.86 -42.19
N VAL L 99 -37.06 11.08 -43.47
CA VAL L 99 -37.53 12.29 -44.13
C VAL L 99 -39.02 12.20 -44.44
N GLN L 100 -39.49 11.03 -44.88
CA GLN L 100 -40.87 10.87 -45.28
C GLN L 100 -41.82 10.56 -44.13
N GLN L 101 -41.32 10.53 -42.89
CA GLN L 101 -42.19 10.34 -41.72
C GLN L 101 -43.42 11.24 -41.75
N ILE L 102 -43.31 12.42 -42.36
CA ILE L 102 -44.44 13.36 -42.38
C ILE L 102 -45.62 12.77 -43.11
N ASN L 103 -45.36 11.96 -44.15
CA ASN L 103 -46.43 11.34 -44.93
C ASN L 103 -46.80 9.97 -44.39
N THR L 104 -46.01 9.42 -43.48
CA THR L 104 -46.30 8.15 -42.83
C THR L 104 -46.43 8.35 -41.33
N ILE L 105 -46.97 9.50 -40.94
CA ILE L 105 -47.15 9.83 -39.53
C ILE L 105 -48.07 8.83 -38.85
N PHE L 106 -48.99 8.21 -39.60
CA PHE L 106 -49.84 7.19 -39.00
C PHE L 106 -48.99 5.99 -38.58
N GLU L 107 -47.98 5.67 -39.39
CA GLU L 107 -46.99 4.70 -38.97
C GLU L 107 -46.12 5.32 -37.87
N HIS L 108 -45.11 4.59 -37.42
CA HIS L 108 -44.27 5.04 -36.30
C HIS L 108 -45.14 5.53 -35.15
N ARG L 109 -46.20 4.77 -34.85
CA ARG L 109 -47.15 5.21 -33.85
C ARG L 109 -46.53 5.19 -32.45
N ALA L 110 -45.71 4.16 -32.17
CA ALA L 110 -45.07 4.05 -30.86
C ALA L 110 -44.16 5.25 -30.59
N PHE L 111 -43.35 5.64 -31.57
CA PHE L 111 -42.44 6.77 -31.43
C PHE L 111 -43.20 8.04 -31.04
N LEU L 112 -44.18 8.42 -31.85
CA LEU L 112 -44.87 9.69 -31.64
C LEU L 112 -45.72 9.65 -30.37
N ALA L 113 -46.34 8.52 -30.08
CA ALA L 113 -47.15 8.41 -28.87
C ALA L 113 -46.28 8.49 -27.62
N SER L 114 -45.12 7.84 -27.63
CA SER L 114 -44.18 7.98 -26.53
C SER L 114 -43.75 9.43 -26.35
N LEU L 115 -43.53 10.12 -27.47
CA LEU L 115 -43.18 11.54 -27.38
C LEU L 115 -44.31 12.35 -26.76
N VAL L 116 -45.55 12.04 -27.13
CA VAL L 116 -46.70 12.73 -26.55
C VAL L 116 -46.77 12.48 -25.05
N VAL L 117 -46.57 11.23 -24.62
CA VAL L 117 -46.61 10.91 -23.20
C VAL L 117 -45.51 11.64 -22.44
N LEU L 118 -44.31 11.70 -23.02
CA LEU L 118 -43.22 12.42 -22.37
C LEU L 118 -43.53 13.92 -22.30
N ALA L 119 -44.14 14.46 -23.36
CA ALA L 119 -44.56 15.85 -23.36
C ALA L 119 -45.60 16.12 -22.28
N ASP L 120 -46.46 15.14 -22.00
CA ASP L 120 -47.45 15.29 -20.95
C ASP L 120 -46.83 15.17 -19.56
N ARG L 121 -45.76 14.38 -19.43
CA ARG L 121 -45.16 14.18 -18.11
C ARG L 121 -44.52 15.46 -17.59
N HIS L 122 -43.90 16.25 -18.47
CA HIS L 122 -43.29 17.52 -18.11
C HIS L 122 -44.16 18.66 -18.63
N ASN L 123 -44.13 19.80 -17.93
CA ASN L 123 -44.93 20.94 -18.35
C ASN L 123 -44.23 21.75 -19.44
N ALA L 124 -43.67 21.05 -20.44
CA ALA L 124 -42.91 21.65 -21.53
C ALA L 124 -43.70 21.47 -22.82
N PRO L 125 -43.34 22.18 -23.89
CA PRO L 125 -44.01 21.97 -25.17
C PRO L 125 -43.52 20.71 -25.88
N LEU L 126 -44.42 20.10 -26.65
CA LEU L 126 -44.08 18.87 -27.36
C LEU L 126 -43.25 19.17 -28.60
N GLN L 127 -43.43 20.34 -29.20
CA GLN L 127 -42.69 20.67 -30.42
C GLN L 127 -41.19 20.75 -30.14
N ASP L 128 -40.81 21.32 -29.01
CA ASP L 128 -39.38 21.39 -28.67
C ASP L 128 -38.79 20.00 -28.44
N LEU L 129 -39.56 19.12 -27.78
CA LEU L 129 -39.10 17.74 -27.59
C LEU L 129 -38.95 17.04 -28.94
N LEU L 130 -39.90 17.25 -29.85
CA LEU L 130 -39.80 16.67 -31.18
C LEU L 130 -38.57 17.20 -31.92
N ALA L 131 -38.33 18.51 -31.84
CA ALA L 131 -37.17 19.08 -32.51
C ALA L 131 -35.87 18.53 -31.93
N GLY L 132 -35.82 18.33 -30.61
CA GLY L 132 -34.61 17.81 -30.00
C GLY L 132 -34.36 16.35 -30.33
N ILE L 133 -35.43 15.56 -30.38
CA ILE L 133 -35.27 14.13 -30.68
C ILE L 133 -34.98 13.93 -32.16
N LEU L 134 -35.59 14.74 -33.03
CA LEU L 134 -35.33 14.63 -34.47
C LEU L 134 -33.91 15.05 -34.82
N GLY L 135 -33.25 15.83 -33.97
CA GLY L 135 -31.85 16.16 -34.19
C GLY L 135 -30.93 14.95 -34.12
N GLN L 136 -31.40 13.86 -33.51
CA GLN L 136 -30.66 12.60 -33.43
C GLN L 136 -31.49 11.53 -34.13
N PRO L 137 -31.44 11.46 -35.46
CA PRO L 137 -32.28 10.50 -36.19
C PRO L 137 -31.95 9.04 -35.92
N GLU L 138 -30.82 8.75 -35.25
CA GLU L 138 -30.46 7.38 -34.96
C GLU L 138 -31.55 6.67 -34.15
N LEU L 139 -32.25 7.41 -33.30
CA LEU L 139 -33.37 6.84 -32.56
C LEU L 139 -34.48 6.40 -33.51
N PHE L 140 -34.78 7.24 -34.49
CA PHE L 140 -35.76 6.88 -35.52
C PHE L 140 -35.29 5.67 -36.31
N PHE L 141 -33.98 5.59 -36.58
CA PHE L 141 -33.45 4.42 -37.26
C PHE L 141 -33.71 3.16 -36.46
N VAL L 142 -33.46 3.21 -35.15
CA VAL L 142 -33.71 2.04 -34.30
C VAL L 142 -35.19 1.67 -34.34
N HIS L 143 -36.08 2.67 -34.23
CA HIS L 143 -37.51 2.41 -34.33
C HIS L 143 -37.87 1.72 -35.64
N THR L 144 -37.36 2.24 -36.75
CA THR L 144 -37.68 1.66 -38.06
C THR L 144 -37.18 0.23 -38.17
N ILE L 145 -35.93 -0.01 -37.74
CA ILE L 145 -35.36 -1.36 -37.83
C ILE L 145 -36.20 -2.35 -37.03
N LEU L 146 -36.54 -2.01 -35.78
CA LEU L 146 -37.20 -2.99 -34.91
C LEU L 146 -38.67 -3.21 -35.26
N ARG L 147 -39.40 -2.16 -35.65
CA ARG L 147 -40.82 -2.29 -35.96
C ARG L 147 -41.06 -3.38 -37.00
N GLY L 148 -42.21 -4.05 -36.91
CA GLY L 148 -42.59 -5.07 -37.86
C GLY L 148 -43.98 -4.95 -38.45
N GLY L 149 -44.88 -5.86 -38.08
CA GLY L 149 -46.24 -5.81 -38.56
C GLY L 149 -47.30 -5.83 -37.48
N GLY L 150 -46.98 -5.32 -36.29
CA GLY L 150 -47.89 -5.31 -35.17
C GLY L 150 -47.70 -6.44 -34.19
N ALA L 151 -46.89 -7.44 -34.54
CA ALA L 151 -46.60 -8.56 -33.67
C ALA L 151 -45.35 -8.29 -32.83
N CYS L 152 -44.27 -7.88 -33.47
CA CYS L 152 -43.00 -7.68 -32.77
C CYS L 152 -42.68 -6.21 -32.45
N ASP L 153 -43.44 -5.26 -32.99
CA ASP L 153 -43.24 -3.82 -32.87
C ASP L 153 -43.03 -3.40 -31.42
N PRO L 154 -41.77 -3.22 -31.01
CA PRO L 154 -41.46 -2.90 -29.60
C PRO L 154 -41.84 -1.49 -29.17
N ARG L 155 -42.06 -1.36 -27.86
CA ARG L 155 -42.37 -0.07 -27.27
C ARG L 155 -41.07 0.71 -27.07
N LEU L 156 -41.20 2.03 -26.86
CA LEU L 156 -40.04 2.92 -26.79
C LEU L 156 -40.22 4.01 -25.74
N LEU L 157 -39.29 4.12 -24.81
CA LEU L 157 -39.27 5.20 -23.83
C LEU L 157 -38.07 6.12 -24.09
N PHE L 158 -38.21 7.38 -23.69
CA PHE L 158 -37.17 8.39 -23.89
C PHE L 158 -36.86 9.06 -22.55
N TYR L 159 -35.58 9.06 -22.17
CA TYR L 159 -35.16 9.67 -20.92
C TYR L 159 -33.95 10.56 -21.15
N PRO L 160 -33.85 11.70 -20.48
CA PRO L 160 -32.67 12.56 -20.66
C PRO L 160 -31.38 11.84 -20.32
N ASP L 161 -30.34 12.13 -21.09
CA ASP L 161 -29.04 11.53 -20.85
C ASP L 161 -28.15 12.60 -20.26
N PRO L 162 -27.61 12.45 -19.04
CA PRO L 162 -26.74 13.49 -18.50
C PRO L 162 -25.39 13.54 -19.20
N THR L 163 -24.82 12.38 -19.51
CA THR L 163 -23.57 12.35 -20.24
C THR L 163 -23.84 12.80 -21.67
N TYR L 164 -22.87 13.49 -22.27
CA TYR L 164 -23.01 14.00 -23.65
C TYR L 164 -24.20 14.95 -23.60
N GLY L 165 -25.15 14.87 -24.52
CA GLY L 165 -26.34 15.71 -24.45
C GLY L 165 -27.39 15.33 -25.46
N GLY L 166 -28.61 15.10 -24.97
CA GLY L 166 -29.76 14.88 -25.82
C GLY L 166 -30.85 14.13 -25.10
N HIS L 167 -31.12 12.92 -25.58
CA HIS L 167 -32.11 12.03 -25.00
C HIS L 167 -31.71 10.60 -25.34
N MET L 168 -31.54 9.76 -24.33
CA MET L 168 -31.27 8.35 -24.56
C MET L 168 -32.59 7.60 -24.61
N LEU L 169 -32.58 6.41 -25.22
CA LEU L 169 -33.82 5.69 -25.43
C LEU L 169 -33.75 4.31 -24.77
N TYR L 170 -34.92 3.81 -24.38
CA TYR L 170 -35.08 2.49 -23.82
C TYR L 170 -36.05 1.72 -24.71
N VAL L 171 -35.54 0.76 -25.47
CA VAL L 171 -36.38 -0.12 -26.28
C VAL L 171 -36.98 -1.17 -25.34
N ILE L 172 -38.30 -1.12 -25.18
CA ILE L 172 -39.01 -2.05 -24.32
C ILE L 172 -39.51 -3.19 -25.17
N PHE L 173 -39.02 -4.40 -24.87
CA PHE L 173 -39.47 -5.61 -25.54
C PHE L 173 -40.63 -6.21 -24.76
N PRO L 174 -41.80 -6.34 -25.37
CA PRO L 174 -42.93 -6.93 -24.64
C PRO L 174 -42.79 -8.43 -24.50
N GLY L 175 -43.29 -8.95 -23.38
CA GLY L 175 -43.29 -10.37 -23.13
C GLY L 175 -42.16 -10.82 -22.23
N THR L 176 -42.04 -12.14 -22.12
CA THR L 176 -41.01 -12.77 -21.30
C THR L 176 -39.85 -13.31 -22.13
N SER L 177 -39.81 -12.99 -23.42
CA SER L 177 -38.75 -13.49 -24.28
C SER L 177 -38.50 -12.47 -25.39
N ALA L 178 -37.29 -12.51 -25.94
CA ALA L 178 -36.90 -11.58 -26.99
C ALA L 178 -35.81 -12.23 -27.84
N HIS L 179 -36.10 -12.39 -29.13
CA HIS L 179 -35.16 -12.92 -30.10
C HIS L 179 -34.81 -11.82 -31.09
N LEU L 180 -33.58 -11.34 -31.03
CA LEU L 180 -33.08 -10.32 -31.94
C LEU L 180 -32.27 -10.98 -33.04
N HIS L 181 -32.75 -10.84 -34.28
CA HIS L 181 -32.12 -11.41 -35.46
C HIS L 181 -30.73 -10.85 -35.69
N TYR L 182 -29.86 -11.67 -36.29
CA TYR L 182 -28.47 -11.25 -36.51
C TYR L 182 -28.40 -10.12 -37.53
N LEU L 183 -29.20 -10.20 -38.60
CA LEU L 183 -29.24 -9.11 -39.57
C LEU L 183 -29.74 -7.82 -38.92
N LEU L 184 -30.77 -7.93 -38.07
CA LEU L 184 -31.32 -6.76 -37.41
C LEU L 184 -30.26 -6.09 -36.54
N ILE L 185 -29.55 -6.88 -35.72
CA ILE L 185 -28.54 -6.31 -34.84
C ILE L 185 -27.38 -5.73 -35.63
N ASP L 186 -26.92 -6.44 -36.67
CA ASP L 186 -25.80 -5.94 -37.46
C ASP L 186 -26.15 -4.62 -38.13
N ARG L 187 -27.34 -4.53 -38.75
CA ARG L 187 -27.73 -3.29 -39.40
C ARG L 187 -28.01 -2.19 -38.40
N MET L 188 -28.49 -2.53 -37.21
CA MET L 188 -28.68 -1.53 -36.16
C MET L 188 -27.34 -0.93 -35.74
N LEU L 189 -26.33 -1.78 -35.55
CA LEU L 189 -25.02 -1.27 -35.14
C LEU L 189 -24.34 -0.52 -36.27
N THR L 190 -24.61 -0.89 -37.53
CA THR L 190 -23.95 -0.23 -38.64
C THR L 190 -24.60 1.11 -38.99
N ALA L 191 -25.93 1.20 -38.93
CA ALA L 191 -26.60 2.42 -39.34
C ALA L 191 -26.32 3.57 -38.37
N CYS L 192 -26.28 3.27 -37.07
CA CYS L 192 -25.98 4.26 -36.04
C CYS L 192 -24.72 3.81 -35.30
N PRO L 193 -23.54 4.19 -35.80
CA PRO L 193 -22.29 3.68 -35.20
C PRO L 193 -21.95 4.32 -33.86
N GLY L 194 -22.28 5.61 -33.72
CA GLY L 194 -21.95 6.36 -32.52
C GLY L 194 -22.82 6.13 -31.32
N TYR L 195 -23.73 5.16 -31.38
CA TYR L 195 -24.61 4.88 -30.24
C TYR L 195 -24.29 3.50 -29.69
N ARG L 196 -24.32 3.38 -28.37
CA ARG L 196 -24.03 2.16 -27.65
C ARG L 196 -25.34 1.50 -27.21
N PHE L 197 -25.41 0.19 -27.41
CA PHE L 197 -26.57 -0.64 -27.12
C PHE L 197 -26.23 -1.63 -26.01
N VAL L 198 -27.03 -1.65 -24.95
CA VAL L 198 -26.79 -2.54 -23.82
C VAL L 198 -28.11 -3.22 -23.45
N ALA L 199 -28.12 -4.55 -23.44
CA ALA L 199 -29.29 -5.31 -23.05
C ALA L 199 -29.31 -5.50 -21.54
N HIS L 200 -30.51 -5.46 -20.96
CA HIS L 200 -30.66 -5.62 -19.52
C HIS L 200 -32.08 -6.07 -19.21
N VAL L 201 -32.36 -6.28 -17.92
CA VAL L 201 -33.67 -6.69 -17.44
C VAL L 201 -34.08 -5.76 -16.30
N TRP L 202 -35.36 -5.39 -16.26
CA TRP L 202 -35.86 -4.53 -15.20
C TRP L 202 -37.31 -4.87 -14.92
N GLN L 203 -37.61 -5.20 -13.67
CA GLN L 203 -38.97 -5.53 -13.24
C GLN L 203 -39.61 -6.57 -14.15
N SER L 204 -38.87 -7.65 -14.39
CA SER L 204 -39.31 -8.76 -15.24
C SER L 204 -39.66 -8.30 -16.66
N THR L 205 -38.95 -7.29 -17.16
CA THR L 205 -39.13 -6.79 -18.53
C THR L 205 -37.77 -6.64 -19.19
N PHE L 206 -37.61 -7.25 -20.36
CA PHE L 206 -36.36 -7.14 -21.11
C PHE L 206 -36.27 -5.76 -21.74
N VAL L 207 -35.07 -5.17 -21.72
CA VAL L 207 -34.89 -3.78 -22.15
C VAL L 207 -33.59 -3.68 -22.93
N LEU L 208 -33.56 -2.74 -23.90
CA LEU L 208 -32.37 -2.43 -24.67
C LEU L 208 -32.10 -0.93 -24.53
N VAL L 209 -31.02 -0.58 -23.84
CA VAL L 209 -30.68 0.83 -23.58
C VAL L 209 -29.79 1.31 -24.71
N VAL L 210 -30.18 2.42 -25.33
CA VAL L 210 -29.41 3.05 -26.41
C VAL L 210 -28.99 4.43 -25.95
N ARG L 211 -27.67 4.64 -25.85
CA ARG L 211 -27.09 5.90 -25.40
C ARG L 211 -26.05 6.36 -26.42
N ARG L 212 -25.56 7.59 -26.27
CA ARG L 212 -24.50 8.08 -27.12
C ARG L 212 -23.14 7.65 -26.60
N ASN L 213 -22.24 7.29 -27.51
CA ASN L 213 -20.89 6.88 -27.17
C ASN L 213 -19.93 7.34 -28.26
N ALA L 214 -18.70 7.64 -27.86
CA ALA L 214 -17.64 8.01 -28.78
C ALA L 214 -18.10 9.15 -29.71
N GLU L 215 -18.46 10.26 -29.06
CA GLU L 215 -18.93 11.49 -29.71
C GLU L 215 -19.72 11.25 -31.00
N LYS L 216 -19.52 12.10 -32.01
CA LYS L 216 -20.27 11.98 -33.25
C LYS L 216 -19.41 11.39 -34.36
N PRO L 217 -19.60 10.13 -34.76
CA PRO L 217 -18.85 9.59 -35.89
C PRO L 217 -19.41 10.02 -37.24
N THR L 218 -20.74 9.98 -37.40
CA THR L 218 -21.38 10.38 -38.64
C THR L 218 -21.43 11.90 -38.81
N ASP L 219 -20.92 12.67 -37.84
CA ASP L 219 -20.84 14.13 -37.92
C ASP L 219 -22.21 14.76 -38.20
N ALA L 220 -23.27 14.06 -37.80
CA ALA L 220 -24.66 14.50 -37.99
C ALA L 220 -24.97 14.82 -39.45
N GLU L 221 -24.33 14.12 -40.39
CA GLU L 221 -24.55 14.34 -41.82
C GLU L 221 -25.83 13.61 -42.25
N ILE L 222 -26.95 14.16 -41.78
CA ILE L 222 -28.29 13.61 -41.94
C ILE L 222 -29.23 14.76 -42.34
N PRO L 223 -30.15 14.55 -43.29
CA PRO L 223 -31.01 15.65 -43.73
C PRO L 223 -31.93 16.17 -42.64
N THR L 224 -32.46 17.36 -42.89
CA THR L 224 -33.32 18.07 -41.96
C THR L 224 -34.81 17.79 -42.23
N VAL L 225 -35.54 17.50 -41.17
CA VAL L 225 -36.99 17.26 -41.25
C VAL L 225 -37.71 18.32 -40.43
N SER L 226 -38.80 18.85 -40.99
CA SER L 226 -39.58 19.87 -40.30
C SER L 226 -40.38 19.26 -39.16
N ALA L 227 -40.22 19.82 -37.96
CA ALA L 227 -40.95 19.33 -36.80
C ALA L 227 -42.37 19.88 -36.73
N ALA L 228 -42.62 21.05 -37.32
CA ALA L 228 -43.94 21.66 -37.26
C ALA L 228 -44.98 20.83 -37.99
N ASP L 229 -44.63 20.29 -39.15
CA ASP L 229 -45.56 19.46 -39.91
C ASP L 229 -45.92 18.20 -39.14
N ILE L 230 -44.92 17.56 -38.52
CA ILE L 230 -45.19 16.36 -37.74
C ILE L 230 -46.07 16.69 -36.53
N TYR L 231 -45.79 17.82 -35.87
CA TYR L 231 -46.59 18.21 -34.71
C TYR L 231 -48.05 18.45 -35.09
N CYS L 232 -48.30 19.22 -36.16
CA CYS L 232 -49.69 19.50 -36.53
C CYS L 232 -50.39 18.24 -37.03
N LYS L 233 -49.72 17.45 -37.87
CA LYS L 233 -50.32 16.20 -38.35
C LYS L 233 -50.62 15.26 -37.20
N MET L 234 -49.83 15.30 -36.12
CA MET L 234 -50.18 14.56 -34.92
C MET L 234 -51.41 15.16 -34.25
N ARG L 235 -51.50 16.49 -34.24
CA ARG L 235 -52.70 17.13 -33.69
C ARG L 235 -53.95 16.72 -34.47
N ASP L 236 -53.79 16.32 -35.73
CA ASP L 236 -54.92 15.88 -36.53
C ASP L 236 -55.26 14.41 -36.35
N ILE L 237 -54.29 13.59 -35.94
CA ILE L 237 -54.50 12.16 -35.71
C ILE L 237 -54.79 11.93 -34.23
N SER L 238 -55.85 11.19 -33.94
CA SER L 238 -56.17 10.81 -32.57
C SER L 238 -55.51 9.47 -32.26
N PHE L 239 -54.71 9.43 -31.21
CA PHE L 239 -53.98 8.23 -30.83
C PHE L 239 -54.83 7.33 -29.92
N ASP L 240 -54.46 6.06 -29.88
CA ASP L 240 -55.18 5.09 -29.06
C ASP L 240 -54.87 5.35 -27.59
N GLY L 241 -55.93 5.40 -26.76
CA GLY L 241 -55.75 5.61 -25.34
C GLY L 241 -54.95 4.50 -24.67
N GLY L 242 -55.07 3.28 -25.19
CA GLY L 242 -54.30 2.18 -24.64
C GLY L 242 -52.81 2.39 -24.74
N LEU L 243 -52.34 2.88 -25.90
CA LEU L 243 -50.92 3.17 -26.07
C LEU L 243 -50.45 4.25 -25.10
N MET L 244 -51.25 5.31 -24.92
CA MET L 244 -50.88 6.36 -23.99
C MET L 244 -50.82 5.86 -22.56
N LEU L 245 -51.79 5.04 -22.15
CA LEU L 245 -51.77 4.50 -20.81
C LEU L 245 -50.58 3.56 -20.60
N GLU L 246 -50.29 2.72 -21.59
CA GLU L 246 -49.14 1.82 -21.50
C GLU L 246 -47.84 2.60 -21.40
N TYR L 247 -47.71 3.68 -22.18
CA TYR L 247 -46.48 4.47 -22.11
C TYR L 247 -46.37 5.22 -20.79
N GLN L 248 -47.49 5.69 -20.25
CA GLN L 248 -47.47 6.31 -18.93
C GLN L 248 -47.00 5.30 -17.88
N ARG L 249 -47.52 4.08 -17.94
CA ARG L 249 -47.10 3.04 -17.00
C ARG L 249 -45.63 2.71 -17.15
N LEU L 250 -45.15 2.59 -18.40
CA LEU L 250 -43.75 2.28 -18.62
C LEU L 250 -42.83 3.38 -18.13
N TYR L 251 -43.21 4.64 -18.37
CA TYR L 251 -42.43 5.77 -17.87
C TYR L 251 -42.40 5.78 -16.35
N ALA L 252 -43.56 5.54 -15.71
CA ALA L 252 -43.60 5.51 -14.25
C ALA L 252 -42.74 4.38 -13.71
N THR L 253 -42.69 3.25 -14.41
CA THR L 253 -41.91 2.12 -13.93
C THR L 253 -40.41 2.35 -14.13
N PHE L 254 -40.03 2.98 -15.23
CA PHE L 254 -38.61 3.17 -15.54
C PHE L 254 -38.07 4.50 -15.06
N ASP L 255 -38.88 5.33 -14.40
CA ASP L 255 -38.35 6.56 -13.82
C ASP L 255 -37.27 6.30 -12.80
N GLU L 256 -37.23 5.11 -12.21
CA GLU L 256 -36.21 4.77 -11.21
C GLU L 256 -35.29 3.68 -11.74
N PHE L 257 -34.74 3.87 -12.92
CA PHE L 257 -33.90 2.86 -13.58
C PHE L 257 -32.48 3.39 -13.76
N PRO L 258 -31.48 2.82 -13.09
CA PRO L 258 -30.10 3.22 -13.34
C PRO L 258 -29.66 2.79 -14.72
N PRO L 259 -29.35 3.74 -15.61
CA PRO L 259 -28.97 3.39 -16.98
C PRO L 259 -27.65 2.65 -17.00
N PRO L 260 -27.60 1.45 -17.61
CA PRO L 260 -26.35 0.70 -17.71
C PRO L 260 -25.49 1.18 -18.89
ZN ZN M . 11.67 1.34 -47.76
ZN ZN N . -9.99 -5.71 47.61
ZN ZN O . 33.28 12.37 33.92
ZN ZN P . -42.84 -19.34 13.77
ZN ZN Q . 43.74 16.29 -14.19
ZN ZN R . -31.75 -16.42 -33.64
#